data_6D08
# 
_entry.id   6D08 
# 
_audit_conform.dict_name       mmcif_pdbx.dic 
_audit_conform.dict_version    5.381 
_audit_conform.dict_location   http://mmcif.pdb.org/dictionaries/ascii/mmcif_pdbx.dic 
# 
loop_
_database_2.database_id 
_database_2.database_code 
_database_2.pdbx_database_accession 
_database_2.pdbx_DOI 
PDB   6D08         pdb_00006d08 10.2210/pdb6d08/pdb 
WWPDB D_1000233819 ?            ?                   
# 
_pdbx_database_status.status_code                     REL 
_pdbx_database_status.status_code_sf                  REL 
_pdbx_database_status.status_code_mr                  ? 
_pdbx_database_status.entry_id                        6D08 
_pdbx_database_status.recvd_initial_deposition_date   2018-04-10 
_pdbx_database_status.SG_entry                        N 
_pdbx_database_status.deposit_site                    RCSB 
_pdbx_database_status.process_site                    RCSB 
_pdbx_database_status.status_code_cs                  ? 
_pdbx_database_status.methods_development_category    ? 
_pdbx_database_status.pdb_format_compatible           Y 
_pdbx_database_status.status_code_nmr_data            ? 
# 
loop_
_audit_author.name 
_audit_author.pdbx_ordinal 
_audit_author.identifier_ORCID 
'Arora, S.'   1 ? 
'Horne, W.S.' 2 ? 
'Islam, K.'   3 ? 
# 
_citation.abstract                  ? 
_citation.abstract_id_CAS           ? 
_citation.book_id_ISBN              ? 
_citation.book_publisher            ? 
_citation.book_publisher_city       ? 
_citation.book_title                ? 
_citation.coordinate_linkage        ? 
_citation.country                   US 
_citation.database_id_Medline       ? 
_citation.details                   ? 
_citation.id                        primary 
_citation.journal_abbrev            J.Am.Chem.Soc. 
_citation.journal_id_ASTM           JACSAT 
_citation.journal_id_CSD            ? 
_citation.journal_id_ISSN           1520-5126 
_citation.journal_full              ? 
_citation.journal_issue             ? 
_citation.journal_volume            141 
_citation.language                  ? 
_citation.page_first                15466 
_citation.page_last                 15470 
_citation.title                     
'Engineering Methyllysine Writers and Readers for Allele-Specific Regulation of Protein-Protein Interactions.' 
_citation.year                      2019 
_citation.database_id_CSD           ? 
_citation.pdbx_database_id_DOI      10.1021/jacs.9b05725 
_citation.pdbx_database_id_PubMed   31518125 
_citation.unpublished_flag          ? 
# 
loop_
_citation_author.citation_id 
_citation_author.name 
_citation_author.ordinal 
_citation_author.identifier_ORCID 
primary 'Arora, S.'   1 ?                   
primary 'Horne, W.S.' 2 0000-0003-2927-1739 
primary 'Islam, K.'   3 0000-0002-8680-6130 
# 
_cell.angle_alpha                  76.79 
_cell.angle_alpha_esd              ? 
_cell.angle_beta                   89.89 
_cell.angle_beta_esd               ? 
_cell.angle_gamma                  65.10 
_cell.angle_gamma_esd              ? 
_cell.entry_id                     6D08 
_cell.details                      ? 
_cell.formula_units_Z              ? 
_cell.length_a                     33.191 
_cell.length_a_esd                 ? 
_cell.length_b                     34.052 
_cell.length_b_esd                 ? 
_cell.length_c                     35.267 
_cell.length_c_esd                 ? 
_cell.volume                       ? 
_cell.volume_esd                   ? 
_cell.Z_PDB                        2 
_cell.reciprocal_angle_alpha       ? 
_cell.reciprocal_angle_beta        ? 
_cell.reciprocal_angle_gamma       ? 
_cell.reciprocal_angle_alpha_esd   ? 
_cell.reciprocal_angle_beta_esd    ? 
_cell.reciprocal_angle_gamma_esd   ? 
_cell.reciprocal_length_a          ? 
_cell.reciprocal_length_b          ? 
_cell.reciprocal_length_c          ? 
_cell.reciprocal_length_a_esd      ? 
_cell.reciprocal_length_b_esd      ? 
_cell.reciprocal_length_c_esd      ? 
_cell.pdbx_unique_axis             ? 
# 
_symmetry.entry_id                         6D08 
_symmetry.cell_setting                     ? 
_symmetry.Int_Tables_number                1 
_symmetry.space_group_name_Hall            ? 
_symmetry.space_group_name_H-M             'P 1' 
_symmetry.pdbx_full_space_group_name_H-M   ? 
# 
loop_
_entity.id 
_entity.type 
_entity.src_method 
_entity.pdbx_description 
_entity.formula_weight 
_entity.pdbx_number_of_molecules 
_entity.pdbx_ec 
_entity.pdbx_mutation 
_entity.pdbx_fragment 
_entity.details 
1 polymer     man 'Chromobox protein homolog 1' 6390.145 2  ? 'Y3F, F27G' 'UNP residues 20-73'                 ? 
2 polymer     syn 'Histone H3.1'                1652.920 2  ? ?           'H3K9bn peptide (UNP residues 2-16)' ? 
3 non-polymer syn GLYCEROL                      92.094   4  ? ?           ?                                    ? 
4 non-polymer syn 'SULFATE ION'                 96.063   2  ? ?           ?                                    ? 
5 water       nat water                         18.015   38 ? ?           ?                                    ? 
# 
loop_
_entity_name_com.entity_id 
_entity_name_com.name 
1 'HP1Hsbeta, Heterochromatin protein 1 homolog beta, HP1 beta, Heterochromatin protein p25, M31, Modifier 1 protein, p25beta' 
2 
;Histone H3/a, Histone H3/b, Histone H3/c, Histone H3/d, Histone H3/f, Histone H3/h, Histone H3/i, Histone H3/j, Histone H3/k, Histone H3/l
;
# 
loop_
_entity_poly.entity_id 
_entity_poly.type 
_entity_poly.nstd_linkage 
_entity_poly.nstd_monomer 
_entity_poly.pdbx_seq_one_letter_code 
_entity_poly.pdbx_seq_one_letter_code_can 
_entity_poly.pdbx_strand_id 
_entity_poly.pdbx_target_identifier 
1 'polypeptide(L)' no no  GEFVVEKVLDRRVVKGKVEYLLKWKGGSDEDNTWEPEENLDCPDLIAEFLQSQKT 
GEFVVEKVLDRRVVKGKVEYLLKWKGGSDEDNTWEPEENLDCPDLIAEFLQSQKT A,B ? 
2 'polypeptide(L)' no yes 'ARTKQTAR(FQA)STGGKA(NH2)'                              ARTKQTARXSTGGKAX C,D ? 
# 
loop_
_entity_poly_seq.entity_id 
_entity_poly_seq.num 
_entity_poly_seq.mon_id 
_entity_poly_seq.hetero 
1 1  GLY n 
1 2  GLU n 
1 3  PHE n 
1 4  VAL n 
1 5  VAL n 
1 6  GLU n 
1 7  LYS n 
1 8  VAL n 
1 9  LEU n 
1 10 ASP n 
1 11 ARG n 
1 12 ARG n 
1 13 VAL n 
1 14 VAL n 
1 15 LYS n 
1 16 GLY n 
1 17 LYS n 
1 18 VAL n 
1 19 GLU n 
1 20 TYR n 
1 21 LEU n 
1 22 LEU n 
1 23 LYS n 
1 24 TRP n 
1 25 LYS n 
1 26 GLY n 
1 27 GLY n 
1 28 SER n 
1 29 ASP n 
1 30 GLU n 
1 31 ASP n 
1 32 ASN n 
1 33 THR n 
1 34 TRP n 
1 35 GLU n 
1 36 PRO n 
1 37 GLU n 
1 38 GLU n 
1 39 ASN n 
1 40 LEU n 
1 41 ASP n 
1 42 CYS n 
1 43 PRO n 
1 44 ASP n 
1 45 LEU n 
1 46 ILE n 
1 47 ALA n 
1 48 GLU n 
1 49 PHE n 
1 50 LEU n 
1 51 GLN n 
1 52 SER n 
1 53 GLN n 
1 54 LYS n 
1 55 THR n 
2 1  ALA n 
2 2  ARG n 
2 3  THR n 
2 4  LYS n 
2 5  GLN n 
2 6  THR n 
2 7  ALA n 
2 8  ARG n 
2 9  FQA n 
2 10 SER n 
2 11 THR n 
2 12 GLY n 
2 13 GLY n 
2 14 LYS n 
2 15 ALA n 
2 16 NH2 n 
# 
_entity_src_gen.entity_id                          1 
_entity_src_gen.pdbx_src_id                        1 
_entity_src_gen.pdbx_alt_source_flag               sample 
_entity_src_gen.pdbx_seq_type                      'Biological sequence' 
_entity_src_gen.pdbx_beg_seq_num                   1 
_entity_src_gen.pdbx_end_seq_num                   55 
_entity_src_gen.gene_src_common_name               Human 
_entity_src_gen.gene_src_genus                     ? 
_entity_src_gen.pdbx_gene_src_gene                 'CBX1, CBX' 
_entity_src_gen.gene_src_species                   ? 
_entity_src_gen.gene_src_strain                    ? 
_entity_src_gen.gene_src_tissue                    ? 
_entity_src_gen.gene_src_tissue_fraction           ? 
_entity_src_gen.gene_src_details                   ? 
_entity_src_gen.pdbx_gene_src_fragment             ? 
_entity_src_gen.pdbx_gene_src_scientific_name      'Homo sapiens' 
_entity_src_gen.pdbx_gene_src_ncbi_taxonomy_id     9606 
_entity_src_gen.pdbx_gene_src_variant              ? 
_entity_src_gen.pdbx_gene_src_cell_line            ? 
_entity_src_gen.pdbx_gene_src_atcc                 ? 
_entity_src_gen.pdbx_gene_src_organ                ? 
_entity_src_gen.pdbx_gene_src_organelle            ? 
_entity_src_gen.pdbx_gene_src_cell                 ? 
_entity_src_gen.pdbx_gene_src_cellular_location    ? 
_entity_src_gen.host_org_common_name               ? 
_entity_src_gen.pdbx_host_org_scientific_name      'Escherichia coli' 
_entity_src_gen.pdbx_host_org_ncbi_taxonomy_id     562 
_entity_src_gen.host_org_genus                     ? 
_entity_src_gen.pdbx_host_org_gene                 ? 
_entity_src_gen.pdbx_host_org_organ                ? 
_entity_src_gen.host_org_species                   ? 
_entity_src_gen.pdbx_host_org_tissue               ? 
_entity_src_gen.pdbx_host_org_tissue_fraction      ? 
_entity_src_gen.pdbx_host_org_strain               ? 
_entity_src_gen.pdbx_host_org_variant              ? 
_entity_src_gen.pdbx_host_org_cell_line            ? 
_entity_src_gen.pdbx_host_org_atcc                 ? 
_entity_src_gen.pdbx_host_org_culture_collection   ? 
_entity_src_gen.pdbx_host_org_cell                 ? 
_entity_src_gen.pdbx_host_org_organelle            ? 
_entity_src_gen.pdbx_host_org_cellular_location    ? 
_entity_src_gen.pdbx_host_org_vector_type          ? 
_entity_src_gen.pdbx_host_org_vector               ? 
_entity_src_gen.host_org_details                   ? 
_entity_src_gen.expression_system_id               ? 
_entity_src_gen.plasmid_name                       ? 
_entity_src_gen.plasmid_details                    ? 
_entity_src_gen.pdbx_description                   ? 
# 
_pdbx_entity_src_syn.entity_id              2 
_pdbx_entity_src_syn.pdbx_src_id            1 
_pdbx_entity_src_syn.pdbx_alt_source_flag   sample 
_pdbx_entity_src_syn.pdbx_beg_seq_num       1 
_pdbx_entity_src_syn.pdbx_end_seq_num       16 
_pdbx_entity_src_syn.organism_scientific    'Homo sapiens' 
_pdbx_entity_src_syn.organism_common_name   Human 
_pdbx_entity_src_syn.ncbi_taxonomy_id       9606 
_pdbx_entity_src_syn.details                ? 
# 
loop_
_struct_ref.id 
_struct_ref.db_name 
_struct_ref.db_code 
_struct_ref.pdbx_db_accession 
_struct_ref.pdbx_db_isoform 
_struct_ref.entity_id 
_struct_ref.pdbx_seq_one_letter_code 
_struct_ref.pdbx_align_begin 
1 UNP CBX1_HUMAN P83916 ? 1 EYVVEKVLDRRVVKGKVEYLLKWKGFSDEDNTWEPEENLDCPDLIAEFLQSQKT 20 
2 UNP H31_HUMAN  P68431 ? 2 ARTKQTARKSTGGKA                                        2  
# 
loop_
_struct_ref_seq.align_id 
_struct_ref_seq.ref_id 
_struct_ref_seq.pdbx_PDB_id_code 
_struct_ref_seq.pdbx_strand_id 
_struct_ref_seq.seq_align_beg 
_struct_ref_seq.pdbx_seq_align_beg_ins_code 
_struct_ref_seq.seq_align_end 
_struct_ref_seq.pdbx_seq_align_end_ins_code 
_struct_ref_seq.pdbx_db_accession 
_struct_ref_seq.db_align_beg 
_struct_ref_seq.pdbx_db_align_beg_ins_code 
_struct_ref_seq.db_align_end 
_struct_ref_seq.pdbx_db_align_end_ins_code 
_struct_ref_seq.pdbx_auth_seq_align_beg 
_struct_ref_seq.pdbx_auth_seq_align_end 
1 1 6D08 A 2 ? 55 ? P83916 20 ? 73 ? 2 55 
2 2 6D08 C 1 ? 15 ? P68431 2  ? 16 ? 1 15 
3 1 6D08 B 2 ? 55 ? P83916 20 ? 73 ? 2 55 
4 2 6D08 D 1 ? 15 ? P68431 2  ? 16 ? 1 15 
# 
loop_
_struct_ref_seq_dif.align_id 
_struct_ref_seq_dif.pdbx_pdb_id_code 
_struct_ref_seq_dif.mon_id 
_struct_ref_seq_dif.pdbx_pdb_strand_id 
_struct_ref_seq_dif.seq_num 
_struct_ref_seq_dif.pdbx_pdb_ins_code 
_struct_ref_seq_dif.pdbx_seq_db_name 
_struct_ref_seq_dif.pdbx_seq_db_accession_code 
_struct_ref_seq_dif.db_mon_id 
_struct_ref_seq_dif.pdbx_seq_db_seq_num 
_struct_ref_seq_dif.details 
_struct_ref_seq_dif.pdbx_auth_seq_num 
_struct_ref_seq_dif.pdbx_ordinal 
1 6D08 GLY A 1  ? UNP P83916 ?   ?  'expression tag'      1  1 
1 6D08 PHE A 3  ? UNP P83916 TYR 21 'engineered mutation' 3  2 
1 6D08 GLY A 27 ? UNP P83916 PHE 45 'engineered mutation' 27 3 
2 6D08 NH2 C 16 ? UNP P68431 ?   ?  amidation             16 4 
3 6D08 GLY B 1  ? UNP P83916 ?   ?  'expression tag'      1  5 
3 6D08 PHE B 3  ? UNP P83916 TYR 21 'engineered mutation' 3  6 
3 6D08 GLY B 27 ? UNP P83916 PHE 45 'engineered mutation' 27 7 
4 6D08 NH2 D 16 ? UNP P68431 ?   ?  amidation             16 8 
# 
loop_
_chem_comp.id 
_chem_comp.type 
_chem_comp.mon_nstd_flag 
_chem_comp.name 
_chem_comp.pdbx_synonyms 
_chem_comp.formula 
_chem_comp.formula_weight 
ALA 'L-peptide linking' y ALANINE              ?                               'C3 H7 N O2'     89.093  
ARG 'L-peptide linking' y ARGININE             ?                               'C6 H15 N4 O2 1' 175.209 
ASN 'L-peptide linking' y ASPARAGINE           ?                               'C4 H8 N2 O3'    132.118 
ASP 'L-peptide linking' y 'ASPARTIC ACID'      ?                               'C4 H7 N O4'     133.103 
CYS 'L-peptide linking' y CYSTEINE             ?                               'C3 H7 N O2 S'   121.158 
FQA 'L-peptide linking' n N~6~-benzyl-L-lysine ?                               'C13 H20 N2 O2'  236.310 
GLN 'L-peptide linking' y GLUTAMINE            ?                               'C5 H10 N2 O3'   146.144 
GLU 'L-peptide linking' y 'GLUTAMIC ACID'      ?                               'C5 H9 N O4'     147.129 
GLY 'peptide linking'   y GLYCINE              ?                               'C2 H5 N O2'     75.067  
GOL non-polymer         . GLYCEROL             'GLYCERIN; PROPANE-1,2,3-TRIOL' 'C3 H8 O3'       92.094  
HOH non-polymer         . WATER                ?                               'H2 O'           18.015  
ILE 'L-peptide linking' y ISOLEUCINE           ?                               'C6 H13 N O2'    131.173 
LEU 'L-peptide linking' y LEUCINE              ?                               'C6 H13 N O2'    131.173 
LYS 'L-peptide linking' y LYSINE               ?                               'C6 H15 N2 O2 1' 147.195 
NH2 non-polymer         . 'AMINO GROUP'        ?                               'H2 N'           16.023  
PHE 'L-peptide linking' y PHENYLALANINE        ?                               'C9 H11 N O2'    165.189 
PRO 'L-peptide linking' y PROLINE              ?                               'C5 H9 N O2'     115.130 
SER 'L-peptide linking' y SERINE               ?                               'C3 H7 N O3'     105.093 
SO4 non-polymer         . 'SULFATE ION'        ?                               'O4 S -2'        96.063  
THR 'L-peptide linking' y THREONINE            ?                               'C4 H9 N O3'     119.119 
TRP 'L-peptide linking' y TRYPTOPHAN           ?                               'C11 H12 N2 O2'  204.225 
TYR 'L-peptide linking' y TYROSINE             ?                               'C9 H11 N O3'    181.189 
VAL 'L-peptide linking' y VALINE               ?                               'C5 H11 N O2'    117.146 
# 
_exptl.absorpt_coefficient_mu     ? 
_exptl.absorpt_correction_T_max   ? 
_exptl.absorpt_correction_T_min   ? 
_exptl.absorpt_correction_type    ? 
_exptl.absorpt_process_details    ? 
_exptl.entry_id                   6D08 
_exptl.crystals_number            1 
_exptl.details                    ? 
_exptl.method                     'X-RAY DIFFRACTION' 
_exptl.method_details             ? 
# 
_exptl_crystal.colour                      ? 
_exptl_crystal.density_diffrn              ? 
_exptl_crystal.density_Matthews            2.31 
_exptl_crystal.density_method              ? 
_exptl_crystal.density_percent_sol         46.76 
_exptl_crystal.description                 ? 
_exptl_crystal.F_000                       ? 
_exptl_crystal.id                          1 
_exptl_crystal.preparation                 ? 
_exptl_crystal.size_max                    ? 
_exptl_crystal.size_mid                    ? 
_exptl_crystal.size_min                    ? 
_exptl_crystal.size_rad                    ? 
_exptl_crystal.colour_lustre               ? 
_exptl_crystal.colour_modifier             ? 
_exptl_crystal.colour_primary              ? 
_exptl_crystal.density_meas                ? 
_exptl_crystal.density_meas_esd            ? 
_exptl_crystal.density_meas_gt             ? 
_exptl_crystal.density_meas_lt             ? 
_exptl_crystal.density_meas_temp           ? 
_exptl_crystal.density_meas_temp_esd       ? 
_exptl_crystal.density_meas_temp_gt        ? 
_exptl_crystal.density_meas_temp_lt        ? 
_exptl_crystal.pdbx_crystal_image_url      ? 
_exptl_crystal.pdbx_crystal_image_format   ? 
_exptl_crystal.pdbx_mosaicity              ? 
_exptl_crystal.pdbx_mosaicity_esd          ? 
# 
_exptl_crystal_grow.apparatus       ? 
_exptl_crystal_grow.atmosphere      ? 
_exptl_crystal_grow.crystal_id      1 
_exptl_crystal_grow.details         ? 
_exptl_crystal_grow.method          'VAPOR DIFFUSION, HANGING DROP' 
_exptl_crystal_grow.method_ref      ? 
_exptl_crystal_grow.pH              ? 
_exptl_crystal_grow.pressure        ? 
_exptl_crystal_grow.pressure_esd    ? 
_exptl_crystal_grow.seeding         ? 
_exptl_crystal_grow.seeding_ref     ? 
_exptl_crystal_grow.temp            298 
_exptl_crystal_grow.temp_details    ? 
_exptl_crystal_grow.temp_esd        ? 
_exptl_crystal_grow.time            ? 
_exptl_crystal_grow.pdbx_details    '0.1 M citrate, pH 5.0, 3 M ammonium sulfate' 
_exptl_crystal_grow.pdbx_pH_range   ? 
# 
_diffrn.ambient_environment    ? 
_diffrn.ambient_temp           100 
_diffrn.ambient_temp_details   ? 
_diffrn.ambient_temp_esd       ? 
_diffrn.crystal_id             1 
_diffrn.crystal_support        ? 
_diffrn.crystal_treatment      ? 
_diffrn.details                ? 
_diffrn.id                     1 
_diffrn.ambient_pressure       ? 
_diffrn.ambient_pressure_esd   ? 
_diffrn.ambient_pressure_gt    ? 
_diffrn.ambient_pressure_lt    ? 
_diffrn.ambient_temp_gt        ? 
_diffrn.ambient_temp_lt        ? 
# 
_diffrn_detector.details                      ? 
_diffrn_detector.detector                     'IMAGE PLATE' 
_diffrn_detector.diffrn_id                    1 
_diffrn_detector.type                         'RIGAKU RAXIS HTC' 
_diffrn_detector.area_resol_mean              ? 
_diffrn_detector.dtime                        ? 
_diffrn_detector.pdbx_frames_total            ? 
_diffrn_detector.pdbx_collection_time_total   ? 
_diffrn_detector.pdbx_collection_date         2017-08-01 
# 
_diffrn_radiation.collimation                      ? 
_diffrn_radiation.diffrn_id                        1 
_diffrn_radiation.filter_edge                      ? 
_diffrn_radiation.inhomogeneity                    ? 
_diffrn_radiation.monochromator                    ? 
_diffrn_radiation.polarisn_norm                    ? 
_diffrn_radiation.polarisn_ratio                   ? 
_diffrn_radiation.probe                            ? 
_diffrn_radiation.type                             ? 
_diffrn_radiation.xray_symbol                      ? 
_diffrn_radiation.wavelength_id                    1 
_diffrn_radiation.pdbx_monochromatic_or_laue_m_l   M 
_diffrn_radiation.pdbx_wavelength_list             ? 
_diffrn_radiation.pdbx_wavelength                  ? 
_diffrn_radiation.pdbx_diffrn_protocol             'SINGLE WAVELENGTH' 
_diffrn_radiation.pdbx_analyzer                    ? 
_diffrn_radiation.pdbx_scattering_type             x-ray 
# 
_diffrn_radiation_wavelength.id           1 
_diffrn_radiation_wavelength.wavelength   1.5418 
_diffrn_radiation_wavelength.wt           1.0 
# 
_diffrn_source.current                     ? 
_diffrn_source.details                     ? 
_diffrn_source.diffrn_id                   1 
_diffrn_source.power                       ? 
_diffrn_source.size                        ? 
_diffrn_source.source                      'ROTATING ANODE' 
_diffrn_source.target                      ? 
_diffrn_source.type                        'RIGAKU FR-E SUPERBRIGHT' 
_diffrn_source.voltage                     ? 
_diffrn_source.take-off_angle              ? 
_diffrn_source.pdbx_wavelength_list        1.5418 
_diffrn_source.pdbx_wavelength             ? 
_diffrn_source.pdbx_synchrotron_beamline   ? 
_diffrn_source.pdbx_synchrotron_site       ? 
# 
_reflns.B_iso_Wilson_estimate            ? 
_reflns.entry_id                         6D08 
_reflns.data_reduction_details           ? 
_reflns.data_reduction_method            ? 
_reflns.d_resolution_high                2.10 
_reflns.d_resolution_low                 25.95 
_reflns.details                          ? 
_reflns.limit_h_max                      ? 
_reflns.limit_h_min                      ? 
_reflns.limit_k_max                      ? 
_reflns.limit_k_min                      ? 
_reflns.limit_l_max                      ? 
_reflns.limit_l_min                      ? 
_reflns.number_all                       ? 
_reflns.number_obs                       7149 
_reflns.observed_criterion               ? 
_reflns.observed_criterion_F_max         ? 
_reflns.observed_criterion_F_min         ? 
_reflns.observed_criterion_I_max         ? 
_reflns.observed_criterion_I_min         ? 
_reflns.observed_criterion_sigma_F       ? 
_reflns.observed_criterion_sigma_I       ? 
_reflns.percent_possible_obs             90.4 
_reflns.R_free_details                   ? 
_reflns.Rmerge_F_all                     ? 
_reflns.Rmerge_F_obs                     ? 
_reflns.Friedel_coverage                 ? 
_reflns.number_gt                        ? 
_reflns.threshold_expression             ? 
_reflns.pdbx_redundancy                  3.6 
_reflns.pdbx_Rmerge_I_obs                0.047 
_reflns.pdbx_Rmerge_I_all                ? 
_reflns.pdbx_Rsym_value                  ? 
_reflns.pdbx_netI_over_av_sigmaI         ? 
_reflns.pdbx_netI_over_sigmaI            16.2 
_reflns.pdbx_res_netI_over_av_sigmaI_2   ? 
_reflns.pdbx_res_netI_over_sigmaI_2      ? 
_reflns.pdbx_chi_squared                 ? 
_reflns.pdbx_scaling_rejects             ? 
_reflns.pdbx_d_res_high_opt              ? 
_reflns.pdbx_d_res_low_opt               ? 
_reflns.pdbx_d_res_opt_method            ? 
_reflns.phase_calculation_details        ? 
_reflns.pdbx_Rrim_I_all                  ? 
_reflns.pdbx_Rpim_I_all                  ? 
_reflns.pdbx_d_opt                       ? 
_reflns.pdbx_number_measured_all         ? 
_reflns.pdbx_diffrn_id                   1 
_reflns.pdbx_ordinal                     1 
_reflns.pdbx_CC_half                     ? 
_reflns.pdbx_R_split                     ? 
# 
_reflns_shell.d_res_high                  2.10 
_reflns_shell.d_res_low                   2.18 
_reflns_shell.meanI_over_sigI_all         ? 
_reflns_shell.meanI_over_sigI_obs         3.8 
_reflns_shell.number_measured_all         ? 
_reflns_shell.number_measured_obs         ? 
_reflns_shell.number_possible             ? 
_reflns_shell.number_unique_all           ? 
_reflns_shell.number_unique_obs           ? 
_reflns_shell.percent_possible_all        87.4 
_reflns_shell.percent_possible_obs        ? 
_reflns_shell.Rmerge_F_all                ? 
_reflns_shell.Rmerge_F_obs                ? 
_reflns_shell.Rmerge_I_all                ? 
_reflns_shell.Rmerge_I_obs                0.142 
_reflns_shell.meanI_over_sigI_gt          ? 
_reflns_shell.meanI_over_uI_all           ? 
_reflns_shell.meanI_over_uI_gt            ? 
_reflns_shell.number_measured_gt          ? 
_reflns_shell.number_unique_gt            ? 
_reflns_shell.percent_possible_gt         ? 
_reflns_shell.Rmerge_F_gt                 ? 
_reflns_shell.Rmerge_I_gt                 ? 
_reflns_shell.pdbx_redundancy             3.6 
_reflns_shell.pdbx_Rsym_value             ? 
_reflns_shell.pdbx_chi_squared            ? 
_reflns_shell.pdbx_netI_over_sigmaI_all   ? 
_reflns_shell.pdbx_netI_over_sigmaI_obs   ? 
_reflns_shell.pdbx_Rrim_I_all             ? 
_reflns_shell.pdbx_Rpim_I_all             ? 
_reflns_shell.pdbx_rejects                ? 
_reflns_shell.pdbx_ordinal                1 
_reflns_shell.pdbx_diffrn_id              1 
_reflns_shell.pdbx_CC_half                ? 
_reflns_shell.pdbx_R_split                ? 
# 
_refine.aniso_B[1][1]                            ? 
_refine.aniso_B[1][2]                            ? 
_refine.aniso_B[1][3]                            ? 
_refine.aniso_B[2][2]                            ? 
_refine.aniso_B[2][3]                            ? 
_refine.aniso_B[3][3]                            ? 
_refine.B_iso_max                                ? 
_refine.B_iso_mean                               ? 
_refine.B_iso_min                                ? 
_refine.correlation_coeff_Fo_to_Fc               ? 
_refine.correlation_coeff_Fo_to_Fc_free          ? 
_refine.details                                  ? 
_refine.diff_density_max                         ? 
_refine.diff_density_max_esd                     ? 
_refine.diff_density_min                         ? 
_refine.diff_density_min_esd                     ? 
_refine.diff_density_rms                         ? 
_refine.diff_density_rms_esd                     ? 
_refine.entry_id                                 6D08 
_refine.pdbx_refine_id                           'X-RAY DIFFRACTION' 
_refine.ls_abs_structure_details                 ? 
_refine.ls_abs_structure_Flack                   ? 
_refine.ls_abs_structure_Flack_esd               ? 
_refine.ls_abs_structure_Rogers                  ? 
_refine.ls_abs_structure_Rogers_esd              ? 
_refine.ls_d_res_high                            2.100 
_refine.ls_d_res_low                             23.283 
_refine.ls_extinction_coef                       ? 
_refine.ls_extinction_coef_esd                   ? 
_refine.ls_extinction_expression                 ? 
_refine.ls_extinction_method                     ? 
_refine.ls_goodness_of_fit_all                   ? 
_refine.ls_goodness_of_fit_all_esd               ? 
_refine.ls_goodness_of_fit_obs                   ? 
_refine.ls_goodness_of_fit_obs_esd               ? 
_refine.ls_hydrogen_treatment                    ? 
_refine.ls_matrix_type                           ? 
_refine.ls_number_constraints                    ? 
_refine.ls_number_parameters                     ? 
_refine.ls_number_reflns_all                     ? 
_refine.ls_number_reflns_obs                     7130 
_refine.ls_number_reflns_R_free                  718 
_refine.ls_number_reflns_R_work                  ? 
_refine.ls_number_restraints                     ? 
_refine.ls_percent_reflns_obs                    90.18 
_refine.ls_percent_reflns_R_free                 10.07 
_refine.ls_R_factor_all                          ? 
_refine.ls_R_factor_obs                          0.2293 
_refine.ls_R_factor_R_free                       0.2524 
_refine.ls_R_factor_R_free_error                 ? 
_refine.ls_R_factor_R_free_error_details         ? 
_refine.ls_R_factor_R_work                       0.2267 
_refine.ls_R_Fsqd_factor_obs                     ? 
_refine.ls_R_I_factor_obs                        ? 
_refine.ls_redundancy_reflns_all                 ? 
_refine.ls_redundancy_reflns_obs                 ? 
_refine.ls_restrained_S_all                      ? 
_refine.ls_restrained_S_obs                      ? 
_refine.ls_shift_over_esd_max                    ? 
_refine.ls_shift_over_esd_mean                   ? 
_refine.ls_structure_factor_coef                 ? 
_refine.ls_weighting_details                     ? 
_refine.ls_weighting_scheme                      ? 
_refine.ls_wR_factor_all                         ? 
_refine.ls_wR_factor_obs                         ? 
_refine.ls_wR_factor_R_free                      ? 
_refine.ls_wR_factor_R_work                      ? 
_refine.occupancy_max                            ? 
_refine.occupancy_min                            ? 
_refine.solvent_model_details                    ? 
_refine.solvent_model_param_bsol                 ? 
_refine.solvent_model_param_ksol                 ? 
_refine.ls_R_factor_gt                           ? 
_refine.ls_goodness_of_fit_gt                    ? 
_refine.ls_goodness_of_fit_ref                   ? 
_refine.ls_shift_over_su_max                     ? 
_refine.ls_shift_over_su_max_lt                  ? 
_refine.ls_shift_over_su_mean                    ? 
_refine.ls_shift_over_su_mean_lt                 ? 
_refine.pdbx_ls_sigma_I                          ? 
_refine.pdbx_ls_sigma_F                          2.00 
_refine.pdbx_ls_sigma_Fsqd                       ? 
_refine.pdbx_data_cutoff_high_absF               ? 
_refine.pdbx_data_cutoff_high_rms_absF           ? 
_refine.pdbx_data_cutoff_low_absF                ? 
_refine.pdbx_isotropic_thermal_model             ? 
_refine.pdbx_ls_cross_valid_method               'FREE R-VALUE' 
_refine.pdbx_method_to_determine_struct          'MOLECULAR REPLACEMENT' 
_refine.pdbx_starting_model                      'PDB entry 6D07' 
_refine.pdbx_stereochemistry_target_values       ? 
_refine.pdbx_R_Free_selection_details            ? 
_refine.pdbx_stereochem_target_val_spec_case     ? 
_refine.pdbx_overall_ESU_R                       ? 
_refine.pdbx_overall_ESU_R_Free                  ? 
_refine.pdbx_solvent_vdw_probe_radii             1.11 
_refine.pdbx_solvent_ion_probe_radii             ? 
_refine.pdbx_solvent_shrinkage_radii             0.90 
_refine.pdbx_real_space_R                        ? 
_refine.pdbx_density_correlation                 ? 
_refine.pdbx_pd_number_of_powder_patterns        ? 
_refine.pdbx_pd_number_of_points                 ? 
_refine.pdbx_pd_meas_number_of_points            ? 
_refine.pdbx_pd_proc_ls_prof_R_factor            ? 
_refine.pdbx_pd_proc_ls_prof_wR_factor           ? 
_refine.pdbx_pd_Marquardt_correlation_coeff      ? 
_refine.pdbx_pd_Fsqrd_R_factor                   ? 
_refine.pdbx_pd_ls_matrix_band_width             ? 
_refine.pdbx_overall_phase_error                 33.60 
_refine.pdbx_overall_SU_R_free_Cruickshank_DPI   ? 
_refine.pdbx_overall_SU_R_free_Blow_DPI          ? 
_refine.pdbx_overall_SU_R_Blow_DPI               ? 
_refine.pdbx_TLS_residual_ADP_flag               ? 
_refine.pdbx_diffrn_id                           1 
_refine.overall_SU_B                             ? 
_refine.overall_SU_ML                            0.22 
_refine.overall_SU_R_Cruickshank_DPI             ? 
_refine.overall_SU_R_free                        ? 
_refine.overall_FOM_free_R_set                   ? 
_refine.overall_FOM_work_R_set                   ? 
_refine.pdbx_average_fsc_overall                 ? 
_refine.pdbx_average_fsc_work                    ? 
_refine.pdbx_average_fsc_free                    ? 
# 
_refine_hist.pdbx_refine_id                   'X-RAY DIFFRACTION' 
_refine_hist.cycle_id                         LAST 
_refine_hist.pdbx_number_atoms_protein        1000 
_refine_hist.pdbx_number_atoms_nucleic_acid   0 
_refine_hist.pdbx_number_atoms_ligand         34 
_refine_hist.number_atoms_solvent             38 
_refine_hist.number_atoms_total               1072 
_refine_hist.d_res_high                       2.100 
_refine_hist.d_res_low                        23.283 
# 
loop_
_refine_ls_restr.pdbx_refine_id 
_refine_ls_restr.criterion 
_refine_ls_restr.dev_ideal 
_refine_ls_restr.dev_ideal_target 
_refine_ls_restr.number 
_refine_ls_restr.rejects 
_refine_ls_restr.type 
_refine_ls_restr.weight 
_refine_ls_restr.pdbx_restraint_function 
'X-RAY DIFFRACTION' ? 0.002  ? 1044 ? f_bond_d           ? ? 
'X-RAY DIFFRACTION' ? 0.445  ? 1394 ? f_angle_d          ? ? 
'X-RAY DIFFRACTION' ? 17.643 ? 621  ? f_dihedral_angle_d ? ? 
'X-RAY DIFFRACTION' ? 0.041  ? 144  ? f_chiral_restr     ? ? 
'X-RAY DIFFRACTION' ? 0.002  ? 176  ? f_plane_restr      ? ? 
# 
loop_
_refine_ls_shell.pdbx_refine_id 
_refine_ls_shell.d_res_high 
_refine_ls_shell.d_res_low 
_refine_ls_shell.number_reflns_all 
_refine_ls_shell.number_reflns_obs 
_refine_ls_shell.number_reflns_R_free 
_refine_ls_shell.number_reflns_R_work 
_refine_ls_shell.percent_reflns_obs 
_refine_ls_shell.percent_reflns_R_free 
_refine_ls_shell.R_factor_all 
_refine_ls_shell.R_factor_obs 
_refine_ls_shell.R_factor_R_free 
_refine_ls_shell.R_factor_R_free_error 
_refine_ls_shell.R_factor_R_work 
_refine_ls_shell.redundancy_reflns_all 
_refine_ls_shell.redundancy_reflns_obs 
_refine_ls_shell.wR_factor_all 
_refine_ls_shell.wR_factor_obs 
_refine_ls_shell.wR_factor_R_free 
_refine_ls_shell.wR_factor_R_work 
_refine_ls_shell.pdbx_total_number_of_bins_used 
_refine_ls_shell.pdbx_phase_error 
_refine_ls_shell.pdbx_fsc_work 
_refine_ls_shell.pdbx_fsc_free 
'X-RAY DIFFRACTION' 2.1002 2.2622  . . 145 1235 87.00 . . . 0.3070 . 0.2448 . . . . . . . . . . 
'X-RAY DIFFRACTION' 2.2622 2.4896  . . 128 1225 87.00 . . . 0.3535 . 0.2550 . . . . . . . . . . 
'X-RAY DIFFRACTION' 2.4896 2.8493  . . 137 1275 89.00 . . . 0.3114 . 0.2791 . . . . . . . . . . 
'X-RAY DIFFRACTION' 2.8493 3.5877  . . 154 1324 94.00 . . . 0.2460 . 0.2267 . . . . . . . . . . 
'X-RAY DIFFRACTION' 3.5877 23.2849 . . 154 1353 95.00 . . . 0.2081 . 0.2005 . . . . . . . . . . 
# 
_struct.entry_id                     6D08 
_struct.title                        
'Crystal structure of an engineered bump-hole complex of mutant human chromobox homolog 1 (CBX1) with H3K9bn peptide' 
_struct.pdbx_model_details           ? 
_struct.pdbx_formula_weight          ? 
_struct.pdbx_formula_weight_method   ? 
_struct.pdbx_model_type_details      ? 
_struct.pdbx_CASP_flag               N 
# 
_struct_keywords.entry_id        6D08 
_struct_keywords.text            'Lysine modification, Chromodomain, Bump-hole, Epigenetics, PROTEIN BINDING' 
_struct_keywords.pdbx_keywords   'PROTEIN BINDING' 
# 
loop_
_struct_asym.id 
_struct_asym.pdbx_blank_PDB_chainid_flag 
_struct_asym.pdbx_modified 
_struct_asym.entity_id 
_struct_asym.details 
A N N 1 ? 
B N N 2 ? 
C N N 1 ? 
D N N 2 ? 
E N N 3 ? 
F N N 3 ? 
G N N 4 ? 
H N N 3 ? 
I N N 3 ? 
J N N 4 ? 
K N N 5 ? 
L N N 5 ? 
M N N 5 ? 
N N N 5 ? 
# 
loop_
_struct_conf.conf_type_id 
_struct_conf.id 
_struct_conf.pdbx_PDB_helix_id 
_struct_conf.beg_label_comp_id 
_struct_conf.beg_label_asym_id 
_struct_conf.beg_label_seq_id 
_struct_conf.pdbx_beg_PDB_ins_code 
_struct_conf.end_label_comp_id 
_struct_conf.end_label_asym_id 
_struct_conf.end_label_seq_id 
_struct_conf.pdbx_end_PDB_ins_code 
_struct_conf.beg_auth_comp_id 
_struct_conf.beg_auth_asym_id 
_struct_conf.beg_auth_seq_id 
_struct_conf.end_auth_comp_id 
_struct_conf.end_auth_asym_id 
_struct_conf.end_auth_seq_id 
_struct_conf.pdbx_PDB_helix_class 
_struct_conf.details 
_struct_conf.pdbx_PDB_helix_length 
HELX_P HELX_P1 AA1 SER A 28 ? ASN A 32 ? SER A 28 ASN A 32 5 ? 5  
HELX_P HELX_P2 AA2 CYS A 42 ? LYS A 54 ? CYS A 42 LYS A 54 1 ? 13 
HELX_P HELX_P3 AA3 SER C 28 ? ASN C 32 ? SER B 28 ASN B 32 5 ? 5  
HELX_P HELX_P4 AA4 CYS C 42 ? SER C 52 ? CYS B 42 SER B 52 1 ? 11 
# 
_struct_conf_type.id          HELX_P 
_struct_conf_type.criteria    ? 
_struct_conf_type.reference   ? 
# 
loop_
_struct_conn.id 
_struct_conn.conn_type_id 
_struct_conn.pdbx_leaving_atom_flag 
_struct_conn.pdbx_PDB_id 
_struct_conn.ptnr1_label_asym_id 
_struct_conn.ptnr1_label_comp_id 
_struct_conn.ptnr1_label_seq_id 
_struct_conn.ptnr1_label_atom_id 
_struct_conn.pdbx_ptnr1_label_alt_id 
_struct_conn.pdbx_ptnr1_PDB_ins_code 
_struct_conn.pdbx_ptnr1_standard_comp_id 
_struct_conn.ptnr1_symmetry 
_struct_conn.ptnr2_label_asym_id 
_struct_conn.ptnr2_label_comp_id 
_struct_conn.ptnr2_label_seq_id 
_struct_conn.ptnr2_label_atom_id 
_struct_conn.pdbx_ptnr2_label_alt_id 
_struct_conn.pdbx_ptnr2_PDB_ins_code 
_struct_conn.ptnr1_auth_asym_id 
_struct_conn.ptnr1_auth_comp_id 
_struct_conn.ptnr1_auth_seq_id 
_struct_conn.ptnr2_auth_asym_id 
_struct_conn.ptnr2_auth_comp_id 
_struct_conn.ptnr2_auth_seq_id 
_struct_conn.ptnr2_symmetry 
_struct_conn.pdbx_ptnr3_label_atom_id 
_struct_conn.pdbx_ptnr3_label_seq_id 
_struct_conn.pdbx_ptnr3_label_comp_id 
_struct_conn.pdbx_ptnr3_label_asym_id 
_struct_conn.pdbx_ptnr3_label_alt_id 
_struct_conn.pdbx_ptnr3_PDB_ins_code 
_struct_conn.details 
_struct_conn.pdbx_dist_value 
_struct_conn.pdbx_value_order 
_struct_conn.pdbx_role 
covale1 covale both ? B ARG 8 C ? ? ? 1_555 B FQA 9  N ? ? C ARG 8 C FQA 9  1_555 ? ? ? ? ? ? ? 1.328 ? ? 
covale2 covale both ? B FQA 9 C ? ? ? 1_555 B SER 10 N ? ? C FQA 9 C SER 10 1_555 ? ? ? ? ? ? ? 1.330 ? ? 
covale3 covale both ? D ARG 8 C ? ? ? 1_555 D FQA 9  N ? ? D ARG 8 D FQA 9  1_555 ? ? ? ? ? ? ? 1.328 ? ? 
covale4 covale both ? D FQA 9 C ? ? ? 1_555 D SER 10 N ? ? D FQA 9 D SER 10 1_555 ? ? ? ? ? ? ? 1.328 ? ? 
# 
_struct_conn_type.id          covale 
_struct_conn_type.criteria    ? 
_struct_conn_type.reference   ? 
# 
loop_
_struct_sheet.id 
_struct_sheet.type 
_struct_sheet.number_strands 
_struct_sheet.details 
AA1 ? 5 ? 
AA2 ? 5 ? 
# 
loop_
_struct_sheet_order.sheet_id 
_struct_sheet_order.range_id_1 
_struct_sheet_order.range_id_2 
_struct_sheet_order.offset 
_struct_sheet_order.sense 
AA1 1 2 ? anti-parallel 
AA1 2 3 ? anti-parallel 
AA1 3 4 ? anti-parallel 
AA1 4 5 ? anti-parallel 
AA2 1 2 ? anti-parallel 
AA2 2 3 ? anti-parallel 
AA2 3 4 ? anti-parallel 
AA2 4 5 ? anti-parallel 
# 
loop_
_struct_sheet_range.sheet_id 
_struct_sheet_range.id 
_struct_sheet_range.beg_label_comp_id 
_struct_sheet_range.beg_label_asym_id 
_struct_sheet_range.beg_label_seq_id 
_struct_sheet_range.pdbx_beg_PDB_ins_code 
_struct_sheet_range.end_label_comp_id 
_struct_sheet_range.end_label_asym_id 
_struct_sheet_range.end_label_seq_id 
_struct_sheet_range.pdbx_end_PDB_ins_code 
_struct_sheet_range.beg_auth_comp_id 
_struct_sheet_range.beg_auth_asym_id 
_struct_sheet_range.beg_auth_seq_id 
_struct_sheet_range.end_auth_comp_id 
_struct_sheet_range.end_auth_asym_id 
_struct_sheet_range.end_auth_seq_id 
AA1 1 THR A 33 ? PRO A 36 ? THR A 33 PRO A 36 
AA1 2 LYS A 17 ? TRP A 24 ? LYS A 17 TRP A 24 
AA1 3 GLU A 2  ? VAL A 14 ? GLU A 2  VAL A 14 
AA1 4 THR B 6  ? ARG B 8  ? THR C 6  ARG C 8  
AA1 5 LEU A 40 ? ASP A 41 ? LEU A 40 ASP A 41 
AA2 1 THR C 33 ? PRO C 36 ? THR B 33 PRO B 36 
AA2 2 LYS C 17 ? TRP C 24 ? LYS B 17 TRP B 24 
AA2 3 GLU C 2  ? VAL C 14 ? GLU B 2  VAL B 14 
AA2 4 THR D 6  ? ARG D 8  ? THR D 6  ARG D 8  
AA2 5 LEU C 40 ? ASP C 41 ? LEU B 40 ASP B 41 
# 
loop_
_pdbx_struct_sheet_hbond.sheet_id 
_pdbx_struct_sheet_hbond.range_id_1 
_pdbx_struct_sheet_hbond.range_id_2 
_pdbx_struct_sheet_hbond.range_1_label_atom_id 
_pdbx_struct_sheet_hbond.range_1_label_comp_id 
_pdbx_struct_sheet_hbond.range_1_label_asym_id 
_pdbx_struct_sheet_hbond.range_1_label_seq_id 
_pdbx_struct_sheet_hbond.range_1_PDB_ins_code 
_pdbx_struct_sheet_hbond.range_1_auth_atom_id 
_pdbx_struct_sheet_hbond.range_1_auth_comp_id 
_pdbx_struct_sheet_hbond.range_1_auth_asym_id 
_pdbx_struct_sheet_hbond.range_1_auth_seq_id 
_pdbx_struct_sheet_hbond.range_2_label_atom_id 
_pdbx_struct_sheet_hbond.range_2_label_comp_id 
_pdbx_struct_sheet_hbond.range_2_label_asym_id 
_pdbx_struct_sheet_hbond.range_2_label_seq_id 
_pdbx_struct_sheet_hbond.range_2_PDB_ins_code 
_pdbx_struct_sheet_hbond.range_2_auth_atom_id 
_pdbx_struct_sheet_hbond.range_2_auth_comp_id 
_pdbx_struct_sheet_hbond.range_2_auth_asym_id 
_pdbx_struct_sheet_hbond.range_2_auth_seq_id 
AA1 1 2 O THR A 33 ? O THR A 33 N LEU A 22 ? N LEU A 22 
AA1 2 3 O GLU A 19 ? O GLU A 19 N ARG A 12 ? N ARG A 12 
AA1 3 4 N PHE A 3  ? N PHE A 3  O ALA B 7  ? O ALA C 7  
AA1 4 5 O THR B 6  ? O THR C 6  N ASP A 41 ? N ASP A 41 
AA2 1 2 O GLU C 35 ? O GLU B 35 N TYR C 20 ? N TYR B 20 
AA2 2 3 O LEU C 21 ? O LEU B 21 N LEU C 9  ? N LEU B 9  
AA2 3 4 N PHE C 3  ? N PHE B 3  O ALA D 7  ? O ALA D 7  
AA2 4 5 O THR D 6  ? O THR D 6  N ASP C 41 ? N ASP B 41 
# 
loop_
_struct_site.id 
_struct_site.pdbx_evidence_code 
_struct_site.pdbx_auth_asym_id 
_struct_site.pdbx_auth_comp_id 
_struct_site.pdbx_auth_seq_id 
_struct_site.pdbx_auth_ins_code 
_struct_site.pdbx_num_residues 
_struct_site.details 
AC1 Software A GOL 101 ? 5 'binding site for residue GOL A 101' 
AC2 Software A GOL 102 ? 2 'binding site for residue GOL A 102' 
AC3 Software C SO4 101 ? 3 'binding site for residue SO4 C 101' 
AC4 Software B GOL 101 ? 3 'binding site for residue GOL B 101' 
AC5 Software B GOL 102 ? 7 'binding site for residue GOL B 102' 
AC6 Software D SO4 101 ? 3 'binding site for residue SO4 D 101' 
# 
loop_
_struct_site_gen.id 
_struct_site_gen.site_id 
_struct_site_gen.pdbx_num_res 
_struct_site_gen.label_comp_id 
_struct_site_gen.label_asym_id 
_struct_site_gen.label_seq_id 
_struct_site_gen.pdbx_auth_ins_code 
_struct_site_gen.auth_comp_id 
_struct_site_gen.auth_asym_id 
_struct_site_gen.auth_seq_id 
_struct_site_gen.label_atom_id 
_struct_site_gen.label_alt_id 
_struct_site_gen.symmetry 
_struct_site_gen.details 
1  AC1 5 ASN A 32 ? ASN A 32  . ? 1_555 ? 
2  AC1 5 GOL F .  ? GOL A 102 . ? 1_555 ? 
3  AC1 5 HOH K .  ? HOH A 204 . ? 1_555 ? 
4  AC1 5 LYS C 25 ? LYS B 25  . ? 1_564 ? 
5  AC1 5 GLY C 26 ? GLY B 26  . ? 1_564 ? 
6  AC2 2 ARG A 12 ? ARG A 12  . ? 1_555 ? 
7  AC2 2 GOL E .  ? GOL A 101 . ? 1_555 ? 
8  AC3 3 LYS A 54 ? LYS A 54  . ? 1_465 ? 
9  AC3 3 ARG C 11 ? ARG B 11  . ? 1_465 ? 
10 AC3 3 ARG B 8  ? ARG C 8   . ? 1_555 ? 
11 AC4 3 LYS A 25 ? LYS A 25  . ? 1_646 ? 
12 AC4 3 ARG C 12 ? ARG B 12  . ? 1_555 ? 
13 AC4 3 GOL I .  ? GOL B 102 . ? 1_555 ? 
14 AC5 7 LYS A 25 ? LYS A 25  . ? 1_646 ? 
15 AC5 7 GLY A 26 ? GLY A 26  . ? 1_646 ? 
16 AC5 7 GLU C 30 ? GLU B 30  . ? 1_555 ? 
17 AC5 7 ASN C 32 ? ASN B 32  . ? 1_555 ? 
18 AC5 7 GOL H .  ? GOL B 101 . ? 1_555 ? 
19 AC5 7 HOH M .  ? HOH B 207 . ? 1_555 ? 
20 AC5 7 HOH M .  ? HOH B 213 . ? 1_555 ? 
21 AC6 3 ARG A 11 ? ARG A 11  . ? 1_545 ? 
22 AC6 3 ARG D 8  ? ARG D 8   . ? 1_555 ? 
23 AC6 3 HOH N .  ? HOH D 201 . ? 1_555 ? 
# 
_atom_sites.entry_id                    6D08 
_atom_sites.fract_transf_matrix[1][1]   0.03014106 
_atom_sites.fract_transf_matrix[1][2]   -0.00087257 
_atom_sites.fract_transf_matrix[1][3]   -0.01437728 
_atom_sites.fract_transf_matrix[2][1]   -0.02195946 
_atom_sites.fract_transf_matrix[2][2]   0.02114997 
_atom_sites.fract_transf_matrix[2][3]   -0.01374995 
_atom_sites.fract_transf_matrix[3][1]   0.01368560 
_atom_sites.fract_transf_matrix[3][2]   0.01588329 
_atom_sites.fract_transf_matrix[3][3]   0.02045740 
_atom_sites.fract_transf_vector[1]      0.685202 
_atom_sites.fract_transf_vector[2]      -1.175332 
_atom_sites.fract_transf_vector[3]      0.207683 
# 
loop_
_atom_type.symbol 
C 
N 
O 
S 
# 
loop_
_atom_site.group_PDB 
_atom_site.id 
_atom_site.type_symbol 
_atom_site.label_atom_id 
_atom_site.label_alt_id 
_atom_site.label_comp_id 
_atom_site.label_asym_id 
_atom_site.label_entity_id 
_atom_site.label_seq_id 
_atom_site.pdbx_PDB_ins_code 
_atom_site.Cartn_x 
_atom_site.Cartn_y 
_atom_site.Cartn_z 
_atom_site.occupancy 
_atom_site.B_iso_or_equiv 
_atom_site.pdbx_formal_charge 
_atom_site.auth_seq_id 
_atom_site.auth_comp_id 
_atom_site.auth_asym_id 
_atom_site.auth_atom_id 
_atom_site.pdbx_PDB_model_num 
ATOM   1    N N   . GLY A 1 1  ? -21.890 5.970   -4.227  1.00 42.93 ? 1   GLY A N   1 
ATOM   2    C CA  . GLY A 1 1  ? -21.929 4.997   -3.150  1.00 44.47 ? 1   GLY A CA  1 
ATOM   3    C C   . GLY A 1 1  ? -20.606 4.291   -2.942  1.00 36.74 ? 1   GLY A C   1 
ATOM   4    O O   . GLY A 1 1  ? -19.629 4.584   -3.632  1.00 37.22 ? 1   GLY A O   1 
ATOM   5    N N   . GLU A 1 2  ? -20.573 3.360   -1.990  1.00 30.89 ? 2   GLU A N   1 
ATOM   6    C CA  . GLU A 1 2  ? -19.379 2.585   -1.673  1.00 35.46 ? 2   GLU A CA  1 
ATOM   7    C C   . GLU A 1 2  ? -19.544 1.160   -2.187  1.00 36.57 ? 2   GLU A C   1 
ATOM   8    O O   . GLU A 1 2  ? -20.500 0.467   -1.818  1.00 32.42 ? 2   GLU A O   1 
ATOM   9    C CB  . GLU A 1 2  ? -19.104 2.586   -0.170  1.00 34.79 ? 2   GLU A CB  1 
ATOM   10   C CG  . GLU A 1 2  ? -18.220 3.734   0.285   1.00 43.74 ? 2   GLU A CG  1 
ATOM   11   C CD  . GLU A 1 2  ? -17.676 3.523   1.680   1.00 44.59 ? 2   GLU A CD  1 
ATOM   12   O OE1 . GLU A 1 2  ? -18.489 3.459   2.625   1.00 57.21 ? 2   GLU A OE1 1 
ATOM   13   O OE2 . GLU A 1 2  ? -16.441 3.399   1.829   1.00 43.89 ? 2   GLU A OE2 1 
ATOM   14   N N   . PHE A 1 3  ? -18.606 0.724   -3.024  1.00 34.73 ? 3   PHE A N   1 
ATOM   15   C CA  . PHE A 1 3  ? -18.623 -0.600  -3.623  1.00 30.29 ? 3   PHE A CA  1 
ATOM   16   C C   . PHE A 1 3  ? -17.346 -1.343  -3.256  1.00 28.41 ? 3   PHE A C   1 
ATOM   17   O O   . PHE A 1 3  ? -16.344 -0.740  -2.862  1.00 33.74 ? 3   PHE A O   1 
ATOM   18   C CB  . PHE A 1 3  ? -18.751 -0.522  -5.149  1.00 29.00 ? 3   PHE A CB  1 
ATOM   19   C CG  . PHE A 1 3  ? -19.977 0.206   -5.621  1.00 33.31 ? 3   PHE A CG  1 
ATOM   20   C CD1 . PHE A 1 3  ? -20.025 1.592   -5.608  1.00 33.14 ? 3   PHE A CD1 1 
ATOM   21   C CD2 . PHE A 1 3  ? -21.075 -0.492  -6.093  1.00 34.84 ? 3   PHE A CD2 1 
ATOM   22   C CE1 . PHE A 1 3  ? -21.149 2.264   -6.045  1.00 31.09 ? 3   PHE A CE1 1 
ATOM   23   C CE2 . PHE A 1 3  ? -22.201 0.175   -6.533  1.00 30.19 ? 3   PHE A CE2 1 
ATOM   24   C CZ  . PHE A 1 3  ? -22.237 1.554   -6.509  1.00 33.53 ? 3   PHE A CZ  1 
ATOM   25   N N   . VAL A 1 4  ? -17.390 -2.664  -3.388  1.00 27.47 ? 4   VAL A N   1 
ATOM   26   C CA  . VAL A 1 4  ? -16.213 -3.490  -3.146  1.00 29.93 ? 4   VAL A CA  1 
ATOM   27   C C   . VAL A 1 4  ? -15.298 -3.413  -4.361  1.00 31.60 ? 4   VAL A C   1 
ATOM   28   O O   . VAL A 1 4  ? -15.759 -3.445  -5.508  1.00 31.93 ? 4   VAL A O   1 
ATOM   29   C CB  . VAL A 1 4  ? -16.621 -4.942  -2.839  1.00 32.54 ? 4   VAL A CB  1 
ATOM   30   C CG1 . VAL A 1 4  ? -15.391 -5.786  -2.540  1.00 29.96 ? 4   VAL A CG1 1 
ATOM   31   C CG2 . VAL A 1 4  ? -17.606 -4.991  -1.678  1.00 34.01 ? 4   VAL A CG2 1 
ATOM   32   N N   . VAL A 1 5  ? -13.996 -3.303  -4.114  1.00 29.09 ? 5   VAL A N   1 
ATOM   33   C CA  . VAL A 1 5  ? -12.996 -3.206  -5.173  1.00 35.64 ? 5   VAL A CA  1 
ATOM   34   C C   . VAL A 1 5  ? -12.329 -4.559  -5.354  1.00 38.48 ? 5   VAL A C   1 
ATOM   35   O O   . VAL A 1 5  ? -12.021 -5.253  -4.376  1.00 38.10 ? 5   VAL A O   1 
ATOM   36   C CB  . VAL A 1 5  ? -11.949 -2.122  -4.857  1.00 32.99 ? 5   VAL A CB  1 
ATOM   37   C CG1 . VAL A 1 5  ? -10.932 -2.009  -5.987  1.00 33.34 ? 5   VAL A CG1 1 
ATOM   38   C CG2 . VAL A 1 5  ? -12.627 -0.793  -4.617  1.00 29.43 ? 5   VAL A CG2 1 
ATOM   39   N N   . GLU A 1 6  ? -12.099 -4.932  -6.613  1.00 36.31 ? 6   GLU A N   1 
ATOM   40   C CA  . GLU A 1 6  ? -11.423 -6.176  -6.949  1.00 34.03 ? 6   GLU A CA  1 
ATOM   41   C C   . GLU A 1 6  ? -9.925  -6.003  -7.165  1.00 35.14 ? 6   GLU A C   1 
ATOM   42   O O   . GLU A 1 6  ? -9.140  -6.839  -6.703  1.00 32.60 ? 6   GLU A O   1 
ATOM   43   C CB  . GLU A 1 6  ? -12.051 -6.787  -8.203  1.00 38.79 ? 6   GLU A CB  1 
ATOM   44   C CG  . GLU A 1 6  ? -11.721 -8.251  -8.399  1.00 56.58 ? 6   GLU A CG  1 
ATOM   45   C CD  . GLU A 1 6  ? -12.636 -8.926  -9.397  1.00 55.13 ? 6   GLU A CD  1 
ATOM   46   O OE1 . GLU A 1 6  ? -12.902 -8.334  -10.463 1.00 52.19 ? 6   GLU A OE1 1 
ATOM   47   O OE2 . GLU A 1 6  ? -13.104 -10.045 -9.101  1.00 74.98 ? 6   GLU A OE2 1 
ATOM   48   N N   . LYS A 1 7  ? -9.504  -4.934  -7.840  1.00 34.16 ? 7   LYS A N   1 
ATOM   49   C CA  . LYS A 1 7  ? -8.091  -4.740  -8.137  1.00 33.49 ? 7   LYS A CA  1 
ATOM   50   C C   . LYS A 1 7  ? -7.842  -3.283  -8.497  1.00 32.09 ? 7   LYS A C   1 
ATOM   51   O O   . LYS A 1 7  ? -8.703  -2.617  -9.078  1.00 28.57 ? 7   LYS A O   1 
ATOM   52   C CB  . LYS A 1 7  ? -7.637  -5.655  -9.281  1.00 35.29 ? 7   LYS A CB  1 
ATOM   53   C CG  . LYS A 1 7  ? -6.132  -5.856  -9.370  1.00 38.43 ? 7   LYS A CG  1 
ATOM   54   C CD  . LYS A 1 7  ? -5.757  -6.630  -10.628 1.00 37.01 ? 7   LYS A CD  1 
ATOM   55   C CE  . LYS A 1 7  ? -4.267  -6.930  -10.669 1.00 42.96 ? 7   LYS A CE  1 
ATOM   56   N NZ  . LYS A 1 7  ? -3.860  -7.486  -11.990 1.00 44.15 ? 7   LYS A NZ  1 
ATOM   57   N N   . VAL A 1 8  ? -6.656  -2.795  -8.137  1.00 29.21 ? 8   VAL A N   1 
ATOM   58   C CA  . VAL A 1 8  ? -6.180  -1.480  -8.553  1.00 32.30 ? 8   VAL A CA  1 
ATOM   59   C C   . VAL A 1 8  ? -5.315  -1.664  -9.789  1.00 25.08 ? 8   VAL A C   1 
ATOM   60   O O   . VAL A 1 8  ? -4.357  -2.447  -9.774  1.00 29.96 ? 8   VAL A O   1 
ATOM   61   C CB  . VAL A 1 8  ? -5.396  -0.781  -7.430  1.00 38.18 ? 8   VAL A CB  1 
ATOM   62   C CG1 . VAL A 1 8  ? -4.853  0.554   -7.918  1.00 29.79 ? 8   VAL A CG1 1 
ATOM   63   C CG2 . VAL A 1 8  ? -6.276  -0.592  -6.198  1.00 36.73 ? 8   VAL A CG2 1 
ATOM   64   N N   . LEU A 1 9  ? -5.647  -0.946  -10.860 1.00 27.99 ? 9   LEU A N   1 
ATOM   65   C CA  . LEU A 1 9  ? -5.016  -1.171  -12.154 1.00 30.33 ? 9   LEU A CA  1 
ATOM   66   C C   . LEU A 1 9  ? -3.962  -0.136  -12.520 1.00 30.98 ? 9   LEU A C   1 
ATOM   67   O O   . LEU A 1 9  ? -2.973  -0.491  -13.170 1.00 34.89 ? 9   LEU A O   1 
ATOM   68   C CB  . LEU A 1 9  ? -6.079  -1.208  -13.258 1.00 31.65 ? 9   LEU A CB  1 
ATOM   69   C CG  . LEU A 1 9  ? -7.149  -2.297  -13.156 1.00 32.09 ? 9   LEU A CG  1 
ATOM   70   C CD1 . LEU A 1 9  ? -8.105  -2.211  -14.332 1.00 23.18 ? 9   LEU A CD1 1 
ATOM   71   C CD2 . LEU A 1 9  ? -6.517  -3.676  -13.068 1.00 31.03 ? 9   LEU A CD2 1 
ATOM   72   N N   . ASP A 1 10 ? -4.134  1.126   -12.137 1.00 29.06 ? 10  ASP A N   1 
ATOM   73   C CA  . ASP A 1 10 ? -3.202  2.158   -12.568 1.00 33.11 ? 10  ASP A CA  1 
ATOM   74   C C   . ASP A 1 10 ? -3.299  3.348   -11.623 1.00 31.88 ? 10  ASP A C   1 
ATOM   75   O O   . ASP A 1 10 ? -4.134  3.380   -10.715 1.00 24.81 ? 10  ASP A O   1 
ATOM   76   C CB  . ASP A 1 10 ? -3.470  2.575   -14.018 1.00 27.80 ? 10  ASP A CB  1 
ATOM   77   C CG  . ASP A 1 10 ? -2.219  3.071   -14.724 1.00 35.73 ? 10  ASP A CG  1 
ATOM   78   O OD1 . ASP A 1 10 ? -1.543  3.968   -14.183 1.00 28.87 ? 10  ASP A OD1 1 
ATOM   79   O OD2 . ASP A 1 10 ? -1.906  2.550   -15.815 1.00 53.10 ? 10  ASP A OD2 1 
ATOM   80   N N   . ARG A 1 11 ? -2.427  4.333   -11.854 1.00 30.05 ? 11  ARG A N   1 
ATOM   81   C CA  . ARG A 1 11 ? -2.322  5.522   -11.017 1.00 31.16 ? 11  ARG A CA  1 
ATOM   82   C C   . ARG A 1 11 ? -2.037  6.739   -11.885 1.00 29.11 ? 11  ARG A C   1 
ATOM   83   O O   . ARG A 1 11 ? -1.333  6.638   -12.893 1.00 29.49 ? 11  ARG A O   1 
ATOM   84   C CB  . ARG A 1 11 ? -1.215  5.360   -9.967  1.00 30.20 ? 11  ARG A CB  1 
ATOM   85   C CG  . ARG A 1 11 ? -1.013  6.564   -9.058  1.00 31.98 ? 11  ARG A CG  1 
ATOM   86   C CD  . ARG A 1 11 ? 0.283   6.443   -8.268  1.00 37.55 ? 11  ARG A CD  1 
ATOM   87   N NE  . ARG A 1 11 ? 0.365   7.416   -7.182  1.00 42.02 ? 11  ARG A NE  1 
ATOM   88   C CZ  . ARG A 1 11 ? 0.893   8.630   -7.302  1.00 44.24 ? 11  ARG A CZ  1 
ATOM   89   N NH1 . ARG A 1 11 ? 1.388   9.030   -8.464  1.00 48.69 ? 11  ARG A NH1 1 
ATOM   90   N NH2 . ARG A 1 11 ? 0.925   9.446   -6.256  1.00 45.13 ? 11  ARG A NH2 1 
ATOM   91   N N   . ARG A 1 12 ? -2.579  7.891   -11.487 1.00 33.44 ? 12  ARG A N   1 
ATOM   92   C CA  . ARG A 1 12 ? -2.348  9.136   -12.206 1.00 31.47 ? 12  ARG A CA  1 
ATOM   93   C C   . ARG A 1 12 ? -2.633  10.312  -11.282 1.00 35.26 ? 12  ARG A C   1 
ATOM   94   O O   . ARG A 1 12 ? -3.162  10.151  -10.179 1.00 32.24 ? 12  ARG A O   1 
ATOM   95   C CB  . ARG A 1 12 ? -3.216  9.225   -13.464 1.00 31.12 ? 12  ARG A CB  1 
ATOM   96   C CG  . ARG A 1 12 ? -4.647  9.647   -13.186 1.00 29.71 ? 12  ARG A CG  1 
ATOM   97   C CD  . ARG A 1 12 ? -5.493  9.611   -14.446 1.00 30.70 ? 12  ARG A CD  1 
ATOM   98   N NE  . ARG A 1 12 ? -6.839  10.128  -14.217 1.00 29.00 ? 12  ARG A NE  1 
ATOM   99   C CZ  . ARG A 1 12 ? -7.780  10.188  -15.153 1.00 31.09 ? 12  ARG A CZ  1 
ATOM   100  N NH1 . ARG A 1 12 ? -7.521  9.757   -16.378 1.00 32.72 ? 12  ARG A NH1 1 
ATOM   101  N NH2 . ARG A 1 12 ? -8.979  10.674  -14.861 1.00 29.21 ? 12  ARG A NH2 1 
ATOM   102  N N   . VAL A 1 13 ? -2.276  11.505  -11.750 1.00 26.99 ? 13  VAL A N   1 
ATOM   103  C CA  . VAL A 1 13 ? -2.568  12.754  -11.054 1.00 31.41 ? 13  VAL A CA  1 
ATOM   104  C C   . VAL A 1 13 ? -3.354  13.651  -12.000 1.00 31.61 ? 13  VAL A C   1 
ATOM   105  O O   . VAL A 1 13 ? -2.926  13.891  -13.135 1.00 36.04 ? 13  VAL A O   1 
ATOM   106  C CB  . VAL A 1 13 ? -1.284  13.458  -10.576 1.00 31.56 ? 13  VAL A CB  1 
ATOM   107  C CG1 . VAL A 1 13 ? -1.623  14.786  -9.914  1.00 28.80 ? 13  VAL A CG1 1 
ATOM   108  C CG2 . VAL A 1 13 ? -0.502  12.563  -9.623  1.00 30.81 ? 13  VAL A CG2 1 
ATOM   109  N N   . VAL A 1 14 ? -4.507  14.135  -11.539 1.00 30.40 ? 14  VAL A N   1 
ATOM   110  C CA  . VAL A 1 14 ? -5.372  14.997  -12.340 1.00 32.94 ? 14  VAL A CA  1 
ATOM   111  C C   . VAL A 1 14 ? -5.850  16.146  -11.461 1.00 34.41 ? 14  VAL A C   1 
ATOM   112  O O   . VAL A 1 14 ? -6.457  15.914  -10.410 1.00 36.03 ? 14  VAL A O   1 
ATOM   113  C CB  . VAL A 1 14 ? -6.578  14.242  -12.927 1.00 34.57 ? 14  VAL A CB  1 
ATOM   114  C CG1 . VAL A 1 14 ? -7.613  15.225  -13.456 1.00 34.15 ? 14  VAL A CG1 1 
ATOM   115  C CG2 . VAL A 1 14 ? -6.125  13.305  -14.033 1.00 37.26 ? 14  VAL A CG2 1 
ATOM   116  N N   . LYS A 1 15 ? -5.579  17.377  -11.897 1.00 39.46 ? 15  LYS A N   1 
ATOM   117  C CA  . LYS A 1 15 ? -5.977  18.590  -11.176 1.00 35.86 ? 15  LYS A CA  1 
ATOM   118  C C   . LYS A 1 15 ? -5.519  18.554  -9.720  1.00 36.57 ? 15  LYS A C   1 
ATOM   119  O O   . LYS A 1 15 ? -6.235  18.975  -8.810  1.00 39.54 ? 15  LYS A O   1 
ATOM   120  C CB  . LYS A 1 15 ? -7.487  18.820  -11.270 1.00 42.39 ? 15  LYS A CB  1 
ATOM   121  C CG  . LYS A 1 15 ? -7.973  19.224  -12.656 1.00 39.30 ? 15  LYS A CG  1 
ATOM   122  C CD  . LYS A 1 15 ? -9.432  19.651  -12.622 1.00 42.98 ? 15  LYS A CD  1 
ATOM   123  C CE  . LYS A 1 15 ? -10.016 19.772  -14.022 1.00 56.52 ? 15  LYS A CE  1 
ATOM   124  N NZ  . LYS A 1 15 ? -11.486 20.024  -13.987 1.00 56.91 ? 15  LYS A NZ  1 
ATOM   125  N N   . GLY A 1 16 ? -4.313  18.040  -9.499  1.00 38.64 ? 16  GLY A N   1 
ATOM   126  C CA  . GLY A 1 16 ? -3.709  18.065  -8.183  1.00 36.45 ? 16  GLY A CA  1 
ATOM   127  C C   . GLY A 1 16 ? -4.116  16.952  -7.247  1.00 37.52 ? 16  GLY A C   1 
ATOM   128  O O   . GLY A 1 16 ? -3.731  16.984  -6.073  1.00 32.93 ? 16  GLY A O   1 
ATOM   129  N N   . LYS A 1 17 ? -4.871  15.967  -7.719  1.00 38.11 ? 17  LYS A N   1 
ATOM   130  C CA  . LYS A 1 17 ? -5.315  14.858  -6.888  1.00 35.92 ? 17  LYS A CA  1 
ATOM   131  C C   . LYS A 1 17 ? -4.781  13.548  -7.445  1.00 31.45 ? 17  LYS A C   1 
ATOM   132  O O   . LYS A 1 17 ? -4.799  13.326  -8.660  1.00 31.94 ? 17  LYS A O   1 
ATOM   133  C CB  . LYS A 1 17 ? -6.843  14.810  -6.805  1.00 41.34 ? 17  LYS A CB  1 
ATOM   134  C CG  . LYS A 1 17 ? -7.449  15.904  -5.943  1.00 43.91 ? 17  LYS A CG  1 
ATOM   135  C CD  . LYS A 1 17 ? -8.922  16.084  -6.254  1.00 49.37 ? 17  LYS A CD  1 
ATOM   136  C CE  . LYS A 1 17 ? -9.598  16.963  -5.220  1.00 49.37 ? 17  LYS A CE  1 
ATOM   137  N NZ  . LYS A 1 17 ? -9.651  16.291  -3.893  1.00 52.62 ? 17  LYS A NZ  1 
ATOM   138  N N   . VAL A 1 18 ? -4.296  12.685  -6.552  1.00 29.62 ? 18  VAL A N   1 
ATOM   139  C CA  . VAL A 1 18 ? -3.834  11.366  -6.962  1.00 29.01 ? 18  VAL A CA  1 
ATOM   140  C C   . VAL A 1 18 ? -5.040  10.478  -7.230  1.00 34.52 ? 18  VAL A C   1 
ATOM   141  O O   . VAL A 1 18 ? -5.955  10.378  -6.402  1.00 30.93 ? 18  VAL A O   1 
ATOM   142  C CB  . VAL A 1 18 ? -2.923  10.754  -5.890  1.00 29.95 ? 18  VAL A CB  1 
ATOM   143  C CG1 . VAL A 1 18 ? -2.486  9.360   -6.304  1.00 31.60 ? 18  VAL A CG1 1 
ATOM   144  C CG2 . VAL A 1 18 ? -1.714  11.642  -5.654  1.00 38.92 ? 18  VAL A CG2 1 
ATOM   145  N N   . GLU A 1 19 ? -5.049  9.828   -8.390  1.00 26.47 ? 19  GLU A N   1 
ATOM   146  C CA  . GLU A 1 19 ? -6.149  8.963   -8.782  1.00 35.56 ? 19  GLU A CA  1 
ATOM   147  C C   . GLU A 1 19 ? -5.641  7.558   -9.066  1.00 31.90 ? 19  GLU A C   1 
ATOM   148  O O   . GLU A 1 19 ? -4.506  7.366   -9.510  1.00 34.88 ? 19  GLU A O   1 
ATOM   149  C CB  . GLU A 1 19 ? -6.880  9.512   -10.011 1.00 31.36 ? 19  GLU A CB  1 
ATOM   150  C CG  . GLU A 1 19 ? -7.777  10.698  -9.706  1.00 30.90 ? 19  GLU A CG  1 
ATOM   151  C CD  . GLU A 1 19 ? -8.583  11.137  -10.905 1.00 31.85 ? 19  GLU A CD  1 
ATOM   152  O OE1 . GLU A 1 19 ? -8.423  10.529  -11.984 1.00 36.00 ? 19  GLU A OE1 1 
ATOM   153  O OE2 . GLU A 1 19 ? -9.380  12.088  -10.767 1.00 36.73 ? 19  GLU A OE2 1 
ATOM   154  N N   . TYR A 1 20 ? -6.497  6.576   -8.795  1.00 33.29 ? 20  TYR A N   1 
ATOM   155  C CA  . TYR A 1 20 ? -6.209  5.175   -9.054  1.00 28.86 ? 20  TYR A CA  1 
ATOM   156  C C   . TYR A 1 20 ? -7.306  4.579   -9.925  1.00 29.62 ? 20  TYR A C   1 
ATOM   157  O O   . TYR A 1 20 ? -8.491  4.874   -9.738  1.00 27.43 ? 20  TYR A O   1 
ATOM   158  C CB  . TYR A 1 20 ? -6.090  4.378   -7.751  1.00 28.79 ? 20  TYR A CB  1 
ATOM   159  C CG  . TYR A 1 20 ? -4.835  4.673   -6.965  1.00 34.38 ? 20  TYR A CG  1 
ATOM   160  C CD1 . TYR A 1 20 ? -3.662  3.969   -7.204  1.00 32.91 ? 20  TYR A CD1 1 
ATOM   161  C CD2 . TYR A 1 20 ? -4.821  5.654   -5.981  1.00 32.29 ? 20  TYR A CD2 1 
ATOM   162  C CE1 . TYR A 1 20 ? -2.510  4.232   -6.487  1.00 33.13 ? 20  TYR A CE1 1 
ATOM   163  C CE2 . TYR A 1 20 ? -3.673  5.925   -5.257  1.00 33.16 ? 20  TYR A CE2 1 
ATOM   164  C CZ  . TYR A 1 20 ? -2.519  5.210   -5.516  1.00 33.79 ? 20  TYR A CZ  1 
ATOM   165  O OH  . TYR A 1 20 ? -1.370  5.474   -4.804  1.00 36.10 ? 20  TYR A OH  1 
ATOM   166  N N   . LEU A 1 21 ? -6.908  3.742   -10.876 1.00 27.95 ? 21  LEU A N   1 
ATOM   167  C CA  . LEU A 1 21 ? -7.852  3.060   -11.749 1.00 27.06 ? 21  LEU A CA  1 
ATOM   168  C C   . LEU A 1 21 ? -8.338  1.798   -11.048 1.00 27.58 ? 21  LEU A C   1 
ATOM   169  O O   . LEU A 1 21 ? -7.542  0.898   -10.755 1.00 30.59 ? 21  LEU A O   1 
ATOM   170  C CB  . LEU A 1 21 ? -7.204  2.724   -13.090 1.00 25.28 ? 21  LEU A CB  1 
ATOM   171  C CG  . LEU A 1 21 ? -8.115  2.081   -14.131 1.00 24.90 ? 21  LEU A CG  1 
ATOM   172  C CD1 . LEU A 1 21 ? -9.348  2.941   -14.348 1.00 25.70 ? 21  LEU A CD1 1 
ATOM   173  C CD2 . LEU A 1 21 ? -7.366  1.883   -15.434 1.00 29.48 ? 21  LEU A CD2 1 
ATOM   174  N N   . LEU A 1 22 ? -9.636  1.732   -10.776 1.00 23.79 ? 22  LEU A N   1 
ATOM   175  C CA  . LEU A 1 22 ? -10.216 0.668   -9.969  1.00 30.20 ? 22  LEU A CA  1 
ATOM   176  C C   . LEU A 1 22 ? -11.005 -0.293  -10.845 1.00 27.56 ? 22  LEU A C   1 
ATOM   177  O O   . LEU A 1 22 ? -11.781 0.137   -11.706 1.00 28.55 ? 22  LEU A O   1 
ATOM   178  C CB  . LEU A 1 22 ? -11.126 1.243   -8.882  1.00 25.45 ? 22  LEU A CB  1 
ATOM   179  C CG  . LEU A 1 22 ? -10.487 2.224   -7.898  1.00 23.06 ? 22  LEU A CG  1 
ATOM   180  C CD1 . LEU A 1 22 ? -11.497 2.642   -6.846  1.00 26.17 ? 22  LEU A CD1 1 
ATOM   181  C CD2 . LEU A 1 22 ? -9.275  1.589   -7.255  1.00 22.41 ? 22  LEU A CD2 1 
ATOM   182  N N   . LYS A 1 23 ? -10.804 -1.589  -10.624 1.00 29.64 ? 23  LYS A N   1 
ATOM   183  C CA  . LYS A 1 23 ? -11.683 -2.619  -11.161 1.00 33.24 ? 23  LYS A CA  1 
ATOM   184  C C   . LYS A 1 23 ? -12.646 -3.028  -10.054 1.00 33.10 ? 23  LYS A C   1 
ATOM   185  O O   . LYS A 1 23 ? -12.217 -3.509  -9.000  1.00 29.00 ? 23  LYS A O   1 
ATOM   186  C CB  . LYS A 1 23 ? -10.900 -3.828  -11.671 1.00 31.03 ? 23  LYS A CB  1 
ATOM   187  C CG  . LYS A 1 23 ? -11.579 -4.533  -12.839 1.00 35.76 ? 23  LYS A CG  1 
ATOM   188  C CD  . LYS A 1 23 ? -11.674 -6.035  -12.647 1.00 40.72 ? 23  LYS A CD  1 
ATOM   189  C CE  . LYS A 1 23 ? -12.548 -6.659  -13.733 1.00 42.29 ? 23  LYS A CE  1 
ATOM   190  N NZ  . LYS A 1 23 ? -12.765 -8.118  -13.526 1.00 66.85 ? 23  LYS A NZ  1 
ATOM   191  N N   . TRP A 1 24 ? -13.937 -2.821  -10.286 1.00 35.33 ? 24  TRP A N   1 
ATOM   192  C CA  . TRP A 1 24 ? -14.949 -3.061  -9.269  1.00 33.24 ? 24  TRP A CA  1 
ATOM   193  C C   . TRP A 1 24 ? -15.358 -4.526  -9.253  1.00 31.97 ? 24  TRP A C   1 
ATOM   194  O O   . TRP A 1 24 ? -15.483 -5.160  -10.304 1.00 29.17 ? 24  TRP A O   1 
ATOM   195  C CB  . TRP A 1 24 ? -16.172 -2.178  -9.518  1.00 29.75 ? 24  TRP A CB  1 
ATOM   196  C CG  . TRP A 1 24 ? -15.838 -0.727  -9.558  1.00 34.10 ? 24  TRP A CG  1 
ATOM   197  C CD1 . TRP A 1 24 ? -15.641 0.041   -10.670 1.00 37.19 ? 24  TRP A CD1 1 
ATOM   198  C CD2 . TRP A 1 24 ? -15.640 0.136   -8.433  1.00 35.20 ? 24  TRP A CD2 1 
ATOM   199  N NE1 . TRP A 1 24 ? -15.342 1.331   -10.305 1.00 31.23 ? 24  TRP A NE1 1 
ATOM   200  C CE2 . TRP A 1 24 ? -15.335 1.416   -8.938  1.00 30.57 ? 24  TRP A CE2 1 
ATOM   201  C CE3 . TRP A 1 24 ? -15.696 -0.048  -7.047  1.00 35.46 ? 24  TRP A CE3 1 
ATOM   202  C CZ2 . TRP A 1 24 ? -15.086 2.504   -8.106  1.00 33.29 ? 24  TRP A CZ2 1 
ATOM   203  C CZ3 . TRP A 1 24 ? -15.450 1.033   -6.223  1.00 30.96 ? 24  TRP A CZ3 1 
ATOM   204  C CH2 . TRP A 1 24 ? -15.149 2.293   -6.755  1.00 38.97 ? 24  TRP A CH2 1 
ATOM   205  N N   . LYS A 1 25 ? -15.560 -5.062  -8.050  1.00 38.85 ? 25  LYS A N   1 
ATOM   206  C CA  . LYS A 1 25 ? -16.068 -6.421  -7.920  1.00 38.26 ? 25  LYS A CA  1 
ATOM   207  C C   . LYS A 1 25 ? -17.456 -6.512  -8.535  1.00 36.11 ? 25  LYS A C   1 
ATOM   208  O O   . LYS A 1 25 ? -18.300 -5.637  -8.323  1.00 36.24 ? 25  LYS A O   1 
ATOM   209  C CB  . LYS A 1 25 ? -16.111 -6.841  -6.451  1.00 41.24 ? 25  LYS A CB  1 
ATOM   210  C CG  . LYS A 1 25 ? -16.473 -8.303  -6.243  1.00 43.46 ? 25  LYS A CG  1 
ATOM   211  C CD  . LYS A 1 25 ? -16.599 -8.649  -4.767  1.00 52.33 ? 25  LYS A CD  1 
ATOM   212  C CE  . LYS A 1 25 ? -16.837 -10.140 -4.579  1.00 58.32 ? 25  LYS A CE  1 
ATOM   213  N NZ  . LYS A 1 25 ? -17.066 -10.497 -3.153  1.00 70.52 ? 25  LYS A NZ  1 
ATOM   214  N N   . GLY A 1 26 ? -17.690 -7.570  -9.309  1.00 34.57 ? 26  GLY A N   1 
ATOM   215  C CA  . GLY A 1 26 ? -18.930 -7.727  -10.035 1.00 38.90 ? 26  GLY A CA  1 
ATOM   216  C C   . GLY A 1 26 ? -19.024 -6.921  -11.311 1.00 38.31 ? 26  GLY A C   1 
ATOM   217  O O   . GLY A 1 26 ? -19.862 -7.235  -12.166 1.00 33.18 ? 26  GLY A O   1 
ATOM   218  N N   . GLY A 1 27 ? -18.193 -5.886  -11.468 1.00 35.15 ? 27  GLY A N   1 
ATOM   219  C CA  . GLY A 1 27 ? -18.165 -5.117  -12.691 1.00 31.22 ? 27  GLY A CA  1 
ATOM   220  C C   . GLY A 1 27 ? -17.197 -5.695  -13.705 1.00 28.10 ? 27  GLY A C   1 
ATOM   221  O O   . GLY A 1 27 ? -16.366 -6.543  -13.390 1.00 30.19 ? 27  GLY A O   1 
ATOM   222  N N   . SER A 1 28 ? -17.322 -5.224  -14.942 1.00 28.39 ? 28  SER A N   1 
ATOM   223  C CA  . SER A 1 28 ? -16.466 -5.654  -16.035 1.00 31.31 ? 28  SER A CA  1 
ATOM   224  C C   . SER A 1 28 ? -15.391 -4.604  -16.302 1.00 35.35 ? 28  SER A C   1 
ATOM   225  O O   . SER A 1 28 ? -15.288 -3.585  -15.611 1.00 30.70 ? 28  SER A O   1 
ATOM   226  C CB  . SER A 1 28 ? -17.294 -5.917  -17.294 1.00 34.18 ? 28  SER A CB  1 
ATOM   227  O OG  . SER A 1 28 ? -17.843 -4.713  -17.800 1.00 35.69 ? 28  SER A OG  1 
ATOM   228  N N   . ASP A 1 29 ? -14.576 -4.861  -17.329 1.00 29.50 ? 29  ASP A N   1 
ATOM   229  C CA  . ASP A 1 29 ? -13.545 -3.904  -17.717 1.00 34.36 ? 29  ASP A CA  1 
ATOM   230  C C   . ASP A 1 29 ? -14.152 -2.593  -18.192 1.00 32.39 ? 29  ASP A C   1 
ATOM   231  O O   . ASP A 1 29 ? -13.529 -1.535  -18.057 1.00 36.64 ? 29  ASP A O   1 
ATOM   232  C CB  . ASP A 1 29 ? -12.652 -4.504  -18.805 1.00 37.10 ? 29  ASP A CB  1 
ATOM   233  C CG  . ASP A 1 29 ? -11.666 -5.518  -18.259 1.00 41.05 ? 29  ASP A CG  1 
ATOM   234  O OD1 . ASP A 1 29 ? -11.064 -5.248  -17.198 1.00 44.17 ? 29  ASP A OD1 1 
ATOM   235  O OD2 . ASP A 1 29 ? -11.493 -6.586  -18.884 1.00 41.76 ? 29  ASP A OD2 1 
ATOM   236  N N   . GLU A 1 30 ? -15.364 -2.644  -18.750 1.00 32.50 ? 30  GLU A N   1 
ATOM   237  C CA  . GLU A 1 30 ? -16.076 -1.436  -19.142 1.00 29.64 ? 30  GLU A CA  1 
ATOM   238  C C   . GLU A 1 30 ? -16.516 -0.605  -17.944 1.00 34.41 ? 30  GLU A C   1 
ATOM   239  O O   . GLU A 1 30 ? -16.878 0.564   -18.120 1.00 30.27 ? 30  GLU A O   1 
ATOM   240  C CB  . GLU A 1 30 ? -17.299 -1.796  -19.989 1.00 35.79 ? 30  GLU A CB  1 
ATOM   241  C CG  . GLU A 1 30 ? -17.000 -2.659  -21.206 1.00 34.89 ? 30  GLU A CG  1 
ATOM   242  C CD  . GLU A 1 30 ? -18.175 -2.750  -22.162 1.00 43.16 ? 30  GLU A CD  1 
ATOM   243  O OE1 . GLU A 1 30 ? -19.069 -1.880  -22.093 1.00 45.08 ? 30  GLU A OE1 1 
ATOM   244  O OE2 . GLU A 1 30 ? -18.208 -3.693  -22.982 1.00 49.49 ? 30  GLU A OE2 1 
ATOM   245  N N   . ASP A 1 31 ? -16.497 -1.176  -16.743 1.00 28.76 ? 31  ASP A N   1 
ATOM   246  C CA  . ASP A 1 31 ? -16.954 -0.500  -15.540 1.00 35.86 ? 31  ASP A CA  1 
ATOM   247  C C   . ASP A 1 31 ? -15.822 0.138   -14.746 1.00 32.96 ? 31  ASP A C   1 
ATOM   248  O O   . ASP A 1 31 ? -16.087 0.762   -13.714 1.00 28.08 ? 31  ASP A O   1 
ATOM   249  C CB  . ASP A 1 31 ? -17.716 -1.483  -14.647 1.00 25.34 ? 31  ASP A CB  1 
ATOM   250  C CG  . ASP A 1 31 ? -18.900 -2.115  -15.353 1.00 33.87 ? 31  ASP A CG  1 
ATOM   251  O OD1 . ASP A 1 31 ? -19.705 -1.370  -15.950 1.00 29.72 ? 31  ASP A OD1 1 
ATOM   252  O OD2 . ASP A 1 31 ? -19.020 -3.358  -15.317 1.00 37.52 ? 31  ASP A OD2 1 
ATOM   253  N N   . ASN A 1 32 ? -14.576 -0.009  -15.194 1.00 28.92 ? 32  ASN A N   1 
ATOM   254  C CA  . ASN A 1 32 ? -13.451 0.595   -14.492 1.00 33.09 ? 32  ASN A CA  1 
ATOM   255  C C   . ASN A 1 32 ? -13.601 2.109   -14.450 1.00 31.22 ? 32  ASN A C   1 
ATOM   256  O O   . ASN A 1 32 ? -14.055 2.730   -15.414 1.00 33.35 ? 32  ASN A O   1 
ATOM   257  C CB  . ASN A 1 32 ? -12.134 0.222   -15.173 1.00 31.99 ? 32  ASN A CB  1 
ATOM   258  C CG  . ASN A 1 32 ? -11.890 -1.268  -15.187 1.00 31.96 ? 32  ASN A CG  1 
ATOM   259  O OD1 . ASN A 1 32 ? -12.500 -2.011  -14.420 1.00 38.00 ? 32  ASN A OD1 1 
ATOM   260  N ND2 . ASN A 1 32 ? -10.995 -1.716  -16.060 1.00 26.27 ? 32  ASN A ND2 1 
ATOM   261  N N   . THR A 1 33 ? -13.225 2.705   -13.318 1.00 33.76 ? 33  THR A N   1 
ATOM   262  C CA  . THR A 1 33 ? -13.328 4.145   -13.132 1.00 29.95 ? 33  THR A CA  1 
ATOM   263  C C   . THR A 1 33 ? -12.103 4.657   -12.389 1.00 25.75 ? 33  THR A C   1 
ATOM   264  O O   . THR A 1 33 ? -11.534 3.962   -11.545 1.00 26.04 ? 33  THR A O   1 
ATOM   265  C CB  . THR A 1 33 ? -14.590 4.543   -12.349 1.00 30.68 ? 33  THR A CB  1 
ATOM   266  O OG1 . THR A 1 33 ? -14.619 3.851   -11.095 1.00 34.60 ? 33  THR A OG1 1 
ATOM   267  C CG2 . THR A 1 33 ? -15.850 4.219   -13.134 1.00 33.64 ? 33  THR A CG2 1 
ATOM   268  N N   . TRP A 1 34 ? -11.698 5.880   -12.722 1.00 26.25 ? 34  TRP A N   1 
ATOM   269  C CA  . TRP A 1 34 ? -10.644 6.570   -11.988 1.00 33.43 ? 34  TRP A CA  1 
ATOM   270  C C   . TRP A 1 34 ? -11.256 7.241   -10.767 1.00 31.17 ? 34  TRP A C   1 
ATOM   271  O O   . TRP A 1 34 ? -12.214 8.013   -10.892 1.00 29.92 ? 34  TRP A O   1 
ATOM   272  C CB  . TRP A 1 34 ? -9.951  7.606   -12.872 1.00 26.37 ? 34  TRP A CB  1 
ATOM   273  C CG  . TRP A 1 34 ? -9.024  7.034   -13.902 1.00 24.90 ? 34  TRP A CG  1 
ATOM   274  C CD1 . TRP A 1 34 ? -9.294  6.826   -15.221 1.00 26.83 ? 34  TRP A CD1 1 
ATOM   275  C CD2 . TRP A 1 34 ? -7.673  6.608   -13.696 1.00 29.03 ? 34  TRP A CD2 1 
ATOM   276  N NE1 . TRP A 1 34 ? -8.196  6.293   -15.851 1.00 32.14 ? 34  TRP A NE1 1 
ATOM   277  C CE2 . TRP A 1 34 ? -7.186  6.150   -14.937 1.00 29.47 ? 34  TRP A CE2 1 
ATOM   278  C CE3 . TRP A 1 34 ? -6.825  6.572   -12.585 1.00 29.72 ? 34  TRP A CE3 1 
ATOM   279  C CZ2 . TRP A 1 34 ? -5.892  5.659   -15.096 1.00 25.59 ? 34  TRP A CZ2 1 
ATOM   280  C CZ3 . TRP A 1 34 ? -5.543  6.083   -12.745 1.00 27.06 ? 34  TRP A CZ3 1 
ATOM   281  C CH2 . TRP A 1 34 ? -5.089  5.634   -13.990 1.00 28.31 ? 34  TRP A CH2 1 
ATOM   282  N N   . GLU A 1 35 ? -10.715 6.947   -9.588  1.00 29.91 ? 35  GLU A N   1 
ATOM   283  C CA  . GLU A 1 35 ? -11.210 7.544   -8.362  1.00 30.61 ? 35  GLU A CA  1 
ATOM   284  C C   . GLU A 1 35 ? -10.057 8.195   -7.611  1.00 29.46 ? 35  GLU A C   1 
ATOM   285  O O   . GLU A 1 35 ? -8.979  7.601   -7.488  1.00 28.29 ? 35  GLU A O   1 
ATOM   286  C CB  . GLU A 1 35 ? -11.889 6.496   -7.465  1.00 29.22 ? 35  GLU A CB  1 
ATOM   287  C CG  . GLU A 1 35 ? -13.021 5.717   -8.140  1.00 29.49 ? 35  GLU A CG  1 
ATOM   288  C CD  . GLU A 1 35 ? -14.239 6.577   -8.411  1.00 34.11 ? 35  GLU A CD  1 
ATOM   289  O OE1 . GLU A 1 35 ? -14.363 7.644   -7.777  1.00 36.62 ? 35  GLU A OE1 1 
ATOM   290  O OE2 . GLU A 1 35 ? -15.069 6.189   -9.258  1.00 32.97 ? 35  GLU A OE2 1 
ATOM   291  N N   . PRO A 1 36 ? -10.252 9.412   -7.110  1.00 26.89 ? 36  PRO A N   1 
ATOM   292  C CA  . PRO A 1 36 ? -9.218  10.042  -6.279  1.00 35.13 ? 36  PRO A CA  1 
ATOM   293  C C   . PRO A 1 36 ? -8.934  9.213   -5.035  1.00 38.14 ? 36  PRO A C   1 
ATOM   294  O O   . PRO A 1 36 ? -9.781  8.452   -4.565  1.00 31.06 ? 36  PRO A O   1 
ATOM   295  C CB  . PRO A 1 36 ? -9.826  11.405  -5.923  1.00 30.60 ? 36  PRO A CB  1 
ATOM   296  C CG  . PRO A 1 36 ? -11.294 11.268  -6.199  1.00 32.37 ? 36  PRO A CG  1 
ATOM   297  C CD  . PRO A 1 36 ? -11.404 10.298  -7.336  1.00 20.24 ? 36  PRO A CD  1 
ATOM   298  N N   . GLU A 1 37 ? -7.718  9.373   -4.503  1.00 32.14 ? 37  GLU A N   1 
ATOM   299  C CA  . GLU A 1 37 ? -7.267  8.518   -3.409  1.00 37.60 ? 37  GLU A CA  1 
ATOM   300  C C   . GLU A 1 37 ? -8.122  8.685   -2.159  1.00 39.54 ? 37  GLU A C   1 
ATOM   301  O O   . GLU A 1 37 ? -8.208  7.761   -1.342  1.00 36.73 ? 37  GLU A O   1 
ATOM   302  C CB  . GLU A 1 37 ? -5.797  8.800   -3.093  1.00 35.84 ? 37  GLU A CB  1 
ATOM   303  C CG  . GLU A 1 37 ? -5.512  10.225  -2.662  1.00 43.28 ? 37  GLU A CG  1 
ATOM   304  C CD  . GLU A 1 37 ? -4.047  10.452  -2.333  1.00 55.68 ? 37  GLU A CD  1 
ATOM   305  O OE1 . GLU A 1 37 ? -3.267  9.476   -2.365  1.00 58.60 ? 37  GLU A OE1 1 
ATOM   306  O OE2 . GLU A 1 37 ? -3.676  11.609  -2.042  1.00 47.71 ? 37  GLU A OE2 1 
ATOM   307  N N   . GLU A 1 38 ? -8.759  9.846   -1.990  1.00 38.28 ? 38  GLU A N   1 
ATOM   308  C CA  . GLU A 1 38 ? -9.612  10.055  -0.825  1.00 38.22 ? 38  GLU A CA  1 
ATOM   309  C C   . GLU A 1 38 ? -10.828 9.135   -0.855  1.00 35.84 ? 38  GLU A C   1 
ATOM   310  O O   . GLU A 1 38 ? -11.384 8.807   0.198   1.00 35.55 ? 38  GLU A O   1 
ATOM   311  C CB  . GLU A 1 38 ? -10.045 11.521  -0.751  1.00 33.42 ? 38  GLU A CB  1 
ATOM   312  C CG  . GLU A 1 38 ? -11.146 11.897  -1.734  1.00 36.04 ? 38  GLU A CG  1 
ATOM   313  C CD  . GLU A 1 38 ? -10.991 13.299  -2.287  1.00 43.63 ? 38  GLU A CD  1 
ATOM   314  O OE1 . GLU A 1 38 ? -9.841  13.772  -2.387  1.00 49.90 ? 38  GLU A OE1 1 
ATOM   315  O OE2 . GLU A 1 38 ? -12.017 13.928  -2.622  1.00 41.38 ? 38  GLU A OE2 1 
ATOM   316  N N   . ASN A 1 39 ? -11.247 8.706   -2.050  1.00 36.96 ? 39  ASN A N   1 
ATOM   317  C CA  . ASN A 1 39 ? -12.382 7.800   -2.181  1.00 32.35 ? 39  ASN A CA  1 
ATOM   318  C C   . ASN A 1 39 ? -12.035 6.371   -1.789  1.00 35.97 ? 39  ASN A C   1 
ATOM   319  O O   . ASN A 1 39 ? -12.945 5.560   -1.589  1.00 33.97 ? 39  ASN A O   1 
ATOM   320  C CB  . ASN A 1 39 ? -12.900 7.809   -3.623  1.00 28.42 ? 39  ASN A CB  1 
ATOM   321  C CG  . ASN A 1 39 ? -13.782 9.001   -3.927  1.00 32.79 ? 39  ASN A CG  1 
ATOM   322  O OD1 . ASN A 1 39 ? -13.826 9.965   -3.169  1.00 38.69 ? 39  ASN A OD1 1 
ATOM   323  N ND2 . ASN A 1 39 ? -14.489 8.940   -5.049  1.00 31.25 ? 39  ASN A ND2 1 
ATOM   324  N N   . LEU A 1 40 ? -10.752 6.046   -1.675  1.00 34.72 ? 40  LEU A N   1 
ATOM   325  C CA  . LEU A 1 40 ? -10.317 4.660   -1.589  1.00 32.57 ? 40  LEU A CA  1 
ATOM   326  C C   . LEU A 1 40 ? -10.198 4.202   -0.143  1.00 36.52 ? 40  LEU A C   1 
ATOM   327  O O   . LEU A 1 40 ? -9.615  4.890   0.700   1.00 36.92 ? 40  LEU A O   1 
ATOM   328  C CB  . LEU A 1 40 ? -8.977  4.475   -2.307  1.00 37.85 ? 40  LEU A CB  1 
ATOM   329  C CG  . LEU A 1 40 ? -9.031  4.188   -3.815  1.00 38.87 ? 40  LEU A CG  1 
ATOM   330  C CD1 . LEU A 1 40 ? -9.839  5.230   -4.572  1.00 33.22 ? 40  LEU A CD1 1 
ATOM   331  C CD2 . LEU A 1 40 ? -7.638  4.090   -4.402  1.00 46.87 ? 40  LEU A CD2 1 
ATOM   332  N N   . ASP A 1 41 ? -10.770 3.035   0.135   1.00 35.26 ? 41  ASP A N   1 
ATOM   333  C CA  . ASP A 1 41 ? -10.612 2.339   1.403   1.00 39.62 ? 41  ASP A CA  1 
ATOM   334  C C   . ASP A 1 41 ? -10.127 0.920   1.147   1.00 42.81 ? 41  ASP A C   1 
ATOM   335  O O   . ASP A 1 41 ? -10.636 -0.050  1.716   1.00 41.33 ? 41  ASP A O   1 
ATOM   336  C CB  . ASP A 1 41 ? -11.913 2.340   2.204   1.00 40.99 ? 41  ASP A CB  1 
ATOM   337  C CG  . ASP A 1 41 ? -11.713 1.902   3.644   1.00 43.34 ? 41  ASP A CG  1 
ATOM   338  O OD1 . ASP A 1 41 ? -10.547 1.763   4.071   1.00 40.12 ? 41  ASP A OD1 1 
ATOM   339  O OD2 . ASP A 1 41 ? -12.722 1.691   4.347   1.00 45.00 ? 41  ASP A OD2 1 
ATOM   340  N N   . CYS A 1 42 ? -9.147  0.782   0.258   1.00 35.79 ? 42  CYS A N   1 
ATOM   341  C CA  . CYS A 1 42 ? -8.556  -0.508  -0.092  1.00 35.94 ? 42  CYS A CA  1 
ATOM   342  C C   . CYS A 1 42 ? -7.040  -0.378  -0.051  1.00 43.42 ? 42  CYS A C   1 
ATOM   343  O O   . CYS A 1 42 ? -6.369  -0.429  -1.089  1.00 39.58 ? 42  CYS A O   1 
ATOM   344  C CB  . CYS A 1 42 ? -9.037  -0.974  -1.465  1.00 42.14 ? 42  CYS A CB  1 
ATOM   345  S SG  . CYS A 1 42 ? -8.950  0.293   -2.751  1.00 39.85 ? 42  CYS A SG  1 
ATOM   346  N N   . PRO A 1 43 ? -6.464  -0.204  1.142   1.00 41.74 ? 43  PRO A N   1 
ATOM   347  C CA  . PRO A 1 43 ? -5.005  -0.032  1.222   1.00 43.30 ? 43  PRO A CA  1 
ATOM   348  C C   . PRO A 1 43 ? -4.234  -1.247  0.744   1.00 41.76 ? 43  PRO A C   1 
ATOM   349  O O   . PRO A 1 43 ? -3.176  -1.104  0.120   1.00 41.73 ? 43  PRO A O   1 
ATOM   350  C CB  . PRO A 1 43 ? -4.773  0.242   2.715   1.00 42.78 ? 43  PRO A CB  1 
ATOM   351  C CG  . PRO A 1 43 ? -5.936  -0.400  3.399   1.00 42.77 ? 43  PRO A CG  1 
ATOM   352  C CD  . PRO A 1 43 ? -7.099  -0.207  2.473   1.00 41.30 ? 43  PRO A CD  1 
ATOM   353  N N   . ASP A 1 44 ? -4.744  -2.448  1.026   1.00 39.52 ? 44  ASP A N   1 
ATOM   354  C CA  . ASP A 1 44 ? -4.068  -3.665  0.590   1.00 41.47 ? 44  ASP A CA  1 
ATOM   355  C C   . ASP A 1 44 ? -3.960  -3.722  -0.929  1.00 40.12 ? 44  ASP A C   1 
ATOM   356  O O   . ASP A 1 44 ? -2.927  -4.133  -1.469  1.00 38.76 ? 44  ASP A O   1 
ATOM   357  C CB  . ASP A 1 44 ? -4.808  -4.888  1.128   1.00 42.79 ? 44  ASP A CB  1 
ATOM   358  C CG  . ASP A 1 44 ? -4.852  -4.920  2.643   1.00 46.72 ? 44  ASP A CG  1 
ATOM   359  O OD1 . ASP A 1 44 ? -3.830  -5.278  3.264   1.00 45.74 ? 44  ASP A OD1 1 
ATOM   360  O OD2 . ASP A 1 44 ? -5.907  -4.568  3.214   1.00 48.02 ? 44  ASP A OD2 1 
ATOM   361  N N   . LEU A 1 45 ? -5.015  -3.308  -1.634  1.00 38.87 ? 45  LEU A N   1 
ATOM   362  C CA  . LEU A 1 45 ? -4.985  -3.329  -3.093  1.00 41.67 ? 45  LEU A CA  1 
ATOM   363  C C   . LEU A 1 45 ? -4.104  -2.219  -3.654  1.00 37.40 ? 45  LEU A C   1 
ATOM   364  O O   . LEU A 1 45 ? -3.452  -2.406  -4.688  1.00 37.03 ? 45  LEU A O   1 
ATOM   365  C CB  . LEU A 1 45 ? -6.405  -3.222  -3.653  1.00 36.15 ? 45  LEU A CB  1 
ATOM   366  C CG  . LEU A 1 45 ? -7.328  -4.422  -3.431  1.00 37.90 ? 45  LEU A CG  1 
ATOM   367  C CD1 . LEU A 1 45 ? -8.636  -4.234  -4.186  1.00 34.12 ? 45  LEU A CD1 1 
ATOM   368  C CD2 . LEU A 1 45 ? -6.642  -5.712  -3.856  1.00 41.64 ? 45  LEU A CD2 1 
ATOM   369  N N   . ILE A 1 46 ? -4.076  -1.058  -2.993  1.00 36.83 ? 46  ILE A N   1 
ATOM   370  C CA  . ILE A 1 46 ? -3.201  0.028   -3.429  1.00 38.94 ? 46  ILE A CA  1 
ATOM   371  C C   . ILE A 1 46 ? -1.743  -0.399  -3.335  1.00 38.03 ? 46  ILE A C   1 
ATOM   372  O O   . ILE A 1 46 ? -0.964  -0.235  -4.281  1.00 36.26 ? 46  ILE A O   1 
ATOM   373  C CB  . ILE A 1 46 ? -3.457  1.297   -2.597  1.00 36.22 ? 46  ILE A CB  1 
ATOM   374  C CG1 . ILE A 1 46 ? -4.799  1.932   -2.956  1.00 31.06 ? 46  ILE A CG1 1 
ATOM   375  C CG2 . ILE A 1 46 ? -2.331  2.298   -2.805  1.00 34.38 ? 46  ILE A CG2 1 
ATOM   376  C CD1 . ILE A 1 46 ? -5.069  3.209   -2.191  1.00 39.22 ? 46  ILE A CD1 1 
ATOM   377  N N   . ALA A 1 47 ? -1.354  -0.944  -2.180  1.00 36.65 ? 47  ALA A N   1 
ATOM   378  C CA  . ALA A 1 47 ? 0.036   -1.334  -1.969  1.00 39.58 ? 47  ALA A CA  1 
ATOM   379  C C   . ALA A 1 47 ? 0.453   -2.440  -2.928  1.00 45.44 ? 47  ALA A C   1 
ATOM   380  O O   . ALA A 1 47 ? 1.575   -2.430  -3.447  1.00 43.13 ? 47  ALA A O   1 
ATOM   381  C CB  . ALA A 1 47 ? 0.243   -1.775  -0.521  1.00 43.43 ? 47  ALA A CB  1 
ATOM   382  N N   . GLU A 1 48 ? -0.437  -3.407  -3.172  1.00 47.49 ? 48  GLU A N   1 
ATOM   383  C CA  . GLU A 1 48 ? -0.134  -4.474  -4.120  1.00 46.13 ? 48  GLU A CA  1 
ATOM   384  C C   . GLU A 1 48 ? 0.177   -3.910  -5.499  1.00 42.15 ? 48  GLU A C   1 
ATOM   385  O O   . GLU A 1 48 ? 1.122   -4.353  -6.160  1.00 41.38 ? 48  GLU A O   1 
ATOM   386  C CB  . GLU A 1 48 ? -1.301  -5.457  -4.202  1.00 45.07 ? 48  GLU A CB  1 
ATOM   387  C CG  . GLU A 1 48 ? -1.415  -6.402  -3.019  1.00 51.82 ? 48  GLU A CG  1 
ATOM   388  C CD  . GLU A 1 48 ? -2.671  -7.249  -3.080  1.00 60.06 ? 48  GLU A CD  1 
ATOM   389  O OE1 . GLU A 1 48 ? -3.093  -7.769  -2.025  1.00 63.27 ? 48  GLU A OE1 1 
ATOM   390  O OE2 . GLU A 1 48 ? -3.239  -7.391  -4.184  1.00 54.81 ? 48  GLU A OE2 1 
ATOM   391  N N   . PHE A 1 49 ? -0.607  -2.928  -5.947  1.00 35.14 ? 49  PHE A N   1 
ATOM   392  C CA  . PHE A 1 49 ? -0.361  -2.329  -7.253  1.00 38.45 ? 49  PHE A CA  1 
ATOM   393  C C   . PHE A 1 49 ? 0.978   -1.602  -7.286  1.00 40.57 ? 49  PHE A C   1 
ATOM   394  O O   . PHE A 1 49 ? 1.777   -1.792  -8.211  1.00 39.08 ? 49  PHE A O   1 
ATOM   395  C CB  . PHE A 1 49 ? -1.486  -1.365  -7.617  1.00 34.23 ? 49  PHE A CB  1 
ATOM   396  C CG  . PHE A 1 49 ? -1.124  -0.428  -8.728  1.00 36.08 ? 49  PHE A CG  1 
ATOM   397  C CD1 . PHE A 1 49 ? -1.060  -0.880  -10.035 1.00 36.93 ? 49  PHE A CD1 1 
ATOM   398  C CD2 . PHE A 1 49 ? -0.823  0.898   -8.466  1.00 37.81 ? 49  PHE A CD2 1 
ATOM   399  C CE1 . PHE A 1 49 ? -0.714  -0.026  -11.062 1.00 33.61 ? 49  PHE A CE1 1 
ATOM   400  C CE2 . PHE A 1 49 ? -0.478  1.759   -9.489  1.00 36.36 ? 49  PHE A CE2 1 
ATOM   401  C CZ  . PHE A 1 49 ? -0.422  1.295   -10.787 1.00 36.08 ? 49  PHE A CZ  1 
ATOM   402  N N   . LEU A 1 50 ? 1.227   -0.747  -6.293  1.00 41.47 ? 50  LEU A N   1 
ATOM   403  C CA  . LEU A 1 50 ? 2.454   0.042   -6.279  1.00 40.69 ? 50  LEU A CA  1 
ATOM   404  C C   . LEU A 1 50 ? 3.679   -0.859  -6.189  1.00 42.51 ? 50  LEU A C   1 
ATOM   405  O O   . LEU A 1 50 ? 4.670   -0.652  -6.898  1.00 50.20 ? 50  LEU A O   1 
ATOM   406  C CB  . LEU A 1 50 ? 2.421   1.035   -5.118  1.00 39.42 ? 50  LEU A CB  1 
ATOM   407  C CG  . LEU A 1 50 ? 1.389   2.154   -5.268  1.00 39.71 ? 50  LEU A CG  1 
ATOM   408  C CD1 . LEU A 1 50 ? 1.292   2.973   -3.998  1.00 39.73 ? 50  LEU A CD1 1 
ATOM   409  C CD2 . LEU A 1 50 ? 1.743   3.043   -6.447  1.00 36.65 ? 50  LEU A CD2 1 
ATOM   410  N N   . GLN A 1 51 ? 3.628   -1.868  -5.319  1.00 45.75 ? 51  GLN A N   1 
ATOM   411  C CA  . GLN A 1 51 ? 4.691   -2.865  -5.285  1.00 47.08 ? 51  GLN A CA  1 
ATOM   412  C C   . GLN A 1 51 ? 4.827   -3.570  -6.627  1.00 50.80 ? 51  GLN A C   1 
ATOM   413  O O   . GLN A 1 51 ? 5.913   -4.048  -6.974  1.00 51.34 ? 51  GLN A O   1 
ATOM   414  C CB  . GLN A 1 51 ? 4.420   -3.887  -4.178  1.00 45.99 ? 51  GLN A CB  1 
ATOM   415  C CG  . GLN A 1 51 ? 4.512   -3.344  -2.754  1.00 48.38 ? 51  GLN A CG  1 
ATOM   416  C CD  . GLN A 1 51 ? 3.992   -4.334  -1.725  1.00 54.08 ? 51  GLN A CD  1 
ATOM   417  O OE1 . GLN A 1 51 ? 3.371   -5.337  -2.074  1.00 58.78 ? 51  GLN A OE1 1 
ATOM   418  N NE2 . GLN A 1 51 ? 4.246   -4.057  -0.451  1.00 63.39 ? 51  GLN A NE2 1 
ATOM   419  N N   . SER A 1 52 ? 3.744   -3.629  -7.403  1.00 47.01 ? 52  SER A N   1 
ATOM   420  C CA  . SER A 1 52 ? 3.768   -4.391  -8.643  1.00 52.41 ? 52  SER A CA  1 
ATOM   421  C C   . SER A 1 52 ? 4.378   -3.612  -9.801  1.00 49.40 ? 52  SER A C   1 
ATOM   422  O O   . SER A 1 52 ? 4.751   -4.224  -10.808 1.00 53.18 ? 52  SER A O   1 
ATOM   423  C CB  . SER A 1 52 ? 2.356   -4.841  -9.008  1.00 48.68 ? 52  SER A CB  1 
ATOM   424  O OG  . SER A 1 52 ? 2.395   -5.903  -9.940  1.00 62.19 ? 52  SER A OG  1 
ATOM   425  N N   . GLN A 1 53 ? 4.473   -2.282  -9.696  1.00 49.59 ? 53  GLN A N   1 
ATOM   426  C CA  . GLN A 1 53 ? 5.219   -1.528  -10.702 1.00 54.05 ? 53  GLN A CA  1 
ATOM   427  C C   . GLN A 1 53 ? 6.662   -1.997  -10.753 1.00 57.17 ? 53  GLN A C   1 
ATOM   428  O O   . GLN A 1 53 ? 7.205   -2.262  -11.832 1.00 61.52 ? 53  GLN A O   1 
ATOM   429  C CB  . GLN A 1 53 ? 5.197   -0.024  -10.415 1.00 52.33 ? 53  GLN A CB  1 
ATOM   430  C CG  . GLN A 1 53 ? 3.970   0.518   -9.738  1.00 49.61 ? 53  GLN A CG  1 
ATOM   431  C CD  . GLN A 1 53 ? 4.279   1.810   -8.996  1.00 53.55 ? 53  GLN A CD  1 
ATOM   432  O OE1 . GLN A 1 53 ? 5.111   1.835   -8.086  1.00 50.93 ? 53  GLN A OE1 1 
ATOM   433  N NE2 . GLN A 1 53 ? 3.610   2.887   -9.380  1.00 52.00 ? 53  GLN A NE2 1 
ATOM   434  N N   . LYS A 1 54 ? 7.303   -2.097  -9.598  1.00 57.76 ? 54  LYS A N   1 
ATOM   435  C CA  . LYS A 1 54 ? 8.692   -2.520  -9.554  1.00 64.63 ? 54  LYS A CA  1 
ATOM   436  C C   . LYS A 1 54 ? 8.882   -3.855  -8.848  1.00 65.84 ? 54  LYS A C   1 
ATOM   437  O O   . LYS A 1 54 ? 8.252   -4.853  -9.194  1.00 67.44 ? 54  LYS A O   1 
ATOM   438  C CB  . LYS A 1 54 ? 9.564   -1.478  -8.857  1.00 69.56 ? 54  LYS A CB  1 
ATOM   439  N N   . THR B 2 3  ? -8.977  -7.298  5.380   1.00 61.09 ? 3   THR C N   1 
ATOM   440  C CA  . THR B 2 3  ? -10.163 -6.477  5.587   1.00 60.63 ? 3   THR C CA  1 
ATOM   441  C C   . THR B 2 3  ? -10.898 -6.245  4.273   1.00 57.24 ? 3   THR C C   1 
ATOM   442  O O   . THR B 2 3  ? -10.407 -6.610  3.205   1.00 56.71 ? 3   THR C O   1 
ATOM   443  C CB  . THR B 2 3  ? -9.808  -5.116  6.216   1.00 54.94 ? 3   THR C CB  1 
ATOM   444  N N   . LYS B 2 4  ? -12.076 -5.634  4.359   1.00 56.77 ? 4   LYS C N   1 
ATOM   445  C CA  . LYS B 2 4  ? -12.880 -5.383  3.170   1.00 52.59 ? 4   LYS C CA  1 
ATOM   446  C C   . LYS B 2 4  ? -12.252 -4.270  2.339   1.00 55.33 ? 4   LYS C C   1 
ATOM   447  O O   . LYS B 2 4  ? -11.998 -3.171  2.842   1.00 46.49 ? 4   LYS C O   1 
ATOM   448  C CB  . LYS B 2 4  ? -14.306 -5.010  3.567   1.00 51.61 ? 4   LYS C CB  1 
ATOM   449  C CG  . LYS B 2 4  ? -15.371 -5.460  2.583   1.00 50.13 ? 4   LYS C CG  1 
ATOM   450  C CD  . LYS B 2 4  ? -16.763 -5.203  3.138   1.00 52.74 ? 4   LYS C CD  1 
ATOM   451  C CE  . LYS B 2 4  ? -17.792 -6.105  2.477   1.00 45.15 ? 4   LYS C CE  1 
ATOM   452  N NZ  . LYS B 2 4  ? -19.159 -5.884  3.025   1.00 57.40 ? 4   LYS C NZ  1 
ATOM   453  N N   . GLN B 2 5  ? -11.995 -4.559  1.066   1.00 48.87 ? 5   GLN C N   1 
ATOM   454  C CA  . GLN B 2 5  ? -11.438 -3.578  0.139   1.00 39.79 ? 5   GLN C CA  1 
ATOM   455  C C   . GLN B 2 5  ? -12.603 -2.871  -0.541  1.00 35.39 ? 5   GLN C C   1 
ATOM   456  O O   . GLN B 2 5  ? -13.257 -3.433  -1.422  1.00 37.30 ? 5   GLN C O   1 
ATOM   457  C CB  . GLN B 2 5  ? -10.518 -4.253  -0.872  1.00 41.71 ? 5   GLN C CB  1 
ATOM   458  C CG  . GLN B 2 5  ? -9.476  -5.173  -0.249  1.00 36.08 ? 5   GLN C CG  1 
ATOM   459  C CD  . GLN B 2 5  ? -8.495  -4.438  0.645   1.00 46.21 ? 5   GLN C CD  1 
ATOM   460  O OE1 . GLN B 2 5  ? -7.743  -3.579  0.188   1.00 44.31 ? 5   GLN C OE1 1 
ATOM   461  N NE2 . GLN B 2 5  ? -8.497  -4.776  1.929   1.00 49.98 ? 5   GLN C NE2 1 
ATOM   462  N N   . THR B 2 6  ? -12.875 -1.638  -0.122  1.00 32.52 ? 6   THR C N   1 
ATOM   463  C CA  . THR B 2 6  ? -13.981 -0.856  -0.651  1.00 40.42 ? 6   THR C CA  1 
ATOM   464  C C   . THR B 2 6  ? -13.458 0.470   -1.182  1.00 35.80 ? 6   THR C C   1 
ATOM   465  O O   . THR B 2 6  ? -12.313 0.857   -0.935  1.00 38.52 ? 6   THR C O   1 
ATOM   466  C CB  . THR B 2 6  ? -15.060 -0.598  0.414   1.00 41.59 ? 6   THR C CB  1 
ATOM   467  O OG1 . THR B 2 6  ? -14.545 0.294   1.411   1.00 40.21 ? 6   THR C OG1 1 
ATOM   468  C CG2 . THR B 2 6  ? -15.490 -1.897  1.080   1.00 35.95 ? 6   THR C CG2 1 
ATOM   469  N N   . ALA B 2 7  ? -14.315 1.172   -1.918  1.00 29.31 ? 7   ALA C N   1 
ATOM   470  C CA  . ALA B 2 7  ? -13.987 2.509   -2.385  1.00 38.67 ? 7   ALA C CA  1 
ATOM   471  C C   . ALA B 2 7  ? -15.268 3.228   -2.765  1.00 35.32 ? 7   ALA C C   1 
ATOM   472  O O   . ALA B 2 7  ? -16.243 2.605   -3.191  1.00 30.45 ? 7   ALA C O   1 
ATOM   473  C CB  . ALA B 2 7  ? -13.029 2.489   -3.580  1.00 30.89 ? 7   ALA C CB  1 
ATOM   474  N N   . ARG B 2 8  ? -15.246 4.546   -2.608  1.00 35.54 ? 8   ARG C N   1 
ATOM   475  C CA  . ARG B 2 8  ? -16.358 5.387   -3.015  1.00 36.81 ? 8   ARG C CA  1 
ATOM   476  C C   . ARG B 2 8  ? -16.298 5.603   -4.522  1.00 33.44 ? 8   ARG C C   1 
ATOM   477  O O   . ARG B 2 8  ? -15.216 5.745   -5.093  1.00 33.49 ? 8   ARG C O   1 
ATOM   478  C CB  . ARG B 2 8  ? -16.316 6.724   -2.271  1.00 33.81 ? 8   ARG C CB  1 
ATOM   479  C CG  . ARG B 2 8  ? -17.533 7.604   -2.477  1.00 38.19 ? 8   ARG C CG  1 
ATOM   480  C CD  . ARG B 2 8  ? -17.487 8.818   -1.560  1.00 37.18 ? 8   ARG C CD  1 
ATOM   481  N NE  . ARG B 2 8  ? -18.640 9.691   -1.750  1.00 48.79 ? 8   ARG C NE  1 
ATOM   482  C CZ  . ARG B 2 8  ? -18.673 10.709  -2.603  1.00 52.22 ? 8   ARG C CZ  1 
ATOM   483  N NH1 . ARG B 2 8  ? -19.765 11.452  -2.712  1.00 54.21 ? 8   ARG C NH1 1 
ATOM   484  N NH2 . ARG B 2 8  ? -17.610 10.986  -3.348  1.00 52.33 ? 8   ARG C NH2 1 
HETATM 485  N N   . FQA B 2 9  ? -17.459 5.618   -5.168  1.00 28.52 ? 9   FQA C N   1 
HETATM 486  C CA  . FQA B 2 9  ? -17.515 5.790   -6.650  1.00 42.01 ? 9   FQA C CA  1 
HETATM 487  C C   . FQA B 2 9  ? -18.157 7.105   -6.987  1.00 42.10 ? 9   FQA C C   1 
HETATM 488  O O   . FQA B 2 9  ? -19.314 7.346   -6.644  1.00 40.98 ? 9   FQA C O   1 
HETATM 489  C CB  . FQA B 2 9  ? -18.282 4.635   -7.290  1.00 34.37 ? 9   FQA C CB  1 
HETATM 490  C CG  . FQA B 2 9  ? -18.358 4.777   -8.806  1.00 32.25 ? 9   FQA C CG  1 
HETATM 491  C CD  . FQA B 2 9  ? -19.330 3.769   -9.419  1.00 37.22 ? 9   FQA C CD  1 
HETATM 492  C CE  . FQA B 2 9  ? -18.830 2.336   -9.278  1.00 33.29 ? 9   FQA C CE  1 
HETATM 493  N NZ  . FQA B 2 9  ? -19.701 1.370   -9.927  1.00 30.46 ? 9   FQA C NZ  1 
HETATM 494  C CH  . FQA B 2 9  ? -19.192 0.041   -9.648  1.00 30.92 ? 9   FQA C CH  1 
HETATM 495  C C1  . FQA B 2 9  ? -19.882 -1.074  -10.404 1.00 32.29 ? 9   FQA C C1  1 
HETATM 496  C C2  . FQA B 2 9  ? -19.846 -2.367  -9.892  1.00 30.49 ? 9   FQA C C2  1 
HETATM 497  C C3  . FQA B 2 9  ? -20.471 -3.407  -10.570 1.00 36.85 ? 9   FQA C C3  1 
HETATM 498  C C4  . FQA B 2 9  ? -21.135 -3.157  -11.766 1.00 34.18 ? 9   FQA C C4  1 
HETATM 499  C C5  . FQA B 2 9  ? -21.169 -1.866  -12.280 1.00 39.65 ? 9   FQA C C5  1 
HETATM 500  C C6  . FQA B 2 9  ? -20.544 -0.825  -11.601 1.00 33.47 ? 9   FQA C C6  1 
ATOM   501  N N   . SER B 2 10 ? -17.406 7.972   -7.659  1.00 45.91 ? 10  SER C N   1 
ATOM   502  C CA  . SER B 2 10 ? -17.926 9.266   -8.090  1.00 56.67 ? 10  SER C CA  1 
ATOM   503  C C   . SER B 2 10 ? -18.519 9.177   -9.491  1.00 43.96 ? 10  SER C C   1 
ATOM   504  O O   . SER B 2 10 ? -18.158 8.298   -10.271 1.00 54.03 ? 10  SER C O   1 
ATOM   505  C CB  . SER B 2 10 ? -16.828 10.331  -8.053  1.00 40.90 ? 10  SER C CB  1 
ATOM   506  O OG  . SER B 2 10 ? -16.508 10.690  -6.720  1.00 63.45 ? 10  SER C OG  1 
ATOM   507  N N   . GLY C 1 1  ? 8.166   -11.368 16.513  1.00 44.81 ? 1   GLY B N   1 
ATOM   508  C CA  . GLY C 1 1  ? 6.898   -10.764 16.874  1.00 42.22 ? 1   GLY B CA  1 
ATOM   509  C C   . GLY C 1 1  ? 6.493   -9.626  15.959  1.00 37.62 ? 1   GLY B C   1 
ATOM   510  O O   . GLY C 1 1  ? 7.273   -9.198  15.107  1.00 41.22 ? 1   GLY B O   1 
ATOM   511  N N   . GLU C 1 2  ? 5.269   -9.135  16.131  1.00 34.88 ? 2   GLU B N   1 
ATOM   512  C CA  . GLU C 1 2  ? 4.748   -8.032  15.336  1.00 38.13 ? 2   GLU B CA  1 
ATOM   513  C C   . GLU C 1 2  ? 4.861   -6.731  16.118  1.00 38.70 ? 2   GLU B C   1 
ATOM   514  O O   . GLU C 1 2  ? 4.381   -6.641  17.253  1.00 28.97 ? 2   GLU B O   1 
ATOM   515  C CB  . GLU C 1 2  ? 3.291   -8.277  14.940  1.00 34.41 ? 2   GLU B CB  1 
ATOM   516  C CG  . GLU C 1 2  ? 3.113   -9.262  13.801  1.00 38.01 ? 2   GLU B CG  1 
ATOM   517  C CD  . GLU C 1 2  ? 1.703   -9.252  13.247  1.00 46.53 ? 2   GLU B CD  1 
ATOM   518  O OE1 . GLU C 1 2  ? 0.774   -9.675  13.966  1.00 54.50 ? 2   GLU B OE1 1 
ATOM   519  O OE2 . GLU C 1 2  ? 1.525   -8.808  12.093  1.00 48.32 ? 2   GLU B OE2 1 
ATOM   520  N N   . PHE C 1 3  ? 5.491   -5.731  15.509  1.00 26.71 ? 3   PHE B N   1 
ATOM   521  C CA  . PHE C 1 3  ? 5.624   -4.405  16.090  1.00 30.41 ? 3   PHE B CA  1 
ATOM   522  C C   . PHE C 1 3  ? 4.935   -3.388  15.192  1.00 35.34 ? 3   PHE B C   1 
ATOM   523  O O   . PHE C 1 3  ? 4.659   -3.653  14.020  1.00 32.33 ? 3   PHE B O   1 
ATOM   524  C CB  . PHE C 1 3  ? 7.094   -4.014  16.274  1.00 31.25 ? 3   PHE B CB  1 
ATOM   525  C CG  . PHE C 1 3  ? 7.863   -4.937  17.170  1.00 35.29 ? 3   PHE B CG  1 
ATOM   526  C CD1 . PHE C 1 3  ? 8.398   -6.116  16.678  1.00 37.21 ? 3   PHE B CD1 1 
ATOM   527  C CD2 . PHE C 1 3  ? 8.064   -4.619  18.503  1.00 36.95 ? 3   PHE B CD2 1 
ATOM   528  C CE1 . PHE C 1 3  ? 9.110   -6.965  17.502  1.00 34.59 ? 3   PHE B CE1 1 
ATOM   529  C CE2 . PHE C 1 3  ? 8.777   -5.463  19.330  1.00 33.25 ? 3   PHE B CE2 1 
ATOM   530  C CZ  . PHE C 1 3  ? 9.301   -6.638  18.828  1.00 37.23 ? 3   PHE B CZ  1 
ATOM   531  N N   . VAL C 1 4  ? 4.661   -2.215  15.751  1.00 35.41 ? 4   VAL B N   1 
ATOM   532  C CA  . VAL C 1 4  ? 4.051   -1.134  14.984  1.00 38.37 ? 4   VAL B CA  1 
ATOM   533  C C   . VAL C 1 4  ? 5.136   -0.417  14.191  1.00 30.94 ? 4   VAL B C   1 
ATOM   534  O O   . VAL C 1 4  ? 6.262   -0.237  14.669  1.00 28.74 ? 4   VAL B O   1 
ATOM   535  C CB  . VAL C 1 4  ? 3.298   -0.165  15.914  1.00 32.36 ? 4   VAL B CB  1 
ATOM   536  C CG1 . VAL C 1 4  ? 2.467   0.816   15.099  1.00 34.06 ? 4   VAL B CG1 1 
ATOM   537  C CG2 . VAL C 1 4  ? 2.420   -0.937  16.893  1.00 35.51 ? 4   VAL B CG2 1 
ATOM   538  N N   . VAL C 1 5  ? 4.804   -0.010  12.969  1.00 33.05 ? 5   VAL B N   1 
ATOM   539  C CA  . VAL C 1 5  ? 5.744   0.658   12.075  1.00 31.80 ? 5   VAL B CA  1 
ATOM   540  C C   . VAL C 1 5  ? 5.386   2.133   12.006  1.00 35.41 ? 5   VAL B C   1 
ATOM   541  O O   . VAL C 1 5  ? 4.219   2.490   11.802  1.00 33.23 ? 5   VAL B O   1 
ATOM   542  C CB  . VAL C 1 5  ? 5.734   0.036   10.669  1.00 38.62 ? 5   VAL B CB  1 
ATOM   543  C CG1 . VAL C 1 5  ? 6.713   0.775   9.754   1.00 35.85 ? 5   VAL B CG1 1 
ATOM   544  C CG2 . VAL C 1 5  ? 6.064   -1.441  10.743  1.00 34.50 ? 5   VAL B CG2 1 
ATOM   545  N N   . GLU C 1 6  ? 6.393   2.988   12.174  1.00 37.26 ? 6   GLU B N   1 
ATOM   546  C CA  . GLU C 1 6  ? 6.178   4.423   12.050  1.00 36.77 ? 6   GLU B CA  1 
ATOM   547  C C   . GLU C 1 6  ? 6.258   4.870   10.593  1.00 36.74 ? 6   GLU B C   1 
ATOM   548  O O   . GLU C 1 6  ? 5.392   5.613   10.118  1.00 32.47 ? 6   GLU B O   1 
ATOM   549  C CB  . GLU C 1 6  ? 7.199   5.173   12.909  1.00 39.52 ? 6   GLU B CB  1 
ATOM   550  C CG  . GLU C 1 6  ? 7.025   6.679   12.914  1.00 53.48 ? 6   GLU B CG  1 
ATOM   551  C CD  . GLU C 1 6  ? 8.049   7.375   13.786  1.00 57.72 ? 6   GLU B CD  1 
ATOM   552  O OE1 . GLU C 1 6  ? 8.095   7.094   15.002  1.00 68.79 ? 6   GLU B OE1 1 
ATOM   553  O OE2 . GLU C 1 6  ? 8.821   8.198   13.249  1.00 68.06 ? 6   GLU B OE2 1 
ATOM   554  N N   . LYS C 1 7  ? 7.277   4.416   9.864   1.00 32.99 ? 7   LYS B N   1 
ATOM   555  C CA  . LYS C 1 7  ? 7.482   4.864   8.494   1.00 36.52 ? 7   LYS B CA  1 
ATOM   556  C C   . LYS C 1 7  ? 8.372   3.872   7.756   1.00 34.67 ? 7   LYS B C   1 
ATOM   557  O O   . LYS C 1 7  ? 9.203   3.190   8.361   1.00 29.68 ? 7   LYS B O   1 
ATOM   558  C CB  . LYS C 1 7  ? 8.104   6.266   8.464   1.00 36.66 ? 7   LYS B CB  1 
ATOM   559  C CG  . LYS C 1 7  ? 8.151   6.919   7.090   1.00 33.06 ? 7   LYS B CG  1 
ATOM   560  C CD  . LYS C 1 7  ? 8.835   8.273   7.156   1.00 42.98 ? 7   LYS B CD  1 
ATOM   561  C CE  . LYS C 1 7  ? 9.247   8.749   5.775   1.00 48.50 ? 7   LYS B CE  1 
ATOM   562  N NZ  . LYS C 1 7  ? 10.011  10.025  5.841   1.00 43.10 ? 7   LYS B NZ  1 
ATOM   563  N N   . VAL C 1 8  ? 8.183   3.804   6.440   1.00 30.28 ? 8   VAL B N   1 
ATOM   564  C CA  . VAL C 1 8  ? 9.025   3.011   5.551   1.00 35.01 ? 8   VAL B CA  1 
ATOM   565  C C   . VAL C 1 8  ? 10.035  3.949   4.907   1.00 30.67 ? 8   VAL B C   1 
ATOM   566  O O   . VAL C 1 8  ? 9.656   4.943   4.276   1.00 35.09 ? 8   VAL B O   1 
ATOM   567  C CB  . VAL C 1 8  ? 8.190   2.282   4.489   1.00 30.77 ? 8   VAL B CB  1 
ATOM   568  C CG1 . VAL C 1 8  ? 9.099   1.574   3.499   1.00 31.71 ? 8   VAL B CG1 1 
ATOM   569  C CG2 . VAL C 1 8  ? 7.251   1.293   5.154   1.00 45.84 ? 8   VAL B CG2 1 
ATOM   570  N N   . LEU C 1 9  ? 11.320  3.630   5.052   1.00 28.91 ? 9   LEU B N   1 
ATOM   571  C CA  . LEU C 1 9  ? 12.384  4.541   4.651   1.00 32.36 ? 9   LEU B CA  1 
ATOM   572  C C   . LEU C 1 9  ? 13.016  4.200   3.311   1.00 34.02 ? 9   LEU B C   1 
ATOM   573  O O   . LEU C 1 9  ? 13.389  5.114   2.570   1.00 36.33 ? 9   LEU B O   1 
ATOM   574  C CB  . LEU C 1 9  ? 13.485  4.571   5.715   1.00 29.35 ? 9   LEU B CB  1 
ATOM   575  C CG  . LEU C 1 9  ? 13.046  4.818   7.159   1.00 35.29 ? 9   LEU B CG  1 
ATOM   576  C CD1 . LEU C 1 9  ? 14.246  4.807   8.092   1.00 25.54 ? 9   LEU B CD1 1 
ATOM   577  C CD2 . LEU C 1 9  ? 12.278  6.126   7.271   1.00 28.87 ? 9   LEU B CD2 1 
ATOM   578  N N   . ASP C 1 10 ? 13.165  2.921   2.982   1.00 30.61 ? 10  ASP B N   1 
ATOM   579  C CA  . ASP C 1 10 ? 13.920  2.546   1.796   1.00 29.52 ? 10  ASP B CA  1 
ATOM   580  C C   . ASP C 1 10 ? 13.448  1.182   1.315   1.00 36.01 ? 10  ASP B C   1 
ATOM   581  O O   . ASP C 1 10 ? 12.710  0.475   2.005   1.00 28.37 ? 10  ASP B O   1 
ATOM   582  C CB  . ASP C 1 10 ? 15.425  2.539   2.085   1.00 28.95 ? 10  ASP B CB  1 
ATOM   583  C CG  . ASP C 1 10 ? 16.267  2.631   0.823   1.00 41.43 ? 10  ASP B CG  1 
ATOM   584  O OD1 . ASP C 1 10 ? 15.690  2.776   -0.274  1.00 32.24 ? 10  ASP B OD1 1 
ATOM   585  O OD2 . ASP C 1 10 ? 17.509  2.558   0.934   1.00 36.78 ? 10  ASP B OD2 1 
ATOM   586  N N   . ARG C 1 11 ? 13.895  0.822   0.112   1.00 31.20 ? 11  ARG B N   1 
ATOM   587  C CA  . ARG C 1 11 ? 13.567  -0.448  -0.517  1.00 27.69 ? 11  ARG B CA  1 
ATOM   588  C C   . ARG C 1 11 ? 14.818  -1.024  -1.165  1.00 32.54 ? 11  ARG B C   1 
ATOM   589  O O   . ARG C 1 11 ? 15.639  -0.284  -1.713  1.00 29.97 ? 11  ARG B O   1 
ATOM   590  C CB  . ARG C 1 11 ? 12.461  -0.275  -1.570  1.00 28.30 ? 11  ARG B CB  1 
ATOM   591  C CG  . ARG C 1 11 ? 12.078  -1.550  -2.316  1.00 36.34 ? 11  ARG B CG  1 
ATOM   592  C CD  . ARG C 1 11 ? 11.271  -1.232  -3.569  1.00 36.59 ? 11  ARG B CD  1 
ATOM   593  N NE  . ARG C 1 11 ? 10.627  -2.413  -4.143  1.00 45.69 ? 11  ARG B NE  1 
ATOM   594  C CZ  . ARG C 1 11 ? 11.204  -3.227  -5.021  1.00 46.29 ? 11  ARG B CZ  1 
ATOM   595  N NH1 . ARG C 1 11 ? 12.443  -2.994  -5.427  1.00 47.37 ? 11  ARG B NH1 1 
ATOM   596  N NH2 . ARG C 1 11 ? 10.543  -4.277  -5.494  1.00 52.95 ? 11  ARG B NH2 1 
ATOM   597  N N   . ARG C 1 12 ? 14.961  -2.346  -1.097  1.00 31.70 ? 12  ARG B N   1 
ATOM   598  C CA  . ARG C 1 12 ? 16.078  -3.032  -1.730  1.00 28.84 ? 12  ARG B CA  1 
ATOM   599  C C   . ARG C 1 12 ? 15.677  -4.474  -2.006  1.00 32.93 ? 12  ARG B C   1 
ATOM   600  O O   . ARG C 1 12 ? 14.661  -4.965  -1.509  1.00 28.43 ? 12  ARG B O   1 
ATOM   601  C CB  . ARG C 1 12 ? 17.336  -2.988  -0.858  1.00 31.54 ? 12  ARG B CB  1 
ATOM   602  C CG  . ARG C 1 12 ? 17.295  -3.955  0.311   1.00 29.18 ? 12  ARG B CG  1 
ATOM   603  C CD  . ARG C 1 12 ? 18.590  -3.939  1.109   1.00 34.50 ? 12  ARG B CD  1 
ATOM   604  N NE  . ARG C 1 12 ? 18.553  -4.912  2.196   1.00 29.66 ? 12  ARG B NE  1 
ATOM   605  C CZ  . ARG C 1 12 ? 19.471  -5.011  3.153   1.00 36.22 ? 12  ARG B CZ  1 
ATOM   606  N NH1 . ARG C 1 12 ? 20.513  -4.191  3.171   1.00 36.38 ? 12  ARG B NH1 1 
ATOM   607  N NH2 . ARG C 1 12 ? 19.340  -5.934  4.095   1.00 37.62 ? 12  ARG B NH2 1 
ATOM   608  N N   . VAL C 1 13 ? 16.493  -5.152  -2.807  1.00 25.63 ? 13  VAL B N   1 
ATOM   609  C CA  . VAL C 1 13 ? 16.320  -6.570  -3.100  1.00 29.47 ? 13  VAL B CA  1 
ATOM   610  C C   . VAL C 1 13 ? 17.586  -7.298  -2.674  1.00 28.76 ? 13  VAL B C   1 
ATOM   611  O O   . VAL C 1 13 ? 18.691  -6.927  -3.086  1.00 35.11 ? 13  VAL B O   1 
ATOM   612  C CB  . VAL C 1 13 ? 16.019  -6.818  -4.590  1.00 28.46 ? 13  VAL B CB  1 
ATOM   613  C CG1 . VAL C 1 13 ? 15.938  -8.313  -4.878  1.00 31.30 ? 13  VAL B CG1 1 
ATOM   614  C CG2 . VAL C 1 13 ? 14.729  -6.121  -4.995  1.00 29.71 ? 13  VAL B CG2 1 
ATOM   615  N N   . VAL C 1 14 ? 17.424  -8.327  -1.842  1.00 29.34 ? 14  VAL B N   1 
ATOM   616  C CA  . VAL C 1 14 ? 18.546  -9.097  -1.317  1.00 34.17 ? 14  VAL B CA  1 
ATOM   617  C C   . VAL C 1 14 ? 18.182  -10.573 -1.370  1.00 35.65 ? 14  VAL B C   1 
ATOM   618  O O   . VAL C 1 14 ? 17.181  -10.989 -0.776  1.00 36.59 ? 14  VAL B O   1 
ATOM   619  C CB  . VAL C 1 14 ? 18.912  -8.687  0.120   1.00 31.78 ? 14  VAL B CB  1 
ATOM   620  C CG1 . VAL C 1 14 ? 19.764  -9.763  0.779   1.00 34.90 ? 14  VAL B CG1 1 
ATOM   621  C CG2 . VAL C 1 14 ? 19.640  -7.351  0.115   1.00 33.55 ? 14  VAL B CG2 1 
ATOM   622  N N   . LYS C 1 15 ? 18.995  -11.361 -2.077  1.00 33.41 ? 15  LYS B N   1 
ATOM   623  C CA  . LYS C 1 15 ? 18.803  -12.809 -2.196  1.00 37.07 ? 15  LYS B CA  1 
ATOM   624  C C   . LYS C 1 15 ? 17.396  -13.154 -2.676  1.00 36.39 ? 15  LYS B C   1 
ATOM   625  O O   . LYS C 1 15 ? 16.739  -14.054 -2.150  1.00 40.83 ? 15  LYS B O   1 
ATOM   626  C CB  . LYS C 1 15 ? 19.116  -13.517 -0.877  1.00 39.61 ? 15  LYS B CB  1 
ATOM   627  C CG  . LYS C 1 15 ? 20.582  -13.471 -0.480  1.00 42.67 ? 15  LYS B CG  1 
ATOM   628  C CD  . LYS C 1 15 ? 20.909  -14.545 0.543   1.00 46.57 ? 15  LYS B CD  1 
ATOM   629  C CE  . LYS C 1 15 ? 22.378  -14.507 0.927   1.00 57.67 ? 15  LYS B CE  1 
ATOM   630  N NZ  . LYS C 1 15 ? 23.266  -14.588 -0.267  1.00 57.79 ? 15  LYS B NZ  1 
ATOM   631  N N   . GLY C 1 16 ? 16.925  -12.423 -3.683  1.00 30.81 ? 16  GLY B N   1 
ATOM   632  C CA  . GLY C 1 16 ? 15.638  -12.695 -4.288  1.00 30.65 ? 16  GLY B CA  1 
ATOM   633  C C   . GLY C 1 16 ? 14.431  -12.219 -3.512  1.00 38.24 ? 16  GLY B C   1 
ATOM   634  O O   . GLY C 1 16 ? 13.301  -12.480 -3.943  1.00 38.03 ? 16  GLY B O   1 
ATOM   635  N N   . LYS C 1 17 ? 14.622  -11.529 -2.392  1.00 29.61 ? 17  LYS B N   1 
ATOM   636  C CA  . LYS C 1 17 ? 13.528  -11.028 -1.573  1.00 36.50 ? 17  LYS B CA  1 
ATOM   637  C C   . LYS C 1 17 ? 13.523  -9.507  -1.612  1.00 34.48 ? 17  LYS B C   1 
ATOM   638  O O   . LYS C 1 17 ? 14.565  -8.873  -1.409  1.00 32.29 ? 17  LYS B O   1 
ATOM   639  C CB  . LYS C 1 17 ? 13.655  -11.510 -0.124  1.00 38.00 ? 17  LYS B CB  1 
ATOM   640  C CG  . LYS C 1 17 ? 13.881  -13.006 0.029   1.00 34.97 ? 17  LYS B CG  1 
ATOM   641  C CD  . LYS C 1 17 ? 12.670  -13.797 -0.427  1.00 44.07 ? 17  LYS B CD  1 
ATOM   642  C CE  . LYS C 1 17 ? 11.571  -13.803 0.623   1.00 46.66 ? 17  LYS B CE  1 
ATOM   643  N NZ  . LYS C 1 17 ? 11.894  -14.686 1.779   1.00 47.93 ? 17  LYS B NZ  1 
ATOM   644  N N   . VAL C 1 18 ? 12.356  -8.923  -1.881  1.00 29.07 ? 18  VAL B N   1 
ATOM   645  C CA  . VAL C 1 18 ? 12.208  -7.479  -1.759  1.00 24.75 ? 18  VAL B CA  1 
ATOM   646  C C   . VAL C 1 18 ? 12.130  -7.116  -0.286  1.00 35.59 ? 18  VAL B C   1 
ATOM   647  O O   . VAL C 1 18 ? 11.337  -7.693  0.474   1.00 31.37 ? 18  VAL B O   1 
ATOM   648  C CB  . VAL C 1 18 ? 10.966  -6.993  -2.521  1.00 28.74 ? 18  VAL B CB  1 
ATOM   649  C CG1 . VAL C 1 18 ? 10.769  -5.497  -2.310  1.00 30.76 ? 18  VAL B CG1 1 
ATOM   650  C CG2 . VAL C 1 18 ? 11.089  -7.321  -4.004  1.00 37.90 ? 18  VAL B CG2 1 
ATOM   651  N N   . GLU C 1 19 ? 12.961  -6.166  0.135   1.00 31.72 ? 19  GLU B N   1 
ATOM   652  C CA  . GLU C 1 19 ? 13.022  -5.736  1.521   1.00 31.26 ? 19  GLU B CA  1 
ATOM   653  C C   . GLU C 1 19 ? 12.757  -4.242  1.615   1.00 29.88 ? 19  GLU B C   1 
ATOM   654  O O   . GLU C 1 19 ? 13.037  -3.484  0.682   1.00 33.59 ? 19  GLU B O   1 
ATOM   655  C CB  . GLU C 1 19 ? 14.384  -6.063  2.146   1.00 30.45 ? 19  GLU B CB  1 
ATOM   656  C CG  . GLU C 1 19 ? 14.672  -7.550  2.264   1.00 27.48 ? 19  GLU B CG  1 
ATOM   657  C CD  . GLU C 1 19 ? 15.997  -7.830  2.940   1.00 36.95 ? 19  GLU B CD  1 
ATOM   658  O OE1 . GLU C 1 19 ? 16.769  -6.871  3.151   1.00 38.68 ? 19  GLU B OE1 1 
ATOM   659  O OE2 . GLU C 1 19 ? 16.269  -9.006  3.260   1.00 38.46 ? 19  GLU B OE2 1 
ATOM   660  N N   . TYR C 1 20 ? 12.211  -3.828  2.753   1.00 27.21 ? 20  TYR B N   1 
ATOM   661  C CA  . TYR C 1 20 ? 11.904  -2.432  3.023   1.00 28.58 ? 20  TYR B CA  1 
ATOM   662  C C   . TYR C 1 20 ? 12.566  -2.002  4.324   1.00 30.74 ? 20  TYR B C   1 
ATOM   663  O O   . TYR C 1 20 ? 12.606  -2.765  5.294   1.00 27.61 ? 20  TYR B O   1 
ATOM   664  C CB  . TYR C 1 20 ? 10.395  -2.203  3.106   1.00 30.57 ? 20  TYR B CB  1 
ATOM   665  C CG  . TYR C 1 20 ? 9.672   -2.368  1.790   1.00 31.04 ? 20  TYR B CG  1 
ATOM   666  C CD1 . TYR C 1 20 ? 9.477   -1.284  0.946   1.00 31.35 ? 20  TYR B CD1 1 
ATOM   667  C CD2 . TYR C 1 20 ? 9.184   -3.605  1.392   1.00 31.64 ? 20  TYR B CD2 1 
ATOM   668  C CE1 . TYR C 1 20 ? 8.811   -1.426  -0.256  1.00 37.14 ? 20  TYR B CE1 1 
ATOM   669  C CE2 . TYR C 1 20 ? 8.514   -3.757  0.194   1.00 34.85 ? 20  TYR B CE2 1 
ATOM   670  C CZ  . TYR C 1 20 ? 8.333   -2.665  -0.628  1.00 30.91 ? 20  TYR B CZ  1 
ATOM   671  O OH  . TYR C 1 20 ? 7.673   -2.814  -1.825  1.00 42.11 ? 20  TYR B OH  1 
ATOM   672  N N   . LEU C 1 21 ? 13.084  -0.775  4.339   1.00 29.81 ? 21  LEU B N   1 
ATOM   673  C CA  . LEU C 1 21 ? 13.716  -0.220  5.532   1.00 29.09 ? 21  LEU B CA  1 
ATOM   674  C C   . LEU C 1 21 ? 12.635  0.373   6.427   1.00 25.93 ? 21  LEU B C   1 
ATOM   675  O O   . LEU C 1 21 ? 11.994  1.365   6.065   1.00 27.78 ? 21  LEU B O   1 
ATOM   676  C CB  . LEU C 1 21 ? 14.752  0.830   5.148   1.00 27.13 ? 21  LEU B CB  1 
ATOM   677  C CG  . LEU C 1 21 ? 15.631  1.351   6.283   1.00 32.53 ? 21  LEU B CG  1 
ATOM   678  C CD1 . LEU C 1 21 ? 16.181  0.198   7.109   1.00 31.07 ? 21  LEU B CD1 1 
ATOM   679  C CD2 . LEU C 1 21 ? 16.762  2.190   5.718   1.00 29.71 ? 21  LEU B CD2 1 
ATOM   680  N N   . LEU C 1 22 ? 12.430  -0.232  7.591   1.00 25.52 ? 22  LEU B N   1 
ATOM   681  C CA  . LEU C 1 22 ? 11.350  0.150   8.490   1.00 25.98 ? 22  LEU B CA  1 
ATOM   682  C C   . LEU C 1 22 ? 11.896  0.949   9.664   1.00 32.68 ? 22  LEU B C   1 
ATOM   683  O O   . LEU C 1 22 ? 12.883  0.547   10.290  1.00 25.83 ? 22  LEU B O   1 
ATOM   684  C CB  . LEU C 1 22 ? 10.607  -1.081  9.008   1.00 26.38 ? 22  LEU B CB  1 
ATOM   685  C CG  . LEU C 1 22 ? 10.076  -2.082  7.978   1.00 24.30 ? 22  LEU B CG  1 
ATOM   686  C CD1 . LEU C 1 22 ? 9.260   -3.160  8.670   1.00 30.36 ? 22  LEU B CD1 1 
ATOM   687  C CD2 . LEU C 1 22 ? 9.245   -1.381  6.917   1.00 23.49 ? 22  LEU B CD2 1 
ATOM   688  N N   . LYS C 1 23 ? 11.253  2.073   9.959   1.00 24.26 ? 23  LYS B N   1 
ATOM   689  C CA  . LYS C 1 23 ? 11.473  2.787   11.208  1.00 34.87 ? 23  LYS B CA  1 
ATOM   690  C C   . LYS C 1 23 ? 10.362  2.386   12.168  1.00 32.41 ? 23  LYS B C   1 
ATOM   691  O O   . LYS C 1 23 ? 9.186   2.671   11.914  1.00 30.36 ? 23  LYS B O   1 
ATOM   692  C CB  . LYS C 1 23 ? 11.489  4.301   11.002  1.00 27.76 ? 23  LYS B CB  1 
ATOM   693  C CG  . LYS C 1 23 ? 12.170  5.055   12.136  1.00 38.31 ? 23  LYS B CG  1 
ATOM   694  C CD  . LYS C 1 23 ? 11.559  6.425   12.365  1.00 48.76 ? 23  LYS B CD  1 
ATOM   695  C CE  . LYS C 1 23 ? 12.396  7.238   13.346  1.00 44.35 ? 23  LYS B CE  1 
ATOM   696  N NZ  . LYS C 1 23 ? 12.704  6.484   14.593  1.00 45.61 ? 23  LYS B NZ  1 
ATOM   697  N N   . TRP C 1 24 ? 10.732  1.715   13.253  1.00 26.75 ? 24  TRP B N   1 
ATOM   698  C CA  . TRP C 1 24 ? 9.749   1.171   14.178  1.00 35.11 ? 24  TRP B CA  1 
ATOM   699  C C   . TRP C 1 24 ? 9.205   2.254   15.098  1.00 35.86 ? 24  TRP B C   1 
ATOM   700  O O   . TRP C 1 24 ? 9.933   3.156   15.524  1.00 33.92 ? 24  TRP B O   1 
ATOM   701  C CB  . TRP C 1 24 ? 10.371  0.048   15.005  1.00 31.53 ? 24  TRP B CB  1 
ATOM   702  C CG  . TRP C 1 24 ? 10.906  -1.073  14.174  1.00 35.35 ? 24  TRP B CG  1 
ATOM   703  C CD1 . TRP C 1 24 ? 12.215  -1.321  13.878  1.00 33.71 ? 24  TRP B CD1 1 
ATOM   704  C CD2 . TRP C 1 24 ? 10.145  -2.098  13.521  1.00 32.17 ? 24  TRP B CD2 1 
ATOM   705  N NE1 . TRP C 1 24 ? 12.317  -2.439  13.086  1.00 30.01 ? 24  TRP B NE1 1 
ATOM   706  C CE2 . TRP C 1 24 ? 11.061  -2.935  12.853  1.00 29.46 ? 24  TRP B CE2 1 
ATOM   707  C CE3 . TRP C 1 24 ? 8.780   -2.392  13.440  1.00 35.55 ? 24  TRP B CE3 1 
ATOM   708  C CZ2 . TRP C 1 24 ? 10.657  -4.045  12.115  1.00 34.51 ? 24  TRP B CZ2 1 
ATOM   709  C CZ3 . TRP C 1 24 ? 8.378   -3.496  12.704  1.00 30.19 ? 24  TRP B CZ3 1 
ATOM   710  C CH2 . TRP C 1 24 ? 9.315   -4.309  12.052  1.00 36.01 ? 24  TRP B CH2 1 
ATOM   711  N N   . LYS C 1 25 ? 7.913   2.159   15.408  1.00 41.25 ? 25  LYS B N   1 
ATOM   712  C CA  . LYS C 1 25 ? 7.301   3.080   16.356  1.00 38.54 ? 25  LYS B CA  1 
ATOM   713  C C   . LYS C 1 25 ? 7.919   2.893   17.735  1.00 36.68 ? 25  LYS B C   1 
ATOM   714  O O   . LYS C 1 25 ? 8.000   1.774   18.246  1.00 38.70 ? 25  LYS B O   1 
ATOM   715  C CB  . LYS C 1 25 ? 5.790   2.849   16.411  1.00 38.51 ? 25  LYS B CB  1 
ATOM   716  C CG  . LYS C 1 25 ? 5.021   3.905   17.189  1.00 35.74 ? 25  LYS B CG  1 
ATOM   717  C CD  . LYS C 1 25 ? 3.529   3.603   17.191  1.00 47.54 ? 25  LYS B CD  1 
ATOM   718  C CE  . LYS C 1 25 ? 2.739   4.690   17.906  1.00 58.11 ? 25  LYS B CE  1 
ATOM   719  N NZ  . LYS C 1 25 ? 1.302   4.321   18.068  1.00 49.88 ? 25  LYS B NZ  1 
ATOM   720  N N   . GLY C 1 26 ? 8.365   3.994   18.334  1.00 35.87 ? 26  GLY B N   1 
ATOM   721  C CA  . GLY C 1 26 ? 9.045   3.932   19.609  1.00 37.94 ? 26  GLY B CA  1 
ATOM   722  C C   . GLY C 1 26 ? 10.519  3.606   19.532  1.00 36.45 ? 26  GLY B C   1 
ATOM   723  O O   . GLY C 1 26 ? 11.192  3.597   20.571  1.00 30.08 ? 26  GLY B O   1 
ATOM   724  N N   . GLY C 1 27 ? 11.044  3.336   18.342  1.00 40.16 ? 27  GLY B N   1 
ATOM   725  C CA  . GLY C 1 27 ? 12.452  3.059   18.164  1.00 39.02 ? 27  GLY B CA  1 
ATOM   726  C C   . GLY C 1 27 ? 13.166  4.240   17.532  1.00 40.72 ? 27  GLY B C   1 
ATOM   727  O O   . GLY C 1 27 ? 12.559  5.059   16.848  1.00 43.68 ? 27  GLY B O   1 
ATOM   728  N N   . SER C 1 28 ? 14.468  4.324   17.785  1.00 37.03 ? 28  SER B N   1 
ATOM   729  C CA  . SER C 1 28 ? 15.300  5.343   17.171  1.00 36.02 ? 28  SER B CA  1 
ATOM   730  C C   . SER C 1 28 ? 15.810  4.847   15.819  1.00 39.98 ? 28  SER B C   1 
ATOM   731  O O   . SER C 1 28 ? 15.492  3.743   15.369  1.00 35.21 ? 28  SER B O   1 
ATOM   732  C CB  . SER C 1 28 ? 16.455  5.719   18.097  1.00 35.91 ? 28  SER B CB  1 
ATOM   733  O OG  . SER C 1 28 ? 17.358  4.638   18.249  1.00 35.89 ? 28  SER B OG  1 
ATOM   734  N N   . ASP C 1 29 ? 16.616  5.680   15.154  1.00 26.71 ? 29  ASP B N   1 
ATOM   735  C CA  . ASP C 1 29 ? 17.166  5.296   13.858  1.00 31.79 ? 29  ASP B CA  1 
ATOM   736  C C   . ASP C 1 29 ? 18.124  4.121   13.983  1.00 33.67 ? 29  ASP B C   1 
ATOM   737  O O   . ASP C 1 29 ? 18.292  3.352   13.030  1.00 33.01 ? 29  ASP B O   1 
ATOM   738  C CB  . ASP C 1 29 ? 17.861  6.492   13.207  1.00 33.40 ? 29  ASP B CB  1 
ATOM   739  C CG  . ASP C 1 29 ? 16.881  7.456   12.573  1.00 37.42 ? 29  ASP B CG  1 
ATOM   740  O OD1 . ASP C 1 29 ? 15.960  6.986   11.873  1.00 36.80 ? 29  ASP B OD1 1 
ATOM   741  O OD2 . ASP C 1 29 ? 17.025  8.680   12.776  1.00 33.41 ? 29  ASP B OD2 1 
ATOM   742  N N   . GLU C 1 30 ? 18.751  3.959   15.151  1.00 29.87 ? 30  GLU B N   1 
ATOM   743  C CA  . GLU C 1 30 ? 19.608  2.804   15.383  1.00 33.37 ? 30  GLU B CA  1 
ATOM   744  C C   . GLU C 1 30 ? 18.824  1.499   15.410  1.00 31.96 ? 30  GLU B C   1 
ATOM   745  O O   . GLU C 1 30 ? 19.424  0.429   15.268  1.00 35.77 ? 30  GLU B O   1 
ATOM   746  C CB  . GLU C 1 30 ? 20.374  2.970   16.697  1.00 29.85 ? 30  GLU B CB  1 
ATOM   747  C CG  . GLU C 1 30 ? 21.269  4.201   16.758  1.00 38.86 ? 30  GLU B CG  1 
ATOM   748  C CD  . GLU C 1 30 ? 22.055  4.282   18.053  1.00 42.42 ? 30  GLU B CD  1 
ATOM   749  O OE1 . GLU C 1 30 ? 22.154  3.253   18.755  1.00 43.40 ? 30  GLU B OE1 1 
ATOM   750  O OE2 . GLU C 1 30 ? 22.575  5.372   18.370  1.00 55.98 ? 30  GLU B OE2 1 
ATOM   751  N N   . ASP C 1 31 ? 17.506  1.563   15.595  1.00 32.23 ? 31  ASP B N   1 
ATOM   752  C CA  . ASP C 1 31 ? 16.665  0.374   15.645  1.00 33.73 ? 31  ASP B CA  1 
ATOM   753  C C   . ASP C 1 31 ? 16.081  -0.001  14.290  1.00 37.99 ? 31  ASP B C   1 
ATOM   754  O O   . ASP C 1 31 ? 15.408  -1.035  14.190  1.00 31.95 ? 31  ASP B O   1 
ATOM   755  C CB  . ASP C 1 31 ? 15.527  0.579   16.654  1.00 32.93 ? 31  ASP B CB  1 
ATOM   756  C CG  . ASP C 1 31 ? 16.030  0.721   18.080  1.00 33.48 ? 31  ASP B CG  1 
ATOM   757  O OD1 . ASP C 1 31 ? 16.818  -0.139  18.522  1.00 37.29 ? 31  ASP B OD1 1 
ATOM   758  O OD2 . ASP C 1 31 ? 15.643  1.697   18.754  1.00 43.56 ? 31  ASP B OD2 1 
ATOM   759  N N   . ASN C 1 32 ? 16.317  0.808   13.256  1.00 35.53 ? 32  ASN B N   1 
ATOM   760  C CA  . ASN C 1 32 ? 15.830  0.489   11.921  1.00 32.43 ? 32  ASN B CA  1 
ATOM   761  C C   . ASN C 1 32 ? 16.337  -0.878  11.488  1.00 33.27 ? 32  ASN B C   1 
ATOM   762  O O   . ASN C 1 32 ? 17.475  -1.253  11.776  1.00 30.72 ? 32  ASN B O   1 
ATOM   763  C CB  . ASN C 1 32 ? 16.283  1.549   10.914  1.00 32.01 ? 32  ASN B CB  1 
ATOM   764  C CG  . ASN C 1 32 ? 15.684  2.910   11.187  1.00 33.54 ? 32  ASN B CG  1 
ATOM   765  O OD1 . ASN C 1 32 ? 14.687  3.033   11.895  1.00 33.59 ? 32  ASN B OD1 1 
ATOM   766  N ND2 . ASN C 1 32 ? 16.290  3.944   10.617  1.00 32.77 ? 32  ASN B ND2 1 
ATOM   767  N N   . THR C 1 33 ? 15.475  -1.629  10.805  1.00 27.98 ? 33  THR B N   1 
ATOM   768  C CA  . THR C 1 33 ? 15.823  -2.957  10.324  1.00 30.45 ? 33  THR B CA  1 
ATOM   769  C C   . THR C 1 33 ? 15.248  -3.158  8.932   1.00 27.97 ? 33  THR B C   1 
ATOM   770  O O   . THR C 1 33 ? 14.201  -2.604  8.588   1.00 29.10 ? 33  THR B O   1 
ATOM   771  C CB  . THR C 1 33 ? 15.299  -4.072  11.246  1.00 34.11 ? 33  THR B CB  1 
ATOM   772  O OG1 . THR C 1 33 ? 13.873  -3.984  11.345  1.00 33.12 ? 33  THR B OG1 1 
ATOM   773  C CG2 . THR C 1 33 ? 15.910  -3.975  12.637  1.00 31.04 ? 33  THR B CG2 1 
ATOM   774  N N   . TRP C 1 34 ? 15.951  -3.957  8.134   1.00 27.68 ? 34  TRP B N   1 
ATOM   775  C CA  . TRP C 1 34 ? 15.443  -4.380  6.838   1.00 32.35 ? 34  TRP B CA  1 
ATOM   776  C C   . TRP C 1 34 ? 14.540  -5.589  7.025   1.00 29.72 ? 34  TRP B C   1 
ATOM   777  O O   . TRP C 1 34 ? 14.926  -6.568  7.671   1.00 33.74 ? 34  TRP B O   1 
ATOM   778  C CB  . TRP C 1 34 ? 16.592  -4.724  5.888   1.00 33.04 ? 34  TRP B CB  1 
ATOM   779  C CG  . TRP C 1 34 ? 17.301  -3.531  5.340   1.00 35.84 ? 34  TRP B CG  1 
ATOM   780  C CD1 . TRP C 1 34 ? 18.495  -3.025  5.759   1.00 34.31 ? 34  TRP B CD1 1 
ATOM   781  C CD2 . TRP C 1 34 ? 16.859  -2.685  4.271   1.00 32.85 ? 34  TRP B CD2 1 
ATOM   782  N NE1 . TRP C 1 34 ? 18.825  -1.917  5.017   1.00 35.11 ? 34  TRP B NE1 1 
ATOM   783  C CE2 . TRP C 1 34 ? 17.837  -1.688  4.097   1.00 34.41 ? 34  TRP B CE2 1 
ATOM   784  C CE3 . TRP C 1 34 ? 15.731  -2.676  3.445   1.00 31.95 ? 34  TRP B CE3 1 
ATOM   785  C CZ2 . TRP C 1 34 ? 17.723  -0.692  3.129   1.00 34.93 ? 34  TRP B CZ2 1 
ATOM   786  C CZ3 . TRP C 1 34 ? 15.619  -1.684  2.486   1.00 32.95 ? 34  TRP B CZ3 1 
ATOM   787  C CH2 . TRP C 1 34 ? 16.609  -0.708  2.335   1.00 34.05 ? 34  TRP B CH2 1 
ATOM   788  N N   . GLU C 1 35 ? 13.333  -5.519  6.472   1.00 28.91 ? 35  GLU B N   1 
ATOM   789  C CA  . GLU C 1 35 ? 12.398  -6.617  6.614   1.00 32.28 ? 35  GLU B CA  1 
ATOM   790  C C   . GLU C 1 35 ? 11.859  -7.023  5.250   1.00 29.68 ? 35  GLU B C   1 
ATOM   791  O O   . GLU C 1 35 ? 11.529  -6.160  4.426   1.00 31.18 ? 35  GLU B O   1 
ATOM   792  C CB  . GLU C 1 35 ? 11.233  -6.243  7.546   1.00 27.14 ? 35  GLU B CB  1 
ATOM   793  C CG  . GLU C 1 35 ? 11.659  -5.868  8.961   1.00 31.82 ? 35  GLU B CG  1 
ATOM   794  C CD  . GLU C 1 35 ? 12.356  -7.002  9.684   1.00 30.86 ? 35  GLU B CD  1 
ATOM   795  O OE1 . GLU C 1 35 ? 12.148  -8.171  9.302   1.00 31.49 ? 35  GLU B OE1 1 
ATOM   796  O OE2 . GLU C 1 35 ? 13.112  -6.726  10.637  1.00 31.94 ? 35  GLU B OE2 1 
ATOM   797  N N   . PRO C 1 36 ? 11.764  -8.323  4.986   1.00 33.74 ? 36  PRO B N   1 
ATOM   798  C CA  . PRO C 1 36 ? 11.220  -8.775  3.702   1.00 32.50 ? 36  PRO B CA  1 
ATOM   799  C C   . PRO C 1 36 ? 9.765   -8.368  3.547   1.00 28.81 ? 36  PRO B C   1 
ATOM   800  O O   . PRO C 1 36 ? 9.048   -8.160  4.527   1.00 33.60 ? 36  PRO B O   1 
ATOM   801  C CB  . PRO C 1 36 ? 11.372  -10.300 3.768   1.00 31.47 ? 36  PRO B CB  1 
ATOM   802  C CG  . PRO C 1 36 ? 11.476  -10.613 5.221   1.00 33.79 ? 36  PRO B CG  1 
ATOM   803  C CD  . PRO C 1 36 ? 12.172  -9.444  5.847   1.00 29.71 ? 36  PRO B CD  1 
ATOM   804  N N   . GLU C 1 37 ? 9.331   -8.267  2.289   1.00 32.74 ? 37  GLU B N   1 
ATOM   805  C CA  . GLU C 1 37 ? 7.985   -7.787  1.993   1.00 37.48 ? 37  GLU B CA  1 
ATOM   806  C C   . GLU C 1 37 ? 6.914   -8.620  2.689   1.00 37.94 ? 37  GLU B C   1 
ATOM   807  O O   . GLU C 1 37 ? 5.852   -8.095  3.044   1.00 36.19 ? 37  GLU B O   1 
ATOM   808  C CB  . GLU C 1 37 ? 7.769   -7.783  0.478   1.00 33.60 ? 37  GLU B CB  1 
ATOM   809  C CG  . GLU C 1 37 ? 6.526   -7.045  0.011   1.00 43.35 ? 37  GLU B CG  1 
ATOM   810  C CD  . GLU C 1 37 ? 6.276   -7.218  -1.478  1.00 53.40 ? 37  GLU B CD  1 
ATOM   811  O OE1 . GLU C 1 37 ? 6.934   -6.528  -2.287  1.00 41.46 ? 37  GLU B OE1 1 
ATOM   812  O OE2 . GLU C 1 37 ? 5.428   -8.060  -1.841  1.00 66.13 ? 37  GLU B OE2 1 
ATOM   813  N N   . GLU C 1 38 ? 7.178   -9.911  2.911   1.00 33.75 ? 38  GLU B N   1 
ATOM   814  C CA  . GLU C 1 38 ? 6.196   -10.785 3.541   1.00 34.46 ? 38  GLU B CA  1 
ATOM   815  C C   . GLU C 1 38 ? 5.951   -10.431 5.004   1.00 33.10 ? 38  GLU B C   1 
ATOM   816  O O   . GLU C 1 38 ? 4.869   -10.721 5.528   1.00 37.27 ? 38  GLU B O   1 
ATOM   817  C CB  . GLU C 1 38 ? 6.646   -12.244 3.421   1.00 29.01 ? 38  GLU B CB  1 
ATOM   818  C CG  . GLU C 1 38 ? 7.759   -12.636 4.389   1.00 33.55 ? 38  GLU B CG  1 
ATOM   819  C CD  . GLU C 1 38 ? 8.961   -13.250 3.698   1.00 40.18 ? 38  GLU B CD  1 
ATOM   820  O OE1 . GLU C 1 38 ? 9.162   -12.975 2.499   1.00 46.27 ? 38  GLU B OE1 1 
ATOM   821  O OE2 . GLU C 1 38 ? 9.707   -14.007 4.357   1.00 44.69 ? 38  GLU B OE2 1 
ATOM   822  N N   . ASN C 1 39 ? 6.927   -9.814  5.674   1.00 33.35 ? 39  ASN B N   1 
ATOM   823  C CA  . ASN C 1 39 ? 6.779   -9.433  7.070   1.00 29.62 ? 39  ASN B CA  1 
ATOM   824  C C   . ASN C 1 39 ? 5.899   -8.205  7.258   1.00 33.44 ? 39  ASN B C   1 
ATOM   825  O O   . ASN C 1 39 ? 5.508   -7.912  8.392   1.00 36.12 ? 39  ASN B O   1 
ATOM   826  C CB  . ASN C 1 39 ? 8.155   -9.164  7.694   1.00 34.02 ? 39  ASN B CB  1 
ATOM   827  C CG  . ASN C 1 39 ? 8.897   -10.436 8.060   1.00 35.50 ? 39  ASN B CG  1 
ATOM   828  O OD1 . ASN C 1 39 ? 8.563   -11.521 7.590   1.00 35.55 ? 39  ASN B OD1 1 
ATOM   829  N ND2 . ASN C 1 39 ? 9.913   -10.304 8.904   1.00 36.44 ? 39  ASN B ND2 1 
ATOM   830  N N   . LEU C 1 40 ? 5.569   -7.492  6.186   1.00 33.39 ? 40  LEU B N   1 
ATOM   831  C CA  . LEU C 1 40 ? 4.948   -6.179  6.292   1.00 36.95 ? 40  LEU B CA  1 
ATOM   832  C C   . LEU C 1 40 ? 3.430   -6.291  6.320   1.00 41.19 ? 40  LEU B C   1 
ATOM   833  O O   . LEU C 1 40 ? 2.835   -6.996  5.499   1.00 39.80 ? 40  LEU B O   1 
ATOM   834  C CB  . LEU C 1 40 ? 5.384   -5.287  5.130   1.00 38.27 ? 40  LEU B CB  1 
ATOM   835  C CG  . LEU C 1 40 ? 6.698   -4.509  5.260   1.00 36.01 ? 40  LEU B CG  1 
ATOM   836  C CD1 . LEU C 1 40 ? 7.864   -5.405  5.632   1.00 31.73 ? 40  LEU B CD1 1 
ATOM   837  C CD2 . LEU C 1 40 ? 7.000   -3.791  3.969   1.00 35.55 ? 40  LEU B CD2 1 
ATOM   838  N N   . ASP C 1 41 ? 2.814   -5.591  7.266   1.00 38.26 ? 41  ASP B N   1 
ATOM   839  C CA  . ASP C 1 41 ? 1.366   -5.423  7.347   1.00 40.39 ? 41  ASP B CA  1 
ATOM   840  C C   . ASP C 1 41 ? 1.039   -3.948  7.537   1.00 42.47 ? 41  ASP B C   1 
ATOM   841  O O   . ASP C 1 41 ? 0.251   -3.554  8.400   1.00 42.60 ? 41  ASP B O   1 
ATOM   842  C CB  . ASP C 1 41 ? 0.774   -6.269  8.474   1.00 36.69 ? 41  ASP B CB  1 
ATOM   843  C CG  . ASP C 1 41 ? -0.737  -6.411  8.368   1.00 49.33 ? 41  ASP B CG  1 
ATOM   844  O OD1 . ASP C 1 41 ? -1.319  -5.915  7.383   1.00 45.78 ? 41  ASP B OD1 1 
ATOM   845  O OD2 . ASP C 1 41 ? -1.345  -7.021  9.274   1.00 68.19 ? 41  ASP B OD2 1 
ATOM   846  N N   . CYS C 1 42 ? 1.680   -3.107  6.731   1.00 43.28 ? 42  CYS B N   1 
ATOM   847  C CA  . CYS C 1 42 ? 1.529   -1.653  6.798   1.00 42.57 ? 42  CYS B CA  1 
ATOM   848  C C   . CYS C 1 42 ? 1.315   -1.122  5.388   1.00 42.34 ? 42  CYS B C   1 
ATOM   849  O O   . CYS C 1 42 ? 2.187   -0.452  4.822   1.00 40.18 ? 42  CYS B O   1 
ATOM   850  C CB  . CYS C 1 42 ? 2.747   -1.008  7.459   1.00 37.60 ? 42  CYS B CB  1 
ATOM   851  S SG  . CYS C 1 42 ? 4.335   -1.717  6.949   1.00 35.34 ? 42  CYS B SG  1 
ATOM   852  N N   . PRO C 1 43 ? 0.153   -1.400  4.791   1.00 43.70 ? 43  PRO B N   1 
ATOM   853  C CA  . PRO C 1 43 ? -0.053  -1.011  3.385   1.00 39.24 ? 43  PRO B CA  1 
ATOM   854  C C   . PRO C 1 43 ? -0.033  0.490   3.162   1.00 39.39 ? 43  PRO B C   1 
ATOM   855  O O   . PRO C 1 43 ? 0.495   0.953   2.143   1.00 38.71 ? 43  PRO B O   1 
ATOM   856  C CB  . PRO C 1 43 ? -1.428  -1.613  3.063   1.00 38.87 ? 43  PRO B CB  1 
ATOM   857  C CG  . PRO C 1 43 ? -2.121  -1.685  4.388   1.00 40.76 ? 43  PRO B CG  1 
ATOM   858  C CD  . PRO C 1 43 ? -1.047  -2.021  5.379   1.00 44.14 ? 43  PRO B CD  1 
ATOM   859  N N   . ASP C 1 44 ? -0.598  1.264   4.089   1.00 41.48 ? 44  ASP B N   1 
ATOM   860  C CA  . ASP C 1 44 ? -0.631  2.714   3.927   1.00 45.79 ? 44  ASP B CA  1 
ATOM   861  C C   . ASP C 1 44 ? 0.774   3.300   3.899   1.00 41.31 ? 44  ASP B C   1 
ATOM   862  O O   . ASP C 1 44 ? 1.055   4.220   3.123   1.00 41.96 ? 44  ASP B O   1 
ATOM   863  C CB  . ASP C 1 44 ? -1.451  3.344   5.053   1.00 45.93 ? 44  ASP B CB  1 
ATOM   864  C CG  . ASP C 1 44 ? -2.908  2.929   5.015   1.00 49.43 ? 44  ASP B CG  1 
ATOM   865  O OD1 . ASP C 1 44 ? -3.633  3.380   4.103   1.00 51.88 ? 44  ASP B OD1 1 
ATOM   866  O OD2 . ASP C 1 44 ? -3.325  2.141   5.890   1.00 53.77 ? 44  ASP B OD2 1 
ATOM   867  N N   . LEU C 1 45 ? 1.672   2.776   4.735   1.00 38.65 ? 45  LEU B N   1 
ATOM   868  C CA  . LEU C 1 45 ? 3.031   3.304   4.784   1.00 42.22 ? 45  LEU B CA  1 
ATOM   869  C C   . LEU C 1 45 ? 3.821   2.921   3.538   1.00 40.57 ? 45  LEU B C   1 
ATOM   870  O O   . LEU C 1 45 ? 4.664   3.696   3.071   1.00 37.01 ? 45  LEU B O   1 
ATOM   871  C CB  . LEU C 1 45 ? 3.739   2.813   6.046   1.00 39.49 ? 45  LEU B CB  1 
ATOM   872  C CG  . LEU C 1 45 ? 3.088   3.224   7.369   1.00 39.05 ? 45  LEU B CG  1 
ATOM   873  C CD1 . LEU C 1 45 ? 3.930   2.764   8.547   1.00 37.89 ? 45  LEU B CD1 1 
ATOM   874  C CD2 . LEU C 1 45 ? 2.871   4.727   7.421   1.00 44.52 ? 45  LEU B CD2 1 
ATOM   875  N N   . ILE C 1 46 ? 3.570   1.730   2.990   1.00 40.20 ? 46  ILE B N   1 
ATOM   876  C CA  . ILE C 1 46 ? 4.240   1.320   1.757   1.00 37.73 ? 46  ILE B CA  1 
ATOM   877  C C   . ILE C 1 46 ? 3.799   2.210   0.604   1.00 44.48 ? 46  ILE B C   1 
ATOM   878  O O   . ILE C 1 46 ? 4.615   2.656   -0.211  1.00 42.70 ? 46  ILE B O   1 
ATOM   879  C CB  . ILE C 1 46 ? 3.966   -0.165  1.454   1.00 37.27 ? 46  ILE B CB  1 
ATOM   880  C CG1 . ILE C 1 46 ? 5.022   -1.055  2.108   1.00 39.58 ? 46  ILE B CG1 1 
ATOM   881  C CG2 . ILE C 1 46 ? 3.945   -0.418  -0.047  1.00 40.96 ? 46  ILE B CG2 1 
ATOM   882  C CD1 . ILE C 1 46 ? 5.019   -1.000  3.600   1.00 50.32 ? 46  ILE B CD1 1 
ATOM   883  N N   . ALA C 1 47 ? 2.494   2.476   0.523   1.00 39.95 ? 47  ALA B N   1 
ATOM   884  C CA  . ALA C 1 47 ? 1.983   3.352   -0.522  1.00 43.64 ? 47  ALA B CA  1 
ATOM   885  C C   . ALA C 1 47 ? 2.620   4.731   -0.441  1.00 46.83 ? 47  ALA B C   1 
ATOM   886  O O   . ALA C 1 47 ? 3.030   5.295   -1.461  1.00 46.54 ? 47  ALA B O   1 
ATOM   887  C CB  . ALA C 1 47 ? 0.462   3.451   -0.423  1.00 44.73 ? 47  ALA B CB  1 
ATOM   888  N N   . GLU C 1 48 ? 2.735   5.278   0.771   1.00 46.07 ? 48  GLU B N   1 
ATOM   889  C CA  . GLU C 1 48 ? 3.319   6.605   0.936   1.00 46.48 ? 48  GLU B CA  1 
ATOM   890  C C   . GLU C 1 48 ? 4.786   6.619   0.530   1.00 44.42 ? 48  GLU B C   1 
ATOM   891  O O   . GLU C 1 48 ? 5.265   7.596   -0.057  1.00 45.80 ? 48  GLU B O   1 
ATOM   892  C CB  . GLU C 1 48 ? 3.150   7.068   2.381   1.00 48.10 ? 48  GLU B CB  1 
ATOM   893  C CG  . GLU C 1 48 ? 1.735   7.496   2.728   1.00 56.05 ? 48  GLU B CG  1 
ATOM   894  C CD  . GLU C 1 48 ? 1.459   7.447   4.218   1.00 65.56 ? 48  GLU B CD  1 
ATOM   895  O OE1 . GLU C 1 48 ? 0.620   6.622   4.638   1.00 59.67 ? 48  GLU B OE1 1 
ATOM   896  O OE2 . GLU C 1 48 ? 2.087   8.224   4.969   1.00 64.64 ? 48  GLU B OE2 1 
ATOM   897  N N   . PHE C 1 49 ? 5.520   5.544   0.829   1.00 43.78 ? 49  PHE B N   1 
ATOM   898  C CA  . PHE C 1 49 ? 6.929   5.491   0.448   1.00 40.92 ? 49  PHE B CA  1 
ATOM   899  C C   . PHE C 1 49 ? 7.085   5.384   -1.065  1.00 45.10 ? 49  PHE B C   1 
ATOM   900  O O   . PHE C 1 49 ? 7.817   6.165   -1.681  1.00 42.64 ? 49  PHE B O   1 
ATOM   901  C CB  . PHE C 1 49 ? 7.629   4.318   1.135   1.00 40.43 ? 49  PHE B CB  1 
ATOM   902  C CG  . PHE C 1 49 ? 8.957   3.968   0.531   1.00 39.36 ? 49  PHE B CG  1 
ATOM   903  C CD1 . PHE C 1 49 ? 10.068  4.771   0.741   1.00 42.15 ? 49  PHE B CD1 1 
ATOM   904  C CD2 . PHE C 1 49 ? 9.091   2.834   -0.252  1.00 39.92 ? 49  PHE B CD2 1 
ATOM   905  C CE1 . PHE C 1 49 ? 11.290  4.445   0.179   1.00 38.46 ? 49  PHE B CE1 1 
ATOM   906  C CE2 . PHE C 1 49 ? 10.309  2.503   -0.815  1.00 39.87 ? 49  PHE B CE2 1 
ATOM   907  C CZ  . PHE C 1 49 ? 11.408  3.308   -0.599  1.00 31.86 ? 49  PHE B CZ  1 
ATOM   908  N N   . LEU C 1 50 ? 6.411   4.411   -1.681  1.00 46.15 ? 50  LEU B N   1 
ATOM   909  C CA  . LEU C 1 50 ? 6.568   4.193   -3.118  1.00 40.96 ? 50  LEU B CA  1 
ATOM   910  C C   . LEU C 1 50 ? 6.018   5.363   -3.928  1.00 51.01 ? 50  LEU B C   1 
ATOM   911  O O   . LEU C 1 50 ? 6.537   5.683   -5.004  1.00 67.91 ? 50  LEU B O   1 
ATOM   912  C CB  . LEU C 1 50 ? 5.879   2.894   -3.533  1.00 41.75 ? 50  LEU B CB  1 
ATOM   913  C CG  . LEU C 1 50 ? 6.511   1.603   -3.019  1.00 38.03 ? 50  LEU B CG  1 
ATOM   914  C CD1 . LEU C 1 50 ? 5.765   0.404   -3.567  1.00 46.19 ? 50  LEU B CD1 1 
ATOM   915  C CD2 . LEU C 1 50 ? 7.974   1.525   -3.401  1.00 41.68 ? 50  LEU B CD2 1 
ATOM   916  N N   . GLN C 1 51 ? 4.961   6.014   -3.433  1.00 50.17 ? 51  GLN B N   1 
ATOM   917  C CA  . GLN C 1 51 ? 4.444   7.202   -4.109  1.00 52.01 ? 51  GLN B CA  1 
ATOM   918  C C   . GLN C 1 51 ? 5.495   8.298   -4.177  1.00 56.60 ? 51  GLN B C   1 
ATOM   919  O O   . GLN C 1 51 ? 5.599   9.009   -5.183  1.00 53.06 ? 51  GLN B O   1 
ATOM   920  C CB  . GLN C 1 51 ? 3.191   7.730   -3.401  1.00 57.22 ? 51  GLN B CB  1 
ATOM   921  C CG  . GLN C 1 51 ? 1.893   7.114   -3.870  1.00 56.36 ? 51  GLN B CG  1 
ATOM   922  C CD  . GLN C 1 51 ? 0.686   7.778   -3.247  1.00 62.21 ? 51  GLN B CD  1 
ATOM   923  O OE1 . GLN C 1 51 ? 0.816   8.655   -2.389  1.00 75.46 ? 51  GLN B OE1 1 
ATOM   924  N NE2 . GLN C 1 51 ? -0.500  7.363   -3.671  1.00 58.41 ? 51  GLN B NE2 1 
ATOM   925  N N   . SER C 1 52 ? 6.275   8.462   -3.114  1.00 54.35 ? 52  SER B N   1 
ATOM   926  C CA  . SER C 1 52 ? 7.253   9.540   -3.062  1.00 59.95 ? 52  SER B CA  1 
ATOM   927  C C   . SER C 1 52 ? 8.619   9.091   -3.558  1.00 61.31 ? 52  SER B C   1 
ATOM   928  O O   . SER C 1 52 ? 9.598   9.828   -3.428  1.00 64.47 ? 52  SER B O   1 
ATOM   929  C CB  . SER C 1 52 ? 7.382   10.091  -1.637  1.00 63.08 ? 52  SER B CB  1 
ATOM   930  C CA  . THR D 2 3  ? -5.788  0.592   10.495  1.00 51.52 ? 3   THR D CA  1 
ATOM   931  C C   . THR D 2 3  ? -4.376  0.615   11.070  1.00 49.18 ? 3   THR D C   1 
ATOM   932  O O   . THR D 2 3  ? -3.558  1.455   10.696  1.00 49.19 ? 3   THR D O   1 
ATOM   933  N N   . LYS D 2 4  ? -4.097  -0.315  11.982  1.00 42.85 ? 4   LYS D N   1 
ATOM   934  C CA  . LYS D 2 4  ? -2.779  -0.394  12.596  1.00 45.29 ? 4   LYS D CA  1 
ATOM   935  C C   . LYS D 2 4  ? -1.733  -0.781  11.558  1.00 45.50 ? 4   LYS D C   1 
ATOM   936  O O   . LYS D 2 4  ? -1.918  -1.736  10.799  1.00 46.36 ? 4   LYS D O   1 
ATOM   937  C CB  . LYS D 2 4  ? -2.787  -1.417  13.731  1.00 49.46 ? 4   LYS D CB  1 
ATOM   938  C CG  . LYS D 2 4  ? -4.066  -1.432  14.548  1.00 60.44 ? 4   LYS D CG  1 
ATOM   939  C CD  . LYS D 2 4  ? -4.513  -2.860  14.825  1.00 55.46 ? 4   LYS D CD  1 
ATOM   940  C CE  . LYS D 2 4  ? -5.815  -2.902  15.607  1.00 66.20 ? 4   LYS D CE  1 
ATOM   941  N NZ  . LYS D 2 4  ? -6.321  -4.299  15.738  1.00 82.64 ? 4   LYS D NZ  1 
ATOM   942  N N   . GLN D 2 5  ? -0.631  -0.037  11.529  1.00 43.37 ? 5   GLN D N   1 
ATOM   943  C CA  . GLN D 2 5  ? 0.479   -0.306  10.618  1.00 38.47 ? 5   GLN D CA  1 
ATOM   944  C C   . GLN D 2 5  ? 1.504   -1.135  11.383  1.00 37.86 ? 5   GLN D C   1 
ATOM   945  O O   . GLN D 2 5  ? 2.265   -0.605  12.196  1.00 35.39 ? 5   GLN D O   1 
ATOM   946  C CB  . GLN D 2 5  ? 1.080   0.994   10.094  1.00 40.35 ? 5   GLN D CB  1 
ATOM   947  C CG  . GLN D 2 5  ? 0.080   1.910   9.403   1.00 41.07 ? 5   GLN D CG  1 
ATOM   948  C CD  . GLN D 2 5  ? -0.426  1.344   8.094   1.00 49.40 ? 5   GLN D CD  1 
ATOM   949  O OE1 . GLN D 2 5  ? 0.307   1.279   7.108   1.00 50.01 ? 5   GLN D OE1 1 
ATOM   950  N NE2 . GLN D 2 5  ? -1.686  0.930   8.075   1.00 46.72 ? 5   GLN D NE2 1 
ATOM   951  N N   . THR D 2 6  ? 1.517   -2.441  11.133  1.00 38.66 ? 6   THR D N   1 
ATOM   952  C CA  . THR D 2 6  ? 2.393   -3.365  11.837  1.00 37.23 ? 6   THR D CA  1 
ATOM   953  C C   . THR D 2 6  ? 3.287   -4.096  10.845  1.00 40.25 ? 6   THR D C   1 
ATOM   954  O O   . THR D 2 6  ? 3.093   -4.030  9.630   1.00 35.90 ? 6   THR D O   1 
ATOM   955  C CB  . THR D 2 6  ? 1.591   -4.383  12.660  1.00 39.77 ? 6   THR D CB  1 
ATOM   956  O OG1 . THR D 2 6  ? 0.931   -5.302  11.780  1.00 35.45 ? 6   THR D OG1 1 
ATOM   957  C CG2 . THR D 2 6  ? 0.550   -3.685  13.519  1.00 33.68 ? 6   THR D CG2 1 
ATOM   958  N N   . ALA D 2 7  ? 4.280   -4.800  11.384  1.00 33.93 ? 7   ALA D N   1 
ATOM   959  C CA  . ALA D 2 7  ? 5.154   -5.639  10.579  1.00 37.18 ? 7   ALA D CA  1 
ATOM   960  C C   . ALA D 2 7  ? 5.883   -6.606  11.496  1.00 30.44 ? 7   ALA D C   1 
ATOM   961  O O   . ALA D 2 7  ? 6.085   -6.335  12.682  1.00 34.35 ? 7   ALA D O   1 
ATOM   962  C CB  . ALA D 2 7  ? 6.158   -4.814  9.766   1.00 34.43 ? 7   ALA D CB  1 
ATOM   963  N N   . ARG D 2 8  ? 6.278   -7.737  10.925  1.00 37.79 ? 8   ARG D N   1 
ATOM   964  C CA  . ARG D 2 8  ? 7.041   -8.740  11.653  1.00 37.03 ? 8   ARG D CA  1 
ATOM   965  C C   . ARG D 2 8  ? 8.519   -8.364  11.671  1.00 30.55 ? 8   ARG D C   1 
ATOM   966  O O   . ARG D 2 8  ? 9.062   -7.898  10.667  1.00 33.86 ? 8   ARG D O   1 
ATOM   967  C CB  . ARG D 2 8  ? 6.837   -10.118 11.017  1.00 36.26 ? 8   ARG D CB  1 
ATOM   968  C CG  . ARG D 2 8  ? 7.535   -11.267 11.722  1.00 37.95 ? 8   ARG D CG  1 
ATOM   969  C CD  . ARG D 2 8  ? 6.990   -12.601 11.223  1.00 32.82 ? 8   ARG D CD  1 
ATOM   970  N NE  . ARG D 2 8  ? 7.801   -13.732 11.663  1.00 39.15 ? 8   ARG D NE  1 
ATOM   971  C CZ  . ARG D 2 8  ? 7.664   -14.346 12.833  1.00 44.82 ? 8   ARG D CZ  1 
ATOM   972  N NH1 . ARG D 2 8  ? 8.451   -15.368 13.141  1.00 46.73 ? 8   ARG D NH1 1 
ATOM   973  N NH2 . ARG D 2 8  ? 6.742   -13.942 13.697  1.00 35.56 ? 8   ARG D NH2 1 
HETATM 974  N N   . FQA D 2 9  ? 9.168   -8.558  12.813  1.00 28.05 ? 9   FQA D N   1 
HETATM 975  C CA  . FQA D 2 9  ? 10.619  -8.243  12.935  1.00 37.99 ? 9   FQA D CA  1 
HETATM 976  C C   . FQA D 2 9  ? 11.397  -9.524  12.969  1.00 41.57 ? 9   FQA D C   1 
HETATM 977  O O   . FQA D 2 9  ? 11.417  -10.222 13.983  1.00 43.68 ? 9   FQA D O   1 
HETATM 978  C CB  . FQA D 2 9  ? 10.900  -7.414  14.185  1.00 34.80 ? 9   FQA D CB  1 
HETATM 979  C CG  . FQA D 2 9  ? 12.226  -6.670  14.056  1.00 32.24 ? 9   FQA D CG  1 
HETATM 980  C CD  . FQA D 2 9  ? 12.639  -5.994  15.362  1.00 31.37 ? 9   FQA D CD  1 
HETATM 981  C CE  . FQA D 2 9  ? 11.684  -4.872  15.753  1.00 32.42 ? 9   FQA D CE  1 
HETATM 982  N NZ  . FQA D 2 9  ? 12.217  -4.038  16.814  1.00 28.17 ? 9   FQA D NZ  1 
HETATM 983  C CH  . FQA D 2 9  ? 11.273  -2.970  17.087  1.00 31.24 ? 9   FQA D CH  1 
HETATM 984  C C1  . FQA D 2 9  ? 11.761  -1.988  18.128  1.00 33.94 ? 9   FQA D C1  1 
HETATM 985  C C2  . FQA D 2 9  ? 13.087  -1.997  18.547  1.00 34.25 ? 9   FQA D C2  1 
HETATM 986  C C3  . FQA D 2 9  ? 13.524  -1.087  19.504  1.00 38.48 ? 9   FQA D C3  1 
HETATM 987  C C4  . FQA D 2 9  ? 12.633  -0.166  20.042  1.00 33.82 ? 9   FQA D C4  1 
HETATM 988  C C5  . FQA D 2 9  ? 11.307  -0.156  19.623  1.00 34.24 ? 9   FQA D C5  1 
HETATM 989  C C6  . FQA D 2 9  ? 10.872  -1.065  18.667  1.00 35.86 ? 9   FQA D C6  1 
ATOM   990  N N   . SER D 2 10 ? 12.045  -9.846  11.855  1.00 37.81 ? 10  SER D N   1 
ATOM   991  C CA  . SER D 2 10 ? 12.866  -11.046 11.764  1.00 43.52 ? 10  SER D CA  1 
ATOM   992  C C   . SER D 2 10 ? 14.109  -10.917 12.638  1.00 50.80 ? 10  SER D C   1 
ATOM   993  O O   . SER D 2 10 ? 14.897  -9.985  12.478  1.00 48.38 ? 10  SER D O   1 
ATOM   994  C CB  . SER D 2 10 ? 13.263  -11.318 10.312  1.00 45.32 ? 10  SER D CB  1 
ATOM   995  O OG  . SER D 2 10 ? 13.896  -10.189 9.736   1.00 48.19 ? 10  SER D OG  1 
ATOM   996  N N   . THR D 2 11 ? 14.273  -11.852 13.568  1.00 61.25 ? 11  THR D N   1 
ATOM   997  C CA  . THR D 2 11 ? 15.418  -11.840 14.471  1.00 60.31 ? 11  THR D CA  1 
ATOM   998  C C   . THR D 2 11 ? 16.548  -12.707 13.928  1.00 68.49 ? 11  THR D C   1 
ATOM   999  O O   . THR D 2 11 ? 16.949  -12.569 12.771  1.00 64.39 ? 11  THR D O   1 
ATOM   1000 C CB  . THR D 2 11 ? 15.033  -12.332 15.879  1.00 58.15 ? 11  THR D CB  1 
HETATM 1001 C C1  . GOL E 3 .  ? -11.527 3.854   -17.570 1.00 37.30 ? 101 GOL A C1  1 
HETATM 1002 O O1  . GOL E 3 .  ? -11.875 2.574   -17.994 1.00 49.88 ? 101 GOL A O1  1 
HETATM 1003 C C2  . GOL E 3 .  ? -12.827 4.685   -17.556 1.00 39.49 ? 101 GOL A C2  1 
HETATM 1004 O O2  . GOL E 3 .  ? -13.529 4.571   -18.745 1.00 53.16 ? 101 GOL A O2  1 
HETATM 1005 C C3  . GOL E 3 .  ? -12.370 6.129   -17.288 1.00 45.66 ? 101 GOL A C3  1 
HETATM 1006 O O3  . GOL E 3 .  ? -13.161 6.951   -18.086 1.00 46.69 ? 101 GOL A O3  1 
HETATM 1007 C C1  . GOL F 3 .  ? -11.389 9.569   -16.866 1.00 41.71 ? 102 GOL A C1  1 
HETATM 1008 O O1  . GOL F 3 .  ? -12.139 10.190  -15.870 1.00 44.43 ? 102 GOL A O1  1 
HETATM 1009 C C2  . GOL F 3 .  ? -11.294 10.562  -18.049 1.00 45.48 ? 102 GOL A C2  1 
HETATM 1010 O O2  . GOL F 3 .  ? -12.207 10.265  -19.051 1.00 63.71 ? 102 GOL A O2  1 
HETATM 1011 C C3  . GOL F 3 .  ? -9.832  10.457  -18.535 1.00 43.11 ? 102 GOL A C3  1 
HETATM 1012 O O3  . GOL F 3 .  ? -9.547  11.634  -19.223 1.00 50.44 ? 102 GOL A O3  1 
HETATM 1013 S S   . SO4 G 4 .  ? -17.764 14.552  -3.693  1.00 92.68 ? 101 SO4 C S   1 
HETATM 1014 O O1  . SO4 G 4 .  ? -16.713 13.578  -3.413  1.00 73.20 ? 101 SO4 C O1  1 
HETATM 1015 O O2  . SO4 G 4 .  ? -18.484 14.160  -4.903  1.00 67.05 ? 101 SO4 C O2  1 
HETATM 1016 O O3  . SO4 G 4 .  ? -18.694 14.587  -2.568  1.00 74.94 ? 101 SO4 C O3  1 
HETATM 1017 O O4  . SO4 G 4 .  ? -17.170 15.875  -3.882  1.00 67.41 ? 101 SO4 C O4  1 
HETATM 1018 C C1  . GOL H 3 .  ? 23.119  -5.258  7.772   1.00 57.58 ? 101 GOL B C1  1 
HETATM 1019 O O1  . GOL H 3 .  ? 22.762  -4.912  9.075   1.00 60.71 ? 101 GOL B O1  1 
HETATM 1020 C C2  . GOL H 3 .  ? 21.821  -5.256  6.929   1.00 51.74 ? 101 GOL B C2  1 
HETATM 1021 O O2  . GOL H 3 .  ? 20.822  -6.028  7.510   1.00 60.79 ? 101 GOL B O2  1 
HETATM 1022 C C3  . GOL H 3 .  ? 22.246  -5.804  5.548   1.00 48.68 ? 101 GOL B C3  1 
HETATM 1023 O O3  . GOL H 3 .  ? 23.204  -4.928  5.041   1.00 52.23 ? 101 GOL B O3  1 
HETATM 1024 C C1  . GOL I 3 .  ? 19.332  -1.151  9.231   1.00 44.79 ? 102 GOL B C1  1 
HETATM 1025 O O1  . GOL I 3 .  ? 20.023  -0.155  8.544   1.00 54.09 ? 102 GOL B O1  1 
HETATM 1026 C C2  . GOL I 3 .  ? 20.319  -1.794  10.232  1.00 43.65 ? 102 GOL B C2  1 
HETATM 1027 O O2  . GOL I 3 .  ? 21.092  -2.780  9.636   1.00 52.25 ? 102 GOL B O2  1 
HETATM 1028 C C3  . GOL I 3 .  ? 21.173  -0.619  10.762  1.00 52.31 ? 102 GOL B C3  1 
HETATM 1029 O O3  . GOL I 3 .  ? 21.065  -0.638  12.149  1.00 54.80 ? 102 GOL B O3  1 
HETATM 1030 S S   . SO4 J 4 .  ? 10.626  -15.790 10.188  1.00 70.03 ? 101 SO4 D S   1 
HETATM 1031 O O1  . SO4 J 4 .  ? 10.649  -16.718 9.059   1.00 59.53 ? 101 SO4 D O1  1 
HETATM 1032 O O2  . SO4 J 4 .  ? 9.917   -14.570 9.808   1.00 52.86 ? 101 SO4 D O2  1 
HETATM 1033 O O3  . SO4 J 4 .  ? 9.938   -16.415 11.314  1.00 55.93 ? 101 SO4 D O3  1 
HETATM 1034 O O4  . SO4 J 4 .  ? 11.994  -15.455 10.575  1.00 60.55 ? 101 SO4 D O4  1 
HETATM 1035 O O   . HOH K 5 .  ? -4.843  -8.489  -0.736  1.00 65.19 ? 201 HOH A O   1 
HETATM 1036 O O   . HOH K 5 .  ? -20.241 -7.678  -14.553 1.00 33.01 ? 202 HOH A O   1 
HETATM 1037 O O   . HOH K 5 .  ? -0.883  4.380   -17.295 1.00 57.08 ? 203 HOH A O   1 
HETATM 1038 O O   . HOH K 5 .  ? -16.155 4.769   -18.987 1.00 42.50 ? 204 HOH A O   1 
HETATM 1039 O O   . HOH K 5 .  ? -21.812 0.594   0.529   1.00 41.92 ? 205 HOH A O   1 
HETATM 1040 O O   . HOH K 5 .  ? -7.644  12.985  -3.762  1.00 37.87 ? 206 HOH A O   1 
HETATM 1041 O O   . HOH K 5 .  ? -4.962  18.088  -14.501 1.00 35.82 ? 207 HOH A O   1 
HETATM 1042 O O   . HOH K 5 .  ? -9.575  0.210   -17.460 1.00 36.08 ? 208 HOH A O   1 
HETATM 1043 O O   . HOH K 5 .  ? -4.617  -4.124  -6.571  1.00 34.35 ? 209 HOH A O   1 
HETATM 1044 O O   . HOH K 5 .  ? -14.872 -2.459  -12.980 1.00 30.24 ? 210 HOH A O   1 
HETATM 1045 O O   . HOH K 5 .  ? -12.060 -7.167  -2.302  1.00 42.86 ? 211 HOH A O   1 
HETATM 1046 O O   . HOH K 5 .  ? -7.291  14.721  -1.456  1.00 48.17 ? 212 HOH A O   1 
HETATM 1047 O O   . HOH K 5 .  ? -15.643 -9.226  -10.852 1.00 51.72 ? 213 HOH A O   1 
HETATM 1048 O O   . HOH K 5 .  ? -19.946 -3.626  -4.394  1.00 32.25 ? 214 HOH A O   1 
HETATM 1049 O O   . HOH K 5 .  ? -0.274  11.758  -13.916 1.00 37.11 ? 215 HOH A O   1 
HETATM 1050 O O   . HOH K 5 .  ? -13.506 7.562   -14.585 1.00 36.59 ? 216 HOH A O   1 
HETATM 1051 O O   . HOH L 5 .  ? -22.154 2.197   -10.259 1.00 32.38 ? 201 HOH C O   1 
HETATM 1052 O O   . HOH M 5 .  ? 8.829   -11.421 0.897   1.00 42.79 ? 201 HOH B O   1 
HETATM 1053 O O   . HOH M 5 .  ? 3.521   -7.809  2.764   1.00 39.06 ? 202 HOH B O   1 
HETATM 1054 O O   . HOH M 5 .  ? 14.438  -2.642  15.719  1.00 33.41 ? 203 HOH B O   1 
HETATM 1055 O O   . HOH M 5 .  ? 2.191   3.513   12.769  1.00 37.07 ? 204 HOH B O   1 
HETATM 1056 O O   . HOH M 5 .  ? 3.957   -10.204 18.009  1.00 43.34 ? 205 HOH B O   1 
HETATM 1057 O O   . HOH M 5 .  ? 13.598  2.142   13.996  1.00 31.74 ? 206 HOH B O   1 
HETATM 1058 O O   . HOH M 5 .  ? 18.982  -2.546  13.377  1.00 44.83 ? 207 HOH B O   1 
HETATM 1059 O O   . HOH M 5 .  ? 9.880   -12.288 14.741  1.00 44.31 ? 208 HOH B O   1 
HETATM 1060 O O   . HOH M 5 .  ? 12.988  5.421   21.229  1.00 34.68 ? 209 HOH B O   1 
HETATM 1061 O O   . HOH M 5 .  ? 15.183  -11.403 3.652   1.00 38.59 ? 210 HOH B O   1 
HETATM 1062 O O   . HOH M 5 .  ? 6.237   5.107   5.118   1.00 37.46 ? 211 HOH B O   1 
HETATM 1063 O O   . HOH M 5 .  ? 24.534  6.380   19.988  1.00 53.77 ? 212 HOH B O   1 
HETATM 1064 O O   . HOH M 5 .  ? 19.194  2.372   9.454   1.00 36.55 ? 213 HOH B O   1 
HETATM 1065 O O   . HOH M 5 .  ? 17.935  3.812   8.272   1.00 35.24 ? 214 HOH B O   1 
HETATM 1066 O O   . HOH M 5 .  ? 5.256   8.007   8.433   1.00 39.27 ? 215 HOH B O   1 
HETATM 1067 O O   . HOH M 5 .  ? 5.270   -2.141  18.629  1.00 31.24 ? 216 HOH B O   1 
HETATM 1068 O O   . HOH M 5 .  ? 18.433  -5.331  9.526   1.00 35.22 ? 217 HOH B O   1 
HETATM 1069 O O   . HOH M 5 .  ? 1.763   -4.510  3.632   1.00 39.48 ? 218 HOH B O   1 
HETATM 1070 O O   . HOH M 5 .  ? 19.553  2.626   20.698  1.00 49.27 ? 219 HOH B O   1 
HETATM 1071 O O   . HOH N 5 .  ? 11.800  -17.841 7.145   1.00 54.24 ? 201 HOH D O   1 
HETATM 1072 O O   . HOH N 5 .  ? 7.064   -15.353 17.139  1.00 42.60 ? 202 HOH D O   1 
# 
loop_
_pdbx_poly_seq_scheme.asym_id 
_pdbx_poly_seq_scheme.entity_id 
_pdbx_poly_seq_scheme.seq_id 
_pdbx_poly_seq_scheme.mon_id 
_pdbx_poly_seq_scheme.ndb_seq_num 
_pdbx_poly_seq_scheme.pdb_seq_num 
_pdbx_poly_seq_scheme.auth_seq_num 
_pdbx_poly_seq_scheme.pdb_mon_id 
_pdbx_poly_seq_scheme.auth_mon_id 
_pdbx_poly_seq_scheme.pdb_strand_id 
_pdbx_poly_seq_scheme.pdb_ins_code 
_pdbx_poly_seq_scheme.hetero 
A 1 1  GLY 1  1  1  GLY GLY A . n 
A 1 2  GLU 2  2  2  GLU GLU A . n 
A 1 3  PHE 3  3  3  PHE PHE A . n 
A 1 4  VAL 4  4  4  VAL VAL A . n 
A 1 5  VAL 5  5  5  VAL VAL A . n 
A 1 6  GLU 6  6  6  GLU GLU A . n 
A 1 7  LYS 7  7  7  LYS LYS A . n 
A 1 8  VAL 8  8  8  VAL VAL A . n 
A 1 9  LEU 9  9  9  LEU LEU A . n 
A 1 10 ASP 10 10 10 ASP ASP A . n 
A 1 11 ARG 11 11 11 ARG ARG A . n 
A 1 12 ARG 12 12 12 ARG ARG A . n 
A 1 13 VAL 13 13 13 VAL VAL A . n 
A 1 14 VAL 14 14 14 VAL VAL A . n 
A 1 15 LYS 15 15 15 LYS LYS A . n 
A 1 16 GLY 16 16 16 GLY GLY A . n 
A 1 17 LYS 17 17 17 LYS LYS A . n 
A 1 18 VAL 18 18 18 VAL VAL A . n 
A 1 19 GLU 19 19 19 GLU GLU A . n 
A 1 20 TYR 20 20 20 TYR TYR A . n 
A 1 21 LEU 21 21 21 LEU LEU A . n 
A 1 22 LEU 22 22 22 LEU LEU A . n 
A 1 23 LYS 23 23 23 LYS LYS A . n 
A 1 24 TRP 24 24 24 TRP TRP A . n 
A 1 25 LYS 25 25 25 LYS LYS A . n 
A 1 26 GLY 26 26 26 GLY GLY A . n 
A 1 27 GLY 27 27 27 GLY GLY A . n 
A 1 28 SER 28 28 28 SER SER A . n 
A 1 29 ASP 29 29 29 ASP ASP A . n 
A 1 30 GLU 30 30 30 GLU GLU A . n 
A 1 31 ASP 31 31 31 ASP ASP A . n 
A 1 32 ASN 32 32 32 ASN ASN A . n 
A 1 33 THR 33 33 33 THR THR A . n 
A 1 34 TRP 34 34 34 TRP TRP A . n 
A 1 35 GLU 35 35 35 GLU GLU A . n 
A 1 36 PRO 36 36 36 PRO PRO A . n 
A 1 37 GLU 37 37 37 GLU GLU A . n 
A 1 38 GLU 38 38 38 GLU GLU A . n 
A 1 39 ASN 39 39 39 ASN ASN A . n 
A 1 40 LEU 40 40 40 LEU LEU A . n 
A 1 41 ASP 41 41 41 ASP ASP A . n 
A 1 42 CYS 42 42 42 CYS CYS A . n 
A 1 43 PRO 43 43 43 PRO PRO A . n 
A 1 44 ASP 44 44 44 ASP ASP A . n 
A 1 45 LEU 45 45 45 LEU LEU A . n 
A 1 46 ILE 46 46 46 ILE ILE A . n 
A 1 47 ALA 47 47 47 ALA ALA A . n 
A 1 48 GLU 48 48 48 GLU GLU A . n 
A 1 49 PHE 49 49 49 PHE PHE A . n 
A 1 50 LEU 50 50 50 LEU LEU A . n 
A 1 51 GLN 51 51 51 GLN GLN A . n 
A 1 52 SER 52 52 52 SER SER A . n 
A 1 53 GLN 53 53 53 GLN GLN A . n 
A 1 54 LYS 54 54 54 LYS LYS A . n 
A 1 55 THR 55 55 ?  ?   ?   A . n 
B 2 1  ALA 1  1  ?  ?   ?   C . n 
B 2 2  ARG 2  2  ?  ?   ?   C . n 
B 2 3  THR 3  3  3  THR THR C . n 
B 2 4  LYS 4  4  4  LYS LYS C . n 
B 2 5  GLN 5  5  5  GLN GLN C . n 
B 2 6  THR 6  6  6  THR THR C . n 
B 2 7  ALA 7  7  7  ALA ALA C . n 
B 2 8  ARG 8  8  8  ARG ARG C . n 
B 2 9  FQA 9  9  9  FQA BNK C . n 
B 2 10 SER 10 10 10 SER SER C . n 
B 2 11 THR 11 11 ?  ?   ?   C . n 
B 2 12 GLY 12 12 ?  ?   ?   C . n 
B 2 13 GLY 13 13 ?  ?   ?   C . n 
B 2 14 LYS 14 14 ?  ?   ?   C . n 
B 2 15 ALA 15 15 ?  ?   ?   C . n 
B 2 16 NH2 16 16 ?  ?   ?   C . n 
C 1 1  GLY 1  1  1  GLY GLY B . n 
C 1 2  GLU 2  2  2  GLU GLU B . n 
C 1 3  PHE 3  3  3  PHE PHE B . n 
C 1 4  VAL 4  4  4  VAL VAL B . n 
C 1 5  VAL 5  5  5  VAL VAL B . n 
C 1 6  GLU 6  6  6  GLU GLU B . n 
C 1 7  LYS 7  7  7  LYS LYS B . n 
C 1 8  VAL 8  8  8  VAL VAL B . n 
C 1 9  LEU 9  9  9  LEU LEU B . n 
C 1 10 ASP 10 10 10 ASP ASP B . n 
C 1 11 ARG 11 11 11 ARG ARG B . n 
C 1 12 ARG 12 12 12 ARG ARG B . n 
C 1 13 VAL 13 13 13 VAL VAL B . n 
C 1 14 VAL 14 14 14 VAL VAL B . n 
C 1 15 LYS 15 15 15 LYS LYS B . n 
C 1 16 GLY 16 16 16 GLY GLY B . n 
C 1 17 LYS 17 17 17 LYS LYS B . n 
C 1 18 VAL 18 18 18 VAL VAL B . n 
C 1 19 GLU 19 19 19 GLU GLU B . n 
C 1 20 TYR 20 20 20 TYR TYR B . n 
C 1 21 LEU 21 21 21 LEU LEU B . n 
C 1 22 LEU 22 22 22 LEU LEU B . n 
C 1 23 LYS 23 23 23 LYS LYS B . n 
C 1 24 TRP 24 24 24 TRP TRP B . n 
C 1 25 LYS 25 25 25 LYS LYS B . n 
C 1 26 GLY 26 26 26 GLY GLY B . n 
C 1 27 GLY 27 27 27 GLY GLY B . n 
C 1 28 SER 28 28 28 SER SER B . n 
C 1 29 ASP 29 29 29 ASP ASP B . n 
C 1 30 GLU 30 30 30 GLU GLU B . n 
C 1 31 ASP 31 31 31 ASP ASP B . n 
C 1 32 ASN 32 32 32 ASN ASN B . n 
C 1 33 THR 33 33 33 THR THR B . n 
C 1 34 TRP 34 34 34 TRP TRP B . n 
C 1 35 GLU 35 35 35 GLU GLU B . n 
C 1 36 PRO 36 36 36 PRO PRO B . n 
C 1 37 GLU 37 37 37 GLU GLU B . n 
C 1 38 GLU 38 38 38 GLU GLU B . n 
C 1 39 ASN 39 39 39 ASN ASN B . n 
C 1 40 LEU 40 40 40 LEU LEU B . n 
C 1 41 ASP 41 41 41 ASP ASP B . n 
C 1 42 CYS 42 42 42 CYS CYS B . n 
C 1 43 PRO 43 43 43 PRO PRO B . n 
C 1 44 ASP 44 44 44 ASP ASP B . n 
C 1 45 LEU 45 45 45 LEU LEU B . n 
C 1 46 ILE 46 46 46 ILE ILE B . n 
C 1 47 ALA 47 47 47 ALA ALA B . n 
C 1 48 GLU 48 48 48 GLU GLU B . n 
C 1 49 PHE 49 49 49 PHE PHE B . n 
C 1 50 LEU 50 50 50 LEU LEU B . n 
C 1 51 GLN 51 51 51 GLN GLN B . n 
C 1 52 SER 52 52 52 SER SER B . n 
C 1 53 GLN 53 53 ?  ?   ?   B . n 
C 1 54 LYS 54 54 ?  ?   ?   B . n 
C 1 55 THR 55 55 ?  ?   ?   B . n 
D 2 1  ALA 1  1  ?  ?   ?   D . n 
D 2 2  ARG 2  2  ?  ?   ?   D . n 
D 2 3  THR 3  3  3  THR THR D . n 
D 2 4  LYS 4  4  4  LYS LYS D . n 
D 2 5  GLN 5  5  5  GLN GLN D . n 
D 2 6  THR 6  6  6  THR THR D . n 
D 2 7  ALA 7  7  7  ALA ALA D . n 
D 2 8  ARG 8  8  8  ARG ARG D . n 
D 2 9  FQA 9  9  9  FQA BNK D . n 
D 2 10 SER 10 10 10 SER SER D . n 
D 2 11 THR 11 11 11 THR THR D . n 
D 2 12 GLY 12 12 ?  ?   ?   D . n 
D 2 13 GLY 13 13 ?  ?   ?   D . n 
D 2 14 LYS 14 14 ?  ?   ?   D . n 
D 2 15 ALA 15 15 ?  ?   ?   D . n 
D 2 16 NH2 16 16 ?  ?   ?   D . n 
# 
loop_
_pdbx_nonpoly_scheme.asym_id 
_pdbx_nonpoly_scheme.entity_id 
_pdbx_nonpoly_scheme.mon_id 
_pdbx_nonpoly_scheme.ndb_seq_num 
_pdbx_nonpoly_scheme.pdb_seq_num 
_pdbx_nonpoly_scheme.auth_seq_num 
_pdbx_nonpoly_scheme.pdb_mon_id 
_pdbx_nonpoly_scheme.auth_mon_id 
_pdbx_nonpoly_scheme.pdb_strand_id 
_pdbx_nonpoly_scheme.pdb_ins_code 
E 3 GOL 1  101 1  GOL GOL A . 
F 3 GOL 1  102 3  GOL GOL A . 
G 4 SO4 1  101 2  SO4 SO4 C . 
H 3 GOL 1  101 2  GOL GOL B . 
I 3 GOL 1  102 4  GOL GOL B . 
J 4 SO4 1  101 1  SO4 SO4 D . 
K 5 HOH 1  201 26 HOH HOH A . 
K 5 HOH 2  202 8  HOH HOH A . 
K 5 HOH 3  203 12 HOH HOH A . 
K 5 HOH 4  204 20 HOH HOH A . 
K 5 HOH 5  205 37 HOH HOH A . 
K 5 HOH 6  206 13 HOH HOH A . 
K 5 HOH 7  207 39 HOH HOH A . 
K 5 HOH 8  208 14 HOH HOH A . 
K 5 HOH 9  209 5  HOH HOH A . 
K 5 HOH 10 210 7  HOH HOH A . 
K 5 HOH 11 211 22 HOH HOH A . 
K 5 HOH 12 212 2  HOH HOH A . 
K 5 HOH 13 213 31 HOH HOH A . 
K 5 HOH 14 214 3  HOH HOH A . 
K 5 HOH 15 215 6  HOH HOH A . 
K 5 HOH 16 216 32 HOH HOH A . 
L 5 HOH 1  201 28 HOH HOH C . 
M 5 HOH 1  201 15 HOH HOH B . 
M 5 HOH 2  202 29 HOH HOH B . 
M 5 HOH 3  203 18 HOH HOH B . 
M 5 HOH 4  204 27 HOH HOH B . 
M 5 HOH 5  205 21 HOH HOH B . 
M 5 HOH 6  206 4  HOH HOH B . 
M 5 HOH 7  207 25 HOH HOH B . 
M 5 HOH 8  208 24 HOH HOH B . 
M 5 HOH 9  209 11 HOH HOH B . 
M 5 HOH 10 210 34 HOH HOH B . 
M 5 HOH 11 211 33 HOH HOH B . 
M 5 HOH 12 212 36 HOH HOH B . 
M 5 HOH 13 213 23 HOH HOH B . 
M 5 HOH 14 214 38 HOH HOH B . 
M 5 HOH 15 215 19 HOH HOH B . 
M 5 HOH 16 216 9  HOH HOH B . 
M 5 HOH 17 217 10 HOH HOH B . 
M 5 HOH 18 218 40 HOH HOH B . 
M 5 HOH 19 219 17 HOH HOH B . 
N 5 HOH 1  201 16 HOH HOH D . 
N 5 HOH 2  202 41 HOH HOH D . 
# 
loop_
_pdbx_struct_mod_residue.id 
_pdbx_struct_mod_residue.label_asym_id 
_pdbx_struct_mod_residue.label_comp_id 
_pdbx_struct_mod_residue.label_seq_id 
_pdbx_struct_mod_residue.auth_asym_id 
_pdbx_struct_mod_residue.auth_comp_id 
_pdbx_struct_mod_residue.auth_seq_id 
_pdbx_struct_mod_residue.PDB_ins_code 
_pdbx_struct_mod_residue.parent_comp_id 
_pdbx_struct_mod_residue.details 
1 B FQA 9 C FQA 9 ? LYS 'modified residue' 
2 D FQA 9 D FQA 9 ? LYS 'modified residue' 
# 
loop_
_pdbx_struct_assembly.id 
_pdbx_struct_assembly.details 
_pdbx_struct_assembly.method_details 
_pdbx_struct_assembly.oligomeric_details 
_pdbx_struct_assembly.oligomeric_count 
1 author_and_software_defined_assembly PISA dimeric 2 
2 author_and_software_defined_assembly PISA dimeric 2 
# 
loop_
_pdbx_struct_assembly_gen.assembly_id 
_pdbx_struct_assembly_gen.oper_expression 
_pdbx_struct_assembly_gen.asym_id_list 
1 1 A,B,E,F,G,K,L 
2 1 C,D,H,I,J,M,N 
# 
loop_
_pdbx_struct_assembly_prop.biol_id 
_pdbx_struct_assembly_prop.type 
_pdbx_struct_assembly_prop.value 
_pdbx_struct_assembly_prop.details 
1 'ABSA (A^2)' 1660 ? 
1 MORE         -5   ? 
1 'SSA (A^2)'  4470 ? 
2 'ABSA (A^2)' 1640 ? 
2 MORE         -19  ? 
2 'SSA (A^2)'  4410 ? 
# 
_pdbx_struct_oper_list.id                   1 
_pdbx_struct_oper_list.type                 'identity operation' 
_pdbx_struct_oper_list.name                 1_555 
_pdbx_struct_oper_list.symmetry_operation   x,y,z 
_pdbx_struct_oper_list.matrix[1][1]         1.0000000000 
_pdbx_struct_oper_list.matrix[1][2]         0.0000000000 
_pdbx_struct_oper_list.matrix[1][3]         0.0000000000 
_pdbx_struct_oper_list.vector[1]            0.0000000000 
_pdbx_struct_oper_list.matrix[2][1]         0.0000000000 
_pdbx_struct_oper_list.matrix[2][2]         1.0000000000 
_pdbx_struct_oper_list.matrix[2][3]         0.0000000000 
_pdbx_struct_oper_list.vector[2]            0.0000000000 
_pdbx_struct_oper_list.matrix[3][1]         0.0000000000 
_pdbx_struct_oper_list.matrix[3][2]         0.0000000000 
_pdbx_struct_oper_list.matrix[3][3]         1.0000000000 
_pdbx_struct_oper_list.vector[3]            0.0000000000 
# 
loop_
_pdbx_audit_revision_history.ordinal 
_pdbx_audit_revision_history.data_content_type 
_pdbx_audit_revision_history.major_revision 
_pdbx_audit_revision_history.minor_revision 
_pdbx_audit_revision_history.revision_date 
1 'Structure model' 1 0 2019-04-10 
2 'Structure model' 1 1 2019-10-23 
3 'Structure model' 1 2 2020-01-01 
4 'Structure model' 1 3 2023-10-04 
5 'Structure model' 1 4 2023-11-15 
# 
_pdbx_audit_revision_details.ordinal             1 
_pdbx_audit_revision_details.revision_ordinal    1 
_pdbx_audit_revision_details.data_content_type   'Structure model' 
_pdbx_audit_revision_details.provider            repository 
_pdbx_audit_revision_details.type                'Initial release' 
_pdbx_audit_revision_details.description         ? 
_pdbx_audit_revision_details.details             ? 
# 
loop_
_pdbx_audit_revision_group.ordinal 
_pdbx_audit_revision_group.revision_ordinal 
_pdbx_audit_revision_group.data_content_type 
_pdbx_audit_revision_group.group 
1 2 'Structure model' 'Data collection'            
2 2 'Structure model' 'Database references'        
3 3 'Structure model' 'Author supporting evidence' 
4 4 'Structure model' 'Data collection'            
5 4 'Structure model' 'Database references'        
6 4 'Structure model' 'Refinement description'     
7 5 'Structure model' 'Data collection'            
8 5 'Structure model' 'Derived calculations'       
# 
loop_
_pdbx_audit_revision_category.ordinal 
_pdbx_audit_revision_category.revision_ordinal 
_pdbx_audit_revision_category.data_content_type 
_pdbx_audit_revision_category.category 
1  2 'Structure model' citation                      
2  2 'Structure model' citation_author               
3  3 'Structure model' pdbx_audit_support            
4  4 'Structure model' chem_comp_atom                
5  4 'Structure model' chem_comp_bond                
6  4 'Structure model' database_2                    
7  4 'Structure model' pdbx_initial_refinement_model 
8  5 'Structure model' chem_comp_atom                
9  5 'Structure model' chem_comp_bond                
10 5 'Structure model' struct_conn                   
# 
loop_
_pdbx_audit_revision_item.ordinal 
_pdbx_audit_revision_item.revision_ordinal 
_pdbx_audit_revision_item.data_content_type 
_pdbx_audit_revision_item.item 
1  2 'Structure model' '_citation.country'                        
2  2 'Structure model' '_citation.journal_abbrev'                 
3  2 'Structure model' '_citation.journal_id_ASTM'                
4  2 'Structure model' '_citation.journal_id_CSD'                 
5  2 'Structure model' '_citation.journal_id_ISSN'                
6  2 'Structure model' '_citation.journal_volume'                 
7  2 'Structure model' '_citation.page_first'                     
8  2 'Structure model' '_citation.page_last'                      
9  2 'Structure model' '_citation.pdbx_database_id_DOI'           
10 2 'Structure model' '_citation.pdbx_database_id_PubMed'        
11 2 'Structure model' '_citation.title'                          
12 2 'Structure model' '_citation.year'                           
13 2 'Structure model' '_citation_author.identifier_ORCID'        
14 3 'Structure model' '_pdbx_audit_support.funding_organization' 
15 4 'Structure model' '_database_2.pdbx_DOI'                     
16 4 'Structure model' '_database_2.pdbx_database_accession'      
17 5 'Structure model' '_chem_comp_atom.atom_id'                  
18 5 'Structure model' '_chem_comp_bond.atom_id_1'                
19 5 'Structure model' '_chem_comp_bond.atom_id_2'                
20 5 'Structure model' '_struct_conn.pdbx_leaving_atom_flag'      
# 
loop_
_software.citation_id 
_software.classification 
_software.compiler_name 
_software.compiler_version 
_software.contact_author 
_software.contact_author_email 
_software.date 
_software.description 
_software.dependencies 
_software.hardware 
_software.language 
_software.location 
_software.mods 
_software.name 
_software.os 
_software.os_version 
_software.type 
_software.version 
_software.pdbx_ordinal 
? refinement       ? ? ? ? ? ? ? ? ? ? ? PHENIX ? ? ? '(1.12_2829: ???)' 1 
? 'data reduction' ? ? ? ? ? ? ? ? ? ? ? d*TREK ? ? ? .                  2 
? 'data scaling'   ? ? ? ? ? ? ? ? ? ? ? d*TREK ? ? ? .                  3 
? phasing          ? ? ? ? ? ? ? ? ? ? ? PHASER ? ? ? .                  4 
# 
loop_
_pdbx_unobs_or_zero_occ_atoms.id 
_pdbx_unobs_or_zero_occ_atoms.PDB_model_num 
_pdbx_unobs_or_zero_occ_atoms.polymer_flag 
_pdbx_unobs_or_zero_occ_atoms.occupancy_flag 
_pdbx_unobs_or_zero_occ_atoms.auth_asym_id 
_pdbx_unobs_or_zero_occ_atoms.auth_comp_id 
_pdbx_unobs_or_zero_occ_atoms.auth_seq_id 
_pdbx_unobs_or_zero_occ_atoms.PDB_ins_code 
_pdbx_unobs_or_zero_occ_atoms.auth_atom_id 
_pdbx_unobs_or_zero_occ_atoms.label_alt_id 
_pdbx_unobs_or_zero_occ_atoms.label_asym_id 
_pdbx_unobs_or_zero_occ_atoms.label_comp_id 
_pdbx_unobs_or_zero_occ_atoms.label_seq_id 
_pdbx_unobs_or_zero_occ_atoms.label_atom_id 
1  1 Y 1 A LYS 54 ? CG  ? A LYS 54 CG  
2  1 Y 1 A LYS 54 ? CD  ? A LYS 54 CD  
3  1 Y 1 A LYS 54 ? CE  ? A LYS 54 CE  
4  1 Y 1 A LYS 54 ? NZ  ? A LYS 54 NZ  
5  1 Y 1 C THR 3  ? OG1 ? B THR 3  OG1 
6  1 Y 1 C THR 3  ? CG2 ? B THR 3  CG2 
7  1 Y 1 B SER 52 ? OG  ? C SER 52 OG  
8  1 Y 1 D THR 3  ? N   ? D THR 3  N   
9  1 Y 1 D THR 3  ? CB  ? D THR 3  CB  
10 1 Y 1 D THR 3  ? OG1 ? D THR 3  OG1 
11 1 Y 1 D THR 3  ? CG2 ? D THR 3  CG2 
12 1 Y 1 D THR 11 ? OG1 ? D THR 11 OG1 
13 1 Y 1 D THR 11 ? CG2 ? D THR 11 CG2 
# 
loop_
_pdbx_unobs_or_zero_occ_residues.id 
_pdbx_unobs_or_zero_occ_residues.PDB_model_num 
_pdbx_unobs_or_zero_occ_residues.polymer_flag 
_pdbx_unobs_or_zero_occ_residues.occupancy_flag 
_pdbx_unobs_or_zero_occ_residues.auth_asym_id 
_pdbx_unobs_or_zero_occ_residues.auth_comp_id 
_pdbx_unobs_or_zero_occ_residues.auth_seq_id 
_pdbx_unobs_or_zero_occ_residues.PDB_ins_code 
_pdbx_unobs_or_zero_occ_residues.label_asym_id 
_pdbx_unobs_or_zero_occ_residues.label_comp_id 
_pdbx_unobs_or_zero_occ_residues.label_seq_id 
1  1 Y 1 A THR 55 ? A THR 55 
2  1 Y 1 C ALA 1  ? B ALA 1  
3  1 Y 1 C ARG 2  ? B ARG 2  
4  1 Y 1 C THR 11 ? B THR 11 
5  1 Y 1 C GLY 12 ? B GLY 12 
6  1 Y 1 C GLY 13 ? B GLY 13 
7  1 Y 1 C LYS 14 ? B LYS 14 
8  1 Y 1 C ALA 15 ? B ALA 15 
9  1 Y 1 C NH2 16 ? B NH2 16 
10 1 Y 1 B GLN 53 ? C GLN 53 
11 1 Y 1 B LYS 54 ? C LYS 54 
12 1 Y 1 B THR 55 ? C THR 55 
13 1 Y 1 D ALA 1  ? D ALA 1  
14 1 Y 1 D ARG 2  ? D ARG 2  
15 1 Y 1 D GLY 12 ? D GLY 12 
16 1 Y 1 D GLY 13 ? D GLY 13 
17 1 Y 1 D LYS 14 ? D LYS 14 
18 1 Y 1 D ALA 15 ? D ALA 15 
19 1 Y 1 D NH2 16 ? D NH2 16 
# 
loop_
_chem_comp_atom.comp_id 
_chem_comp_atom.atom_id 
_chem_comp_atom.type_symbol 
_chem_comp_atom.pdbx_aromatic_flag 
_chem_comp_atom.pdbx_stereo_config 
_chem_comp_atom.pdbx_ordinal 
ALA N    N N N 1   
ALA CA   C N S 2   
ALA C    C N N 3   
ALA O    O N N 4   
ALA CB   C N N 5   
ALA OXT  O N N 6   
ALA H    H N N 7   
ALA H2   H N N 8   
ALA HA   H N N 9   
ALA HB1  H N N 10  
ALA HB2  H N N 11  
ALA HB3  H N N 12  
ALA HXT  H N N 13  
ARG N    N N N 14  
ARG CA   C N S 15  
ARG C    C N N 16  
ARG O    O N N 17  
ARG CB   C N N 18  
ARG CG   C N N 19  
ARG CD   C N N 20  
ARG NE   N N N 21  
ARG CZ   C N N 22  
ARG NH1  N N N 23  
ARG NH2  N N N 24  
ARG OXT  O N N 25  
ARG H    H N N 26  
ARG H2   H N N 27  
ARG HA   H N N 28  
ARG HB2  H N N 29  
ARG HB3  H N N 30  
ARG HG2  H N N 31  
ARG HG3  H N N 32  
ARG HD2  H N N 33  
ARG HD3  H N N 34  
ARG HE   H N N 35  
ARG HH11 H N N 36  
ARG HH12 H N N 37  
ARG HH21 H N N 38  
ARG HH22 H N N 39  
ARG HXT  H N N 40  
ASN N    N N N 41  
ASN CA   C N S 42  
ASN C    C N N 43  
ASN O    O N N 44  
ASN CB   C N N 45  
ASN CG   C N N 46  
ASN OD1  O N N 47  
ASN ND2  N N N 48  
ASN OXT  O N N 49  
ASN H    H N N 50  
ASN H2   H N N 51  
ASN HA   H N N 52  
ASN HB2  H N N 53  
ASN HB3  H N N 54  
ASN HD21 H N N 55  
ASN HD22 H N N 56  
ASN HXT  H N N 57  
ASP N    N N N 58  
ASP CA   C N S 59  
ASP C    C N N 60  
ASP O    O N N 61  
ASP CB   C N N 62  
ASP CG   C N N 63  
ASP OD1  O N N 64  
ASP OD2  O N N 65  
ASP OXT  O N N 66  
ASP H    H N N 67  
ASP H2   H N N 68  
ASP HA   H N N 69  
ASP HB2  H N N 70  
ASP HB3  H N N 71  
ASP HD2  H N N 72  
ASP HXT  H N N 73  
CYS N    N N N 74  
CYS CA   C N R 75  
CYS C    C N N 76  
CYS O    O N N 77  
CYS CB   C N N 78  
CYS SG   S N N 79  
CYS OXT  O N N 80  
CYS H    H N N 81  
CYS H2   H N N 82  
CYS HA   H N N 83  
CYS HB2  H N N 84  
CYS HB3  H N N 85  
CYS HG   H N N 86  
CYS HXT  H N N 87  
FQA N    N N N 88  
FQA CA   C N S 89  
FQA C    C N N 90  
FQA O    O N N 91  
FQA CB   C N N 92  
FQA CG   C N N 93  
FQA CD   C N N 94  
FQA CE   C N N 95  
FQA NZ   N N N 96  
FQA CH   C N N 97  
FQA C1   C Y N 98  
FQA C2   C Y N 99  
FQA C3   C Y N 100 
FQA C4   C Y N 101 
FQA C5   C Y N 102 
FQA C6   C Y N 103 
FQA OXT  O N N 104 
FQA H    H N N 105 
FQA H2   H N N 106 
FQA HA   H N N 107 
FQA H5   H N N 108 
FQA H6   H N N 109 
FQA H7   H N N 110 
FQA H8   H N N 111 
FQA H9   H N N 112 
FQA H10  H N N 113 
FQA H11  H N N 114 
FQA H12  H N N 115 
FQA H13  H N N 116 
FQA H15  H N N 117 
FQA H16  H N N 118 
FQA H17  H N N 119 
FQA H18  H N N 120 
FQA H19  H N N 121 
FQA H20  H N N 122 
FQA H21  H N N 123 
FQA HXT  H N N 124 
GLN N    N N N 125 
GLN CA   C N S 126 
GLN C    C N N 127 
GLN O    O N N 128 
GLN CB   C N N 129 
GLN CG   C N N 130 
GLN CD   C N N 131 
GLN OE1  O N N 132 
GLN NE2  N N N 133 
GLN OXT  O N N 134 
GLN H    H N N 135 
GLN H2   H N N 136 
GLN HA   H N N 137 
GLN HB2  H N N 138 
GLN HB3  H N N 139 
GLN HG2  H N N 140 
GLN HG3  H N N 141 
GLN HE21 H N N 142 
GLN HE22 H N N 143 
GLN HXT  H N N 144 
GLU N    N N N 145 
GLU CA   C N S 146 
GLU C    C N N 147 
GLU O    O N N 148 
GLU CB   C N N 149 
GLU CG   C N N 150 
GLU CD   C N N 151 
GLU OE1  O N N 152 
GLU OE2  O N N 153 
GLU OXT  O N N 154 
GLU H    H N N 155 
GLU H2   H N N 156 
GLU HA   H N N 157 
GLU HB2  H N N 158 
GLU HB3  H N N 159 
GLU HG2  H N N 160 
GLU HG3  H N N 161 
GLU HE2  H N N 162 
GLU HXT  H N N 163 
GLY N    N N N 164 
GLY CA   C N N 165 
GLY C    C N N 166 
GLY O    O N N 167 
GLY OXT  O N N 168 
GLY H    H N N 169 
GLY H2   H N N 170 
GLY HA2  H N N 171 
GLY HA3  H N N 172 
GLY HXT  H N N 173 
GOL C1   C N N 174 
GOL O1   O N N 175 
GOL C2   C N N 176 
GOL O2   O N N 177 
GOL C3   C N N 178 
GOL O3   O N N 179 
GOL H11  H N N 180 
GOL H12  H N N 181 
GOL HO1  H N N 182 
GOL H2   H N N 183 
GOL HO2  H N N 184 
GOL H31  H N N 185 
GOL H32  H N N 186 
GOL HO3  H N N 187 
HOH O    O N N 188 
HOH H1   H N N 189 
HOH H2   H N N 190 
ILE N    N N N 191 
ILE CA   C N S 192 
ILE C    C N N 193 
ILE O    O N N 194 
ILE CB   C N S 195 
ILE CG1  C N N 196 
ILE CG2  C N N 197 
ILE CD1  C N N 198 
ILE OXT  O N N 199 
ILE H    H N N 200 
ILE H2   H N N 201 
ILE HA   H N N 202 
ILE HB   H N N 203 
ILE HG12 H N N 204 
ILE HG13 H N N 205 
ILE HG21 H N N 206 
ILE HG22 H N N 207 
ILE HG23 H N N 208 
ILE HD11 H N N 209 
ILE HD12 H N N 210 
ILE HD13 H N N 211 
ILE HXT  H N N 212 
LEU N    N N N 213 
LEU CA   C N S 214 
LEU C    C N N 215 
LEU O    O N N 216 
LEU CB   C N N 217 
LEU CG   C N N 218 
LEU CD1  C N N 219 
LEU CD2  C N N 220 
LEU OXT  O N N 221 
LEU H    H N N 222 
LEU H2   H N N 223 
LEU HA   H N N 224 
LEU HB2  H N N 225 
LEU HB3  H N N 226 
LEU HG   H N N 227 
LEU HD11 H N N 228 
LEU HD12 H N N 229 
LEU HD13 H N N 230 
LEU HD21 H N N 231 
LEU HD22 H N N 232 
LEU HD23 H N N 233 
LEU HXT  H N N 234 
LYS N    N N N 235 
LYS CA   C N S 236 
LYS C    C N N 237 
LYS O    O N N 238 
LYS CB   C N N 239 
LYS CG   C N N 240 
LYS CD   C N N 241 
LYS CE   C N N 242 
LYS NZ   N N N 243 
LYS OXT  O N N 244 
LYS H    H N N 245 
LYS H2   H N N 246 
LYS HA   H N N 247 
LYS HB2  H N N 248 
LYS HB3  H N N 249 
LYS HG2  H N N 250 
LYS HG3  H N N 251 
LYS HD2  H N N 252 
LYS HD3  H N N 253 
LYS HE2  H N N 254 
LYS HE3  H N N 255 
LYS HZ1  H N N 256 
LYS HZ2  H N N 257 
LYS HZ3  H N N 258 
LYS HXT  H N N 259 
NH2 N    N N N 260 
NH2 HN1  H N N 261 
NH2 HN2  H N N 262 
PHE N    N N N 263 
PHE CA   C N S 264 
PHE C    C N N 265 
PHE O    O N N 266 
PHE CB   C N N 267 
PHE CG   C Y N 268 
PHE CD1  C Y N 269 
PHE CD2  C Y N 270 
PHE CE1  C Y N 271 
PHE CE2  C Y N 272 
PHE CZ   C Y N 273 
PHE OXT  O N N 274 
PHE H    H N N 275 
PHE H2   H N N 276 
PHE HA   H N N 277 
PHE HB2  H N N 278 
PHE HB3  H N N 279 
PHE HD1  H N N 280 
PHE HD2  H N N 281 
PHE HE1  H N N 282 
PHE HE2  H N N 283 
PHE HZ   H N N 284 
PHE HXT  H N N 285 
PRO N    N N N 286 
PRO CA   C N S 287 
PRO C    C N N 288 
PRO O    O N N 289 
PRO CB   C N N 290 
PRO CG   C N N 291 
PRO CD   C N N 292 
PRO OXT  O N N 293 
PRO H    H N N 294 
PRO HA   H N N 295 
PRO HB2  H N N 296 
PRO HB3  H N N 297 
PRO HG2  H N N 298 
PRO HG3  H N N 299 
PRO HD2  H N N 300 
PRO HD3  H N N 301 
PRO HXT  H N N 302 
SER N    N N N 303 
SER CA   C N S 304 
SER C    C N N 305 
SER O    O N N 306 
SER CB   C N N 307 
SER OG   O N N 308 
SER OXT  O N N 309 
SER H    H N N 310 
SER H2   H N N 311 
SER HA   H N N 312 
SER HB2  H N N 313 
SER HB3  H N N 314 
SER HG   H N N 315 
SER HXT  H N N 316 
SO4 S    S N N 317 
SO4 O1   O N N 318 
SO4 O2   O N N 319 
SO4 O3   O N N 320 
SO4 O4   O N N 321 
THR N    N N N 322 
THR CA   C N S 323 
THR C    C N N 324 
THR O    O N N 325 
THR CB   C N R 326 
THR OG1  O N N 327 
THR CG2  C N N 328 
THR OXT  O N N 329 
THR H    H N N 330 
THR H2   H N N 331 
THR HA   H N N 332 
THR HB   H N N 333 
THR HG1  H N N 334 
THR HG21 H N N 335 
THR HG22 H N N 336 
THR HG23 H N N 337 
THR HXT  H N N 338 
TRP N    N N N 339 
TRP CA   C N S 340 
TRP C    C N N 341 
TRP O    O N N 342 
TRP CB   C N N 343 
TRP CG   C Y N 344 
TRP CD1  C Y N 345 
TRP CD2  C Y N 346 
TRP NE1  N Y N 347 
TRP CE2  C Y N 348 
TRP CE3  C Y N 349 
TRP CZ2  C Y N 350 
TRP CZ3  C Y N 351 
TRP CH2  C Y N 352 
TRP OXT  O N N 353 
TRP H    H N N 354 
TRP H2   H N N 355 
TRP HA   H N N 356 
TRP HB2  H N N 357 
TRP HB3  H N N 358 
TRP HD1  H N N 359 
TRP HE1  H N N 360 
TRP HE3  H N N 361 
TRP HZ2  H N N 362 
TRP HZ3  H N N 363 
TRP HH2  H N N 364 
TRP HXT  H N N 365 
TYR N    N N N 366 
TYR CA   C N S 367 
TYR C    C N N 368 
TYR O    O N N 369 
TYR CB   C N N 370 
TYR CG   C Y N 371 
TYR CD1  C Y N 372 
TYR CD2  C Y N 373 
TYR CE1  C Y N 374 
TYR CE2  C Y N 375 
TYR CZ   C Y N 376 
TYR OH   O N N 377 
TYR OXT  O N N 378 
TYR H    H N N 379 
TYR H2   H N N 380 
TYR HA   H N N 381 
TYR HB2  H N N 382 
TYR HB3  H N N 383 
TYR HD1  H N N 384 
TYR HD2  H N N 385 
TYR HE1  H N N 386 
TYR HE2  H N N 387 
TYR HH   H N N 388 
TYR HXT  H N N 389 
VAL N    N N N 390 
VAL CA   C N S 391 
VAL C    C N N 392 
VAL O    O N N 393 
VAL CB   C N N 394 
VAL CG1  C N N 395 
VAL CG2  C N N 396 
VAL OXT  O N N 397 
VAL H    H N N 398 
VAL H2   H N N 399 
VAL HA   H N N 400 
VAL HB   H N N 401 
VAL HG11 H N N 402 
VAL HG12 H N N 403 
VAL HG13 H N N 404 
VAL HG21 H N N 405 
VAL HG22 H N N 406 
VAL HG23 H N N 407 
VAL HXT  H N N 408 
# 
loop_
_chem_comp_bond.comp_id 
_chem_comp_bond.atom_id_1 
_chem_comp_bond.atom_id_2 
_chem_comp_bond.value_order 
_chem_comp_bond.pdbx_aromatic_flag 
_chem_comp_bond.pdbx_stereo_config 
_chem_comp_bond.pdbx_ordinal 
ALA N   CA   sing N N 1   
ALA N   H    sing N N 2   
ALA N   H2   sing N N 3   
ALA CA  C    sing N N 4   
ALA CA  CB   sing N N 5   
ALA CA  HA   sing N N 6   
ALA C   O    doub N N 7   
ALA C   OXT  sing N N 8   
ALA CB  HB1  sing N N 9   
ALA CB  HB2  sing N N 10  
ALA CB  HB3  sing N N 11  
ALA OXT HXT  sing N N 12  
ARG N   CA   sing N N 13  
ARG N   H    sing N N 14  
ARG N   H2   sing N N 15  
ARG CA  C    sing N N 16  
ARG CA  CB   sing N N 17  
ARG CA  HA   sing N N 18  
ARG C   O    doub N N 19  
ARG C   OXT  sing N N 20  
ARG CB  CG   sing N N 21  
ARG CB  HB2  sing N N 22  
ARG CB  HB3  sing N N 23  
ARG CG  CD   sing N N 24  
ARG CG  HG2  sing N N 25  
ARG CG  HG3  sing N N 26  
ARG CD  NE   sing N N 27  
ARG CD  HD2  sing N N 28  
ARG CD  HD3  sing N N 29  
ARG NE  CZ   sing N N 30  
ARG NE  HE   sing N N 31  
ARG CZ  NH1  sing N N 32  
ARG CZ  NH2  doub N N 33  
ARG NH1 HH11 sing N N 34  
ARG NH1 HH12 sing N N 35  
ARG NH2 HH21 sing N N 36  
ARG NH2 HH22 sing N N 37  
ARG OXT HXT  sing N N 38  
ASN N   CA   sing N N 39  
ASN N   H    sing N N 40  
ASN N   H2   sing N N 41  
ASN CA  C    sing N N 42  
ASN CA  CB   sing N N 43  
ASN CA  HA   sing N N 44  
ASN C   O    doub N N 45  
ASN C   OXT  sing N N 46  
ASN CB  CG   sing N N 47  
ASN CB  HB2  sing N N 48  
ASN CB  HB3  sing N N 49  
ASN CG  OD1  doub N N 50  
ASN CG  ND2  sing N N 51  
ASN ND2 HD21 sing N N 52  
ASN ND2 HD22 sing N N 53  
ASN OXT HXT  sing N N 54  
ASP N   CA   sing N N 55  
ASP N   H    sing N N 56  
ASP N   H2   sing N N 57  
ASP CA  C    sing N N 58  
ASP CA  CB   sing N N 59  
ASP CA  HA   sing N N 60  
ASP C   O    doub N N 61  
ASP C   OXT  sing N N 62  
ASP CB  CG   sing N N 63  
ASP CB  HB2  sing N N 64  
ASP CB  HB3  sing N N 65  
ASP CG  OD1  doub N N 66  
ASP CG  OD2  sing N N 67  
ASP OD2 HD2  sing N N 68  
ASP OXT HXT  sing N N 69  
CYS N   CA   sing N N 70  
CYS N   H    sing N N 71  
CYS N   H2   sing N N 72  
CYS CA  C    sing N N 73  
CYS CA  CB   sing N N 74  
CYS CA  HA   sing N N 75  
CYS C   O    doub N N 76  
CYS C   OXT  sing N N 77  
CYS CB  SG   sing N N 78  
CYS CB  HB2  sing N N 79  
CYS CB  HB3  sing N N 80  
CYS SG  HG   sing N N 81  
CYS OXT HXT  sing N N 82  
FQA C4  C5   doub Y N 83  
FQA C4  C3   sing Y N 84  
FQA C5  C6   sing Y N 85  
FQA C3  C2   doub Y N 86  
FQA C6  C1   doub Y N 87  
FQA C2  C1   sing Y N 88  
FQA C1  CH   sing N N 89  
FQA CH  NZ   sing N N 90  
FQA NZ  CE   sing N N 91  
FQA CE  CD   sing N N 92  
FQA CD  CG   sing N N 93  
FQA CG  CB   sing N N 94  
FQA CB  CA   sing N N 95  
FQA CA  C    sing N N 96  
FQA CA  N    sing N N 97  
FQA O   C    doub N N 98  
FQA C   OXT  sing N N 99  
FQA N   H    sing N N 100 
FQA N   H2   sing N N 101 
FQA CA  HA   sing N N 102 
FQA CB  H5   sing N N 103 
FQA CB  H6   sing N N 104 
FQA CG  H7   sing N N 105 
FQA CG  H8   sing N N 106 
FQA CD  H9   sing N N 107 
FQA CD  H10  sing N N 108 
FQA CE  H11  sing N N 109 
FQA CE  H12  sing N N 110 
FQA NZ  H13  sing N N 111 
FQA CH  H15  sing N N 112 
FQA CH  H16  sing N N 113 
FQA C2  H17  sing N N 114 
FQA C3  H18  sing N N 115 
FQA C4  H19  sing N N 116 
FQA C5  H20  sing N N 117 
FQA C6  H21  sing N N 118 
FQA OXT HXT  sing N N 119 
GLN N   CA   sing N N 120 
GLN N   H    sing N N 121 
GLN N   H2   sing N N 122 
GLN CA  C    sing N N 123 
GLN CA  CB   sing N N 124 
GLN CA  HA   sing N N 125 
GLN C   O    doub N N 126 
GLN C   OXT  sing N N 127 
GLN CB  CG   sing N N 128 
GLN CB  HB2  sing N N 129 
GLN CB  HB3  sing N N 130 
GLN CG  CD   sing N N 131 
GLN CG  HG2  sing N N 132 
GLN CG  HG3  sing N N 133 
GLN CD  OE1  doub N N 134 
GLN CD  NE2  sing N N 135 
GLN NE2 HE21 sing N N 136 
GLN NE2 HE22 sing N N 137 
GLN OXT HXT  sing N N 138 
GLU N   CA   sing N N 139 
GLU N   H    sing N N 140 
GLU N   H2   sing N N 141 
GLU CA  C    sing N N 142 
GLU CA  CB   sing N N 143 
GLU CA  HA   sing N N 144 
GLU C   O    doub N N 145 
GLU C   OXT  sing N N 146 
GLU CB  CG   sing N N 147 
GLU CB  HB2  sing N N 148 
GLU CB  HB3  sing N N 149 
GLU CG  CD   sing N N 150 
GLU CG  HG2  sing N N 151 
GLU CG  HG3  sing N N 152 
GLU CD  OE1  doub N N 153 
GLU CD  OE2  sing N N 154 
GLU OE2 HE2  sing N N 155 
GLU OXT HXT  sing N N 156 
GLY N   CA   sing N N 157 
GLY N   H    sing N N 158 
GLY N   H2   sing N N 159 
GLY CA  C    sing N N 160 
GLY CA  HA2  sing N N 161 
GLY CA  HA3  sing N N 162 
GLY C   O    doub N N 163 
GLY C   OXT  sing N N 164 
GLY OXT HXT  sing N N 165 
GOL C1  O1   sing N N 166 
GOL C1  C2   sing N N 167 
GOL C1  H11  sing N N 168 
GOL C1  H12  sing N N 169 
GOL O1  HO1  sing N N 170 
GOL C2  O2   sing N N 171 
GOL C2  C3   sing N N 172 
GOL C2  H2   sing N N 173 
GOL O2  HO2  sing N N 174 
GOL C3  O3   sing N N 175 
GOL C3  H31  sing N N 176 
GOL C3  H32  sing N N 177 
GOL O3  HO3  sing N N 178 
HOH O   H1   sing N N 179 
HOH O   H2   sing N N 180 
ILE N   CA   sing N N 181 
ILE N   H    sing N N 182 
ILE N   H2   sing N N 183 
ILE CA  C    sing N N 184 
ILE CA  CB   sing N N 185 
ILE CA  HA   sing N N 186 
ILE C   O    doub N N 187 
ILE C   OXT  sing N N 188 
ILE CB  CG1  sing N N 189 
ILE CB  CG2  sing N N 190 
ILE CB  HB   sing N N 191 
ILE CG1 CD1  sing N N 192 
ILE CG1 HG12 sing N N 193 
ILE CG1 HG13 sing N N 194 
ILE CG2 HG21 sing N N 195 
ILE CG2 HG22 sing N N 196 
ILE CG2 HG23 sing N N 197 
ILE CD1 HD11 sing N N 198 
ILE CD1 HD12 sing N N 199 
ILE CD1 HD13 sing N N 200 
ILE OXT HXT  sing N N 201 
LEU N   CA   sing N N 202 
LEU N   H    sing N N 203 
LEU N   H2   sing N N 204 
LEU CA  C    sing N N 205 
LEU CA  CB   sing N N 206 
LEU CA  HA   sing N N 207 
LEU C   O    doub N N 208 
LEU C   OXT  sing N N 209 
LEU CB  CG   sing N N 210 
LEU CB  HB2  sing N N 211 
LEU CB  HB3  sing N N 212 
LEU CG  CD1  sing N N 213 
LEU CG  CD2  sing N N 214 
LEU CG  HG   sing N N 215 
LEU CD1 HD11 sing N N 216 
LEU CD1 HD12 sing N N 217 
LEU CD1 HD13 sing N N 218 
LEU CD2 HD21 sing N N 219 
LEU CD2 HD22 sing N N 220 
LEU CD2 HD23 sing N N 221 
LEU OXT HXT  sing N N 222 
LYS N   CA   sing N N 223 
LYS N   H    sing N N 224 
LYS N   H2   sing N N 225 
LYS CA  C    sing N N 226 
LYS CA  CB   sing N N 227 
LYS CA  HA   sing N N 228 
LYS C   O    doub N N 229 
LYS C   OXT  sing N N 230 
LYS CB  CG   sing N N 231 
LYS CB  HB2  sing N N 232 
LYS CB  HB3  sing N N 233 
LYS CG  CD   sing N N 234 
LYS CG  HG2  sing N N 235 
LYS CG  HG3  sing N N 236 
LYS CD  CE   sing N N 237 
LYS CD  HD2  sing N N 238 
LYS CD  HD3  sing N N 239 
LYS CE  NZ   sing N N 240 
LYS CE  HE2  sing N N 241 
LYS CE  HE3  sing N N 242 
LYS NZ  HZ1  sing N N 243 
LYS NZ  HZ2  sing N N 244 
LYS NZ  HZ3  sing N N 245 
LYS OXT HXT  sing N N 246 
NH2 N   HN1  sing N N 247 
NH2 N   HN2  sing N N 248 
PHE N   CA   sing N N 249 
PHE N   H    sing N N 250 
PHE N   H2   sing N N 251 
PHE CA  C    sing N N 252 
PHE CA  CB   sing N N 253 
PHE CA  HA   sing N N 254 
PHE C   O    doub N N 255 
PHE C   OXT  sing N N 256 
PHE CB  CG   sing N N 257 
PHE CB  HB2  sing N N 258 
PHE CB  HB3  sing N N 259 
PHE CG  CD1  doub Y N 260 
PHE CG  CD2  sing Y N 261 
PHE CD1 CE1  sing Y N 262 
PHE CD1 HD1  sing N N 263 
PHE CD2 CE2  doub Y N 264 
PHE CD2 HD2  sing N N 265 
PHE CE1 CZ   doub Y N 266 
PHE CE1 HE1  sing N N 267 
PHE CE2 CZ   sing Y N 268 
PHE CE2 HE2  sing N N 269 
PHE CZ  HZ   sing N N 270 
PHE OXT HXT  sing N N 271 
PRO N   CA   sing N N 272 
PRO N   CD   sing N N 273 
PRO N   H    sing N N 274 
PRO CA  C    sing N N 275 
PRO CA  CB   sing N N 276 
PRO CA  HA   sing N N 277 
PRO C   O    doub N N 278 
PRO C   OXT  sing N N 279 
PRO CB  CG   sing N N 280 
PRO CB  HB2  sing N N 281 
PRO CB  HB3  sing N N 282 
PRO CG  CD   sing N N 283 
PRO CG  HG2  sing N N 284 
PRO CG  HG3  sing N N 285 
PRO CD  HD2  sing N N 286 
PRO CD  HD3  sing N N 287 
PRO OXT HXT  sing N N 288 
SER N   CA   sing N N 289 
SER N   H    sing N N 290 
SER N   H2   sing N N 291 
SER CA  C    sing N N 292 
SER CA  CB   sing N N 293 
SER CA  HA   sing N N 294 
SER C   O    doub N N 295 
SER C   OXT  sing N N 296 
SER CB  OG   sing N N 297 
SER CB  HB2  sing N N 298 
SER CB  HB3  sing N N 299 
SER OG  HG   sing N N 300 
SER OXT HXT  sing N N 301 
SO4 S   O1   doub N N 302 
SO4 S   O2   doub N N 303 
SO4 S   O3   sing N N 304 
SO4 S   O4   sing N N 305 
THR N   CA   sing N N 306 
THR N   H    sing N N 307 
THR N   H2   sing N N 308 
THR CA  C    sing N N 309 
THR CA  CB   sing N N 310 
THR CA  HA   sing N N 311 
THR C   O    doub N N 312 
THR C   OXT  sing N N 313 
THR CB  OG1  sing N N 314 
THR CB  CG2  sing N N 315 
THR CB  HB   sing N N 316 
THR OG1 HG1  sing N N 317 
THR CG2 HG21 sing N N 318 
THR CG2 HG22 sing N N 319 
THR CG2 HG23 sing N N 320 
THR OXT HXT  sing N N 321 
TRP N   CA   sing N N 322 
TRP N   H    sing N N 323 
TRP N   H2   sing N N 324 
TRP CA  C    sing N N 325 
TRP CA  CB   sing N N 326 
TRP CA  HA   sing N N 327 
TRP C   O    doub N N 328 
TRP C   OXT  sing N N 329 
TRP CB  CG   sing N N 330 
TRP CB  HB2  sing N N 331 
TRP CB  HB3  sing N N 332 
TRP CG  CD1  doub Y N 333 
TRP CG  CD2  sing Y N 334 
TRP CD1 NE1  sing Y N 335 
TRP CD1 HD1  sing N N 336 
TRP CD2 CE2  doub Y N 337 
TRP CD2 CE3  sing Y N 338 
TRP NE1 CE2  sing Y N 339 
TRP NE1 HE1  sing N N 340 
TRP CE2 CZ2  sing Y N 341 
TRP CE3 CZ3  doub Y N 342 
TRP CE3 HE3  sing N N 343 
TRP CZ2 CH2  doub Y N 344 
TRP CZ2 HZ2  sing N N 345 
TRP CZ3 CH2  sing Y N 346 
TRP CZ3 HZ3  sing N N 347 
TRP CH2 HH2  sing N N 348 
TRP OXT HXT  sing N N 349 
TYR N   CA   sing N N 350 
TYR N   H    sing N N 351 
TYR N   H2   sing N N 352 
TYR CA  C    sing N N 353 
TYR CA  CB   sing N N 354 
TYR CA  HA   sing N N 355 
TYR C   O    doub N N 356 
TYR C   OXT  sing N N 357 
TYR CB  CG   sing N N 358 
TYR CB  HB2  sing N N 359 
TYR CB  HB3  sing N N 360 
TYR CG  CD1  doub Y N 361 
TYR CG  CD2  sing Y N 362 
TYR CD1 CE1  sing Y N 363 
TYR CD1 HD1  sing N N 364 
TYR CD2 CE2  doub Y N 365 
TYR CD2 HD2  sing N N 366 
TYR CE1 CZ   doub Y N 367 
TYR CE1 HE1  sing N N 368 
TYR CE2 CZ   sing Y N 369 
TYR CE2 HE2  sing N N 370 
TYR CZ  OH   sing N N 371 
TYR OH  HH   sing N N 372 
TYR OXT HXT  sing N N 373 
VAL N   CA   sing N N 374 
VAL N   H    sing N N 375 
VAL N   H2   sing N N 376 
VAL CA  C    sing N N 377 
VAL CA  CB   sing N N 378 
VAL CA  HA   sing N N 379 
VAL C   O    doub N N 380 
VAL C   OXT  sing N N 381 
VAL CB  CG1  sing N N 382 
VAL CB  CG2  sing N N 383 
VAL CB  HB   sing N N 384 
VAL CG1 HG11 sing N N 385 
VAL CG1 HG12 sing N N 386 
VAL CG1 HG13 sing N N 387 
VAL CG2 HG21 sing N N 388 
VAL CG2 HG22 sing N N 389 
VAL CG2 HG23 sing N N 390 
VAL OXT HXT  sing N N 391 
# 
_pdbx_audit_support.funding_organization   
'National Institutes of Health/National Institute of General Medical Sciences (NIH/NIGMS)' 
_pdbx_audit_support.country                'United States' 
_pdbx_audit_support.grant_number           1R01GM123234 
_pdbx_audit_support.ordinal                1 
# 
loop_
_pdbx_entity_nonpoly.entity_id 
_pdbx_entity_nonpoly.name 
_pdbx_entity_nonpoly.comp_id 
3 GLYCEROL      GOL 
4 'SULFATE ION' SO4 
5 water         HOH 
# 
_pdbx_initial_refinement_model.id               1 
_pdbx_initial_refinement_model.entity_id_list   ? 
_pdbx_initial_refinement_model.type             'experimental model' 
_pdbx_initial_refinement_model.source_name      PDB 
_pdbx_initial_refinement_model.accession_code   6D07 
_pdbx_initial_refinement_model.details          'PDB entry 6D07' 
# 
_pdbx_struct_assembly_auth_evidence.id                     1 
_pdbx_struct_assembly_auth_evidence.assembly_id            1 
_pdbx_struct_assembly_auth_evidence.experimental_support   'assay for oligomerization' 
_pdbx_struct_assembly_auth_evidence.details                ? 
# 
